data_4IZE
# 
_entry.id   4IZE 
# 
_audit_conform.dict_name       mmcif_pdbx.dic 
_audit_conform.dict_version    5.399 
_audit_conform.dict_location   http://mmcif.pdb.org/dictionaries/ascii/mmcif_pdbx.dic 
# 
loop_
_database_2.database_id 
_database_2.database_code 
_database_2.pdbx_database_accession 
_database_2.pdbx_DOI 
PDB   4IZE         pdb_00004ize 10.2210/pdb4ize/pdb 
RCSB  RCSB077401   ?            ?                   
WWPDB D_1000077401 ?            ?                   
# 
loop_
_pdbx_audit_revision_history.ordinal 
_pdbx_audit_revision_history.data_content_type 
_pdbx_audit_revision_history.major_revision 
_pdbx_audit_revision_history.minor_revision 
_pdbx_audit_revision_history.revision_date 
1 'Structure model' 1 0 2014-06-25 
2 'Structure model' 1 1 2014-07-16 
3 'Structure model' 1 2 2024-11-20 
# 
_pdbx_audit_revision_details.ordinal             1 
_pdbx_audit_revision_details.revision_ordinal    1 
_pdbx_audit_revision_details.data_content_type   'Structure model' 
_pdbx_audit_revision_details.provider            repository 
_pdbx_audit_revision_details.type                'Initial release' 
_pdbx_audit_revision_details.description         ? 
_pdbx_audit_revision_details.details             ? 
# 
loop_
_pdbx_audit_revision_group.ordinal 
_pdbx_audit_revision_group.revision_ordinal 
_pdbx_audit_revision_group.data_content_type 
_pdbx_audit_revision_group.group 
1 2 'Structure model' 'Database references'  
2 3 'Structure model' 'Data collection'      
3 3 'Structure model' 'Database references'  
4 3 'Structure model' 'Derived calculations' 
5 3 'Structure model' 'Structure summary'    
# 
loop_
_pdbx_audit_revision_category.ordinal 
_pdbx_audit_revision_category.revision_ordinal 
_pdbx_audit_revision_category.data_content_type 
_pdbx_audit_revision_category.category 
1 3 'Structure model' chem_comp_atom            
2 3 'Structure model' chem_comp_bond            
3 3 'Structure model' database_2                
4 3 'Structure model' pdbx_entry_details        
5 3 'Structure model' pdbx_modification_feature 
6 3 'Structure model' struct_conn               
# 
loop_
_pdbx_audit_revision_item.ordinal 
_pdbx_audit_revision_item.revision_ordinal 
_pdbx_audit_revision_item.data_content_type 
_pdbx_audit_revision_item.item 
1 3 'Structure model' '_database_2.pdbx_DOI'                
2 3 'Structure model' '_database_2.pdbx_database_accession' 
3 3 'Structure model' '_struct_conn.pdbx_leaving_atom_flag' 
# 
_pdbx_database_status.entry_id                        4IZE 
_pdbx_database_status.status_code                     REL 
_pdbx_database_status.deposit_site                    RCSB 
_pdbx_database_status.process_site                    RCSB 
_pdbx_database_status.recvd_initial_deposition_date   2013-01-29 
_pdbx_database_status.status_code_sf                  REL 
_pdbx_database_status.status_code_mr                  ? 
_pdbx_database_status.SG_entry                        ? 
_pdbx_database_status.status_code_cs                  ? 
_pdbx_database_status.methods_development_category    ? 
_pdbx_database_status.pdb_format_compatible           Y 
_pdbx_database_status.status_code_nmr_data            ? 
# 
loop_
_pdbx_database_related.db_name 
_pdbx_database_related.db_id 
_pdbx_database_related.details 
_pdbx_database_related.content_type 
PDB 1MD6 'murine IL-36Ra' unspecified 
PDB 4IZF .                unspecified 
# 
loop_
_audit_author.name 
_audit_author.pdbx_ordinal 
'Guenther, S.'   1 
'Sundberg, E.J.' 2 
# 
_citation.id                        primary 
_citation.title                     'Molecular Determinants of Agonist and Antagonist Signaling through the IL-36 Receptor.' 
_citation.journal_abbrev            J.Immunol. 
_citation.journal_volume            193 
_citation.page_first                921 
_citation.page_last                 930 
_citation.year                      2014 
_citation.journal_id_ASTM           JOIMA3 
_citation.country                   US 
_citation.journal_id_ISSN           0022-1767 
_citation.journal_id_CSD            0952 
_citation.book_publisher            ? 
_citation.pdbx_database_id_PubMed   24935927 
_citation.pdbx_database_id_DOI      10.4049/jimmunol.1400538 
# 
loop_
_citation_author.citation_id 
_citation_author.name 
_citation_author.ordinal 
_citation_author.identifier_ORCID 
primary 'Gunther, S.'    1 ? 
primary 'Sundberg, E.J.' 2 ? 
# 
loop_
_entity.id 
_entity.type 
_entity.src_method 
_entity.pdbx_description 
_entity.formula_weight 
_entity.pdbx_number_of_molecules 
_entity.pdbx_ec 
_entity.pdbx_mutation 
_entity.pdbx_fragment 
_entity.details 
1 polymer man 'Interleukin-36 gamma' 17121.537 1   ? ? ? ? 
2 water   nat water                  18.015    110 ? ? ? ? 
# 
_entity_name_com.entity_id   1 
_entity_name_com.name        
;IL-1-related protein 2, IL-1RP2, Interleukin-1 epsilon, IL-1 epsilon, Interleukin-1 family member 9, IL-1F9, Interleukin-1 homolog 1, IL-1H1
;
# 
_entity_poly.entity_id                      1 
_entity_poly.type                           'polypeptide(L)' 
_entity_poly.nstd_linkage                   no 
_entity_poly.nstd_monomer                   yes 
_entity_poly.pdbx_seq_one_letter_code       
;SM(CME)KPITGTINDLNQQVWTLQGQNLVAVPRSDSVTPVTVAVITCKYPEALEQGRGDPIYLGIQNPEMCLYCEKVGE
QPTLQLKEQKIMDLYGQPEPVKPFLFYRAKTGRTSTLESVAFPDWFIASSKRDQPIILTSELGKSYNTAFELNIND
;
_entity_poly.pdbx_seq_one_letter_code_can   
;SMCKPITGTINDLNQQVWTLQGQNLVAVPRSDSVTPVTVAVITCKYPEALEQGRGDPIYLGIQNPEMCLYCEKVGEQPTL
QLKEQKIMDLYGQPEPVKPFLFYRAKTGRTSTLESVAFPDWFIASSKRDQPIILTSELGKSYNTAFELNIND
;
_entity_poly.pdbx_strand_id                 A 
_entity_poly.pdbx_target_identifier         ? 
# 
_pdbx_entity_nonpoly.entity_id   2 
_pdbx_entity_nonpoly.name        water 
_pdbx_entity_nonpoly.comp_id     HOH 
# 
loop_
_entity_poly_seq.entity_id 
_entity_poly_seq.num 
_entity_poly_seq.mon_id 
_entity_poly_seq.hetero 
1 1   SER n 
1 2   MET n 
1 3   CME n 
1 4   LYS n 
1 5   PRO n 
1 6   ILE n 
1 7   THR n 
1 8   GLY n 
1 9   THR n 
1 10  ILE n 
1 11  ASN n 
1 12  ASP n 
1 13  LEU n 
1 14  ASN n 
1 15  GLN n 
1 16  GLN n 
1 17  VAL n 
1 18  TRP n 
1 19  THR n 
1 20  LEU n 
1 21  GLN n 
1 22  GLY n 
1 23  GLN n 
1 24  ASN n 
1 25  LEU n 
1 26  VAL n 
1 27  ALA n 
1 28  VAL n 
1 29  PRO n 
1 30  ARG n 
1 31  SER n 
1 32  ASP n 
1 33  SER n 
1 34  VAL n 
1 35  THR n 
1 36  PRO n 
1 37  VAL n 
1 38  THR n 
1 39  VAL n 
1 40  ALA n 
1 41  VAL n 
1 42  ILE n 
1 43  THR n 
1 44  CYS n 
1 45  LYS n 
1 46  TYR n 
1 47  PRO n 
1 48  GLU n 
1 49  ALA n 
1 50  LEU n 
1 51  GLU n 
1 52  GLN n 
1 53  GLY n 
1 54  ARG n 
1 55  GLY n 
1 56  ASP n 
1 57  PRO n 
1 58  ILE n 
1 59  TYR n 
1 60  LEU n 
1 61  GLY n 
1 62  ILE n 
1 63  GLN n 
1 64  ASN n 
1 65  PRO n 
1 66  GLU n 
1 67  MET n 
1 68  CYS n 
1 69  LEU n 
1 70  TYR n 
1 71  CYS n 
1 72  GLU n 
1 73  LYS n 
1 74  VAL n 
1 75  GLY n 
1 76  GLU n 
1 77  GLN n 
1 78  PRO n 
1 79  THR n 
1 80  LEU n 
1 81  GLN n 
1 82  LEU n 
1 83  LYS n 
1 84  GLU n 
1 85  GLN n 
1 86  LYS n 
1 87  ILE n 
1 88  MET n 
1 89  ASP n 
1 90  LEU n 
1 91  TYR n 
1 92  GLY n 
1 93  GLN n 
1 94  PRO n 
1 95  GLU n 
1 96  PRO n 
1 97  VAL n 
1 98  LYS n 
1 99  PRO n 
1 100 PHE n 
1 101 LEU n 
1 102 PHE n 
1 103 TYR n 
1 104 ARG n 
1 105 ALA n 
1 106 LYS n 
1 107 THR n 
1 108 GLY n 
1 109 ARG n 
1 110 THR n 
1 111 SER n 
1 112 THR n 
1 113 LEU n 
1 114 GLU n 
1 115 SER n 
1 116 VAL n 
1 117 ALA n 
1 118 PHE n 
1 119 PRO n 
1 120 ASP n 
1 121 TRP n 
1 122 PHE n 
1 123 ILE n 
1 124 ALA n 
1 125 SER n 
1 126 SER n 
1 127 LYS n 
1 128 ARG n 
1 129 ASP n 
1 130 GLN n 
1 131 PRO n 
1 132 ILE n 
1 133 ILE n 
1 134 LEU n 
1 135 THR n 
1 136 SER n 
1 137 GLU n 
1 138 LEU n 
1 139 GLY n 
1 140 LYS n 
1 141 SER n 
1 142 TYR n 
1 143 ASN n 
1 144 THR n 
1 145 ALA n 
1 146 PHE n 
1 147 GLU n 
1 148 LEU n 
1 149 ASN n 
1 150 ILE n 
1 151 ASN n 
1 152 ASP n 
# 
_entity_src_gen.entity_id                          1 
_entity_src_gen.pdbx_src_id                        1 
_entity_src_gen.pdbx_alt_source_flag               sample 
_entity_src_gen.pdbx_seq_type                      ? 
_entity_src_gen.pdbx_beg_seq_num                   ? 
_entity_src_gen.pdbx_end_seq_num                   ? 
_entity_src_gen.gene_src_common_name               human 
_entity_src_gen.gene_src_genus                     ? 
_entity_src_gen.pdbx_gene_src_gene                 'IL1E, IL1F9, IL1H1, IL1RP2, IL36G, UNQ2456/PRO5737' 
_entity_src_gen.gene_src_species                   ? 
_entity_src_gen.gene_src_strain                    ? 
_entity_src_gen.gene_src_tissue                    ? 
_entity_src_gen.gene_src_tissue_fraction           ? 
_entity_src_gen.gene_src_details                   ? 
_entity_src_gen.pdbx_gene_src_fragment             ? 
_entity_src_gen.pdbx_gene_src_scientific_name      'Homo sapiens' 
_entity_src_gen.pdbx_gene_src_ncbi_taxonomy_id     9606 
_entity_src_gen.pdbx_gene_src_variant              ? 
_entity_src_gen.pdbx_gene_src_cell_line            ? 
_entity_src_gen.pdbx_gene_src_atcc                 ? 
_entity_src_gen.pdbx_gene_src_organ                ? 
_entity_src_gen.pdbx_gene_src_organelle            ? 
_entity_src_gen.pdbx_gene_src_cell                 ? 
_entity_src_gen.pdbx_gene_src_cellular_location    ? 
_entity_src_gen.host_org_common_name               ? 
_entity_src_gen.pdbx_host_org_scientific_name      'Escherichia coli' 
_entity_src_gen.pdbx_host_org_ncbi_taxonomy_id     469008 
_entity_src_gen.host_org_genus                     ? 
_entity_src_gen.pdbx_host_org_gene                 ? 
_entity_src_gen.pdbx_host_org_organ                ? 
_entity_src_gen.host_org_species                   ? 
_entity_src_gen.pdbx_host_org_tissue               ? 
_entity_src_gen.pdbx_host_org_tissue_fraction      ? 
_entity_src_gen.pdbx_host_org_strain               'BL21(DE3)' 
_entity_src_gen.pdbx_host_org_variant              ? 
_entity_src_gen.pdbx_host_org_cell_line            ? 
_entity_src_gen.pdbx_host_org_atcc                 ? 
_entity_src_gen.pdbx_host_org_culture_collection   ? 
_entity_src_gen.pdbx_host_org_cell                 ? 
_entity_src_gen.pdbx_host_org_organelle            ? 
_entity_src_gen.pdbx_host_org_cellular_location    ? 
_entity_src_gen.pdbx_host_org_vector_type          plasmid 
_entity_src_gen.pdbx_host_org_vector               ? 
_entity_src_gen.host_org_details                   ? 
_entity_src_gen.expression_system_id               ? 
_entity_src_gen.plasmid_name                       pET30 
_entity_src_gen.plasmid_details                    ? 
_entity_src_gen.pdbx_description                   ? 
# 
loop_
_chem_comp.id 
_chem_comp.type 
_chem_comp.mon_nstd_flag 
_chem_comp.name 
_chem_comp.pdbx_synonyms 
_chem_comp.formula 
_chem_comp.formula_weight 
ALA 'L-peptide linking' y ALANINE                            ? 'C3 H7 N O2'     89.093  
ARG 'L-peptide linking' y ARGININE                           ? 'C6 H15 N4 O2 1' 175.209 
ASN 'L-peptide linking' y ASPARAGINE                         ? 'C4 H8 N2 O3'    132.118 
ASP 'L-peptide linking' y 'ASPARTIC ACID'                    ? 'C4 H7 N O4'     133.103 
CME 'L-peptide linking' n 'S,S-(2-HYDROXYETHYL)THIOCYSTEINE' ? 'C5 H11 N O3 S2' 197.276 
CYS 'L-peptide linking' y CYSTEINE                           ? 'C3 H7 N O2 S'   121.158 
GLN 'L-peptide linking' y GLUTAMINE                          ? 'C5 H10 N2 O3'   146.144 
GLU 'L-peptide linking' y 'GLUTAMIC ACID'                    ? 'C5 H9 N O4'     147.129 
GLY 'peptide linking'   y GLYCINE                            ? 'C2 H5 N O2'     75.067  
HOH non-polymer         . WATER                              ? 'H2 O'           18.015  
ILE 'L-peptide linking' y ISOLEUCINE                         ? 'C6 H13 N O2'    131.173 
LEU 'L-peptide linking' y LEUCINE                            ? 'C6 H13 N O2'    131.173 
LYS 'L-peptide linking' y LYSINE                             ? 'C6 H15 N2 O2 1' 147.195 
MET 'L-peptide linking' y METHIONINE                         ? 'C5 H11 N O2 S'  149.211 
PHE 'L-peptide linking' y PHENYLALANINE                      ? 'C9 H11 N O2'    165.189 
PRO 'L-peptide linking' y PROLINE                            ? 'C5 H9 N O2'     115.130 
SER 'L-peptide linking' y SERINE                             ? 'C3 H7 N O3'     105.093 
THR 'L-peptide linking' y THREONINE                          ? 'C4 H9 N O3'     119.119 
TRP 'L-peptide linking' y TRYPTOPHAN                         ? 'C11 H12 N2 O2'  204.225 
TYR 'L-peptide linking' y TYROSINE                           ? 'C9 H11 N O3'    181.189 
VAL 'L-peptide linking' y VALINE                             ? 'C5 H11 N O2'    117.146 
# 
loop_
_pdbx_poly_seq_scheme.asym_id 
_pdbx_poly_seq_scheme.entity_id 
_pdbx_poly_seq_scheme.seq_id 
_pdbx_poly_seq_scheme.mon_id 
_pdbx_poly_seq_scheme.ndb_seq_num 
_pdbx_poly_seq_scheme.pdb_seq_num 
_pdbx_poly_seq_scheme.auth_seq_num 
_pdbx_poly_seq_scheme.pdb_mon_id 
_pdbx_poly_seq_scheme.auth_mon_id 
_pdbx_poly_seq_scheme.pdb_strand_id 
_pdbx_poly_seq_scheme.pdb_ins_code 
_pdbx_poly_seq_scheme.hetero 
A 1 1   SER 1   18  18  SER SER A . n 
A 1 2   MET 2   19  19  MET MET A . n 
A 1 3   CME 3   20  20  CME CME A . n 
A 1 4   LYS 4   21  21  LYS LYS A . n 
A 1 5   PRO 5   22  22  PRO PRO A . n 
A 1 6   ILE 6   23  23  ILE ILE A . n 
A 1 7   THR 7   24  24  THR THR A . n 
A 1 8   GLY 8   25  25  GLY GLY A . n 
A 1 9   THR 9   26  26  THR THR A . n 
A 1 10  ILE 10  27  27  ILE ILE A . n 
A 1 11  ASN 11  28  28  ASN ASN A . n 
A 1 12  ASP 12  29  29  ASP ASP A . n 
A 1 13  LEU 13  30  30  LEU LEU A . n 
A 1 14  ASN 14  31  31  ASN ASN A . n 
A 1 15  GLN 15  32  32  GLN GLN A . n 
A 1 16  GLN 16  33  33  GLN GLN A . n 
A 1 17  VAL 17  34  34  VAL VAL A . n 
A 1 18  TRP 18  35  35  TRP TRP A . n 
A 1 19  THR 19  36  36  THR THR A . n 
A 1 20  LEU 20  37  37  LEU LEU A . n 
A 1 21  GLN 21  38  38  GLN GLN A . n 
A 1 22  GLY 22  39  39  GLY GLY A . n 
A 1 23  GLN 23  40  40  GLN GLN A . n 
A 1 24  ASN 24  41  41  ASN ASN A . n 
A 1 25  LEU 25  42  42  LEU LEU A . n 
A 1 26  VAL 26  43  43  VAL VAL A . n 
A 1 27  ALA 27  44  44  ALA ALA A . n 
A 1 28  VAL 28  45  45  VAL VAL A . n 
A 1 29  PRO 29  46  46  PRO PRO A . n 
A 1 30  ARG 30  47  47  ARG ARG A . n 
A 1 31  SER 31  48  48  SER SER A . n 
A 1 32  ASP 32  49  49  ASP ASP A . n 
A 1 33  SER 33  50  50  SER SER A . n 
A 1 34  VAL 34  51  51  VAL VAL A . n 
A 1 35  THR 35  52  52  THR THR A . n 
A 1 36  PRO 36  53  53  PRO PRO A . n 
A 1 37  VAL 37  54  54  VAL VAL A . n 
A 1 38  THR 38  55  55  THR THR A . n 
A 1 39  VAL 39  56  56  VAL VAL A . n 
A 1 40  ALA 40  57  57  ALA ALA A . n 
A 1 41  VAL 41  58  58  VAL VAL A . n 
A 1 42  ILE 42  59  59  ILE ILE A . n 
A 1 43  THR 43  60  60  THR THR A . n 
A 1 44  CYS 44  61  61  CYS CYS A . n 
A 1 45  LYS 45  62  62  LYS LYS A . n 
A 1 46  TYR 46  63  63  TYR TYR A . n 
A 1 47  PRO 47  64  64  PRO PRO A . n 
A 1 48  GLU 48  65  65  GLU GLU A . n 
A 1 49  ALA 49  66  66  ALA ALA A . n 
A 1 50  LEU 50  67  67  LEU LEU A . n 
A 1 51  GLU 51  68  68  GLU GLU A . n 
A 1 52  GLN 52  69  69  GLN GLN A . n 
A 1 53  GLY 53  70  70  GLY GLY A . n 
A 1 54  ARG 54  71  71  ARG ARG A . n 
A 1 55  GLY 55  72  72  GLY GLY A . n 
A 1 56  ASP 56  73  73  ASP ASP A . n 
A 1 57  PRO 57  74  74  PRO PRO A . n 
A 1 58  ILE 58  75  75  ILE ILE A . n 
A 1 59  TYR 59  76  76  TYR TYR A . n 
A 1 60  LEU 60  77  77  LEU LEU A . n 
A 1 61  GLY 61  78  78  GLY GLY A . n 
A 1 62  ILE 62  79  79  ILE ILE A . n 
A 1 63  GLN 63  80  80  GLN GLN A . n 
A 1 64  ASN 64  81  81  ASN ASN A . n 
A 1 65  PRO 65  82  82  PRO PRO A . n 
A 1 66  GLU 66  83  83  GLU GLU A . n 
A 1 67  MET 67  84  84  MET MET A . n 
A 1 68  CYS 68  85  85  CYS CYS A . n 
A 1 69  LEU 69  86  86  LEU LEU A . n 
A 1 70  TYR 70  87  87  TYR TYR A . n 
A 1 71  CYS 71  88  88  CYS CYS A . n 
A 1 72  GLU 72  89  89  GLU GLU A . n 
A 1 73  LYS 73  90  90  LYS LYS A . n 
A 1 74  VAL 74  91  91  VAL VAL A . n 
A 1 75  GLY 75  92  92  GLY GLY A . n 
A 1 76  GLU 76  93  93  GLU GLU A . n 
A 1 77  GLN 77  94  94  GLN GLN A . n 
A 1 78  PRO 78  95  95  PRO PRO A . n 
A 1 79  THR 79  96  96  THR THR A . n 
A 1 80  LEU 80  97  97  LEU LEU A . n 
A 1 81  GLN 81  98  98  GLN GLN A . n 
A 1 82  LEU 82  99  99  LEU LEU A . n 
A 1 83  LYS 83  100 100 LYS LYS A . n 
A 1 84  GLU 84  101 101 GLU GLU A . n 
A 1 85  GLN 85  102 102 GLN GLN A . n 
A 1 86  LYS 86  103 103 LYS LYS A . n 
A 1 87  ILE 87  104 104 ILE ILE A . n 
A 1 88  MET 88  105 105 MET MET A . n 
A 1 89  ASP 89  106 106 ASP ASP A . n 
A 1 90  LEU 90  107 107 LEU LEU A . n 
A 1 91  TYR 91  108 108 TYR TYR A . n 
A 1 92  GLY 92  109 109 GLY GLY A . n 
A 1 93  GLN 93  110 110 GLN GLN A . n 
A 1 94  PRO 94  111 111 PRO PRO A . n 
A 1 95  GLU 95  112 112 GLU GLU A . n 
A 1 96  PRO 96  113 113 PRO PRO A . n 
A 1 97  VAL 97  114 114 VAL VAL A . n 
A 1 98  LYS 98  115 115 LYS LYS A . n 
A 1 99  PRO 99  116 116 PRO PRO A . n 
A 1 100 PHE 100 117 117 PHE PHE A . n 
A 1 101 LEU 101 118 118 LEU LEU A . n 
A 1 102 PHE 102 119 119 PHE PHE A . n 
A 1 103 TYR 103 120 120 TYR TYR A . n 
A 1 104 ARG 104 121 121 ARG ARG A . n 
A 1 105 ALA 105 122 122 ALA ALA A . n 
A 1 106 LYS 106 123 123 LYS LYS A . n 
A 1 107 THR 107 124 124 THR THR A . n 
A 1 108 GLY 108 125 125 GLY GLY A . n 
A 1 109 ARG 109 126 126 ARG ARG A . n 
A 1 110 THR 110 127 127 THR THR A . n 
A 1 111 SER 111 128 128 SER SER A . n 
A 1 112 THR 112 129 129 THR THR A . n 
A 1 113 LEU 113 130 130 LEU LEU A . n 
A 1 114 GLU 114 131 131 GLU GLU A . n 
A 1 115 SER 115 132 132 SER SER A . n 
A 1 116 VAL 116 133 133 VAL VAL A . n 
A 1 117 ALA 117 134 134 ALA ALA A . n 
A 1 118 PHE 118 135 135 PHE PHE A . n 
A 1 119 PRO 119 136 136 PRO PRO A . n 
A 1 120 ASP 120 137 137 ASP ASP A . n 
A 1 121 TRP 121 138 138 TRP TRP A . n 
A 1 122 PHE 122 139 139 PHE PHE A . n 
A 1 123 ILE 123 140 140 ILE ILE A . n 
A 1 124 ALA 124 141 141 ALA ALA A . n 
A 1 125 SER 125 142 142 SER SER A . n 
A 1 126 SER 126 143 143 SER SER A . n 
A 1 127 LYS 127 144 144 LYS LYS A . n 
A 1 128 ARG 128 145 145 ARG ARG A . n 
A 1 129 ASP 129 146 146 ASP ASP A . n 
A 1 130 GLN 130 147 147 GLN GLN A . n 
A 1 131 PRO 131 148 148 PRO PRO A . n 
A 1 132 ILE 132 149 149 ILE ILE A . n 
A 1 133 ILE 133 150 150 ILE ILE A . n 
A 1 134 LEU 134 151 151 LEU LEU A . n 
A 1 135 THR 135 152 152 THR THR A . n 
A 1 136 SER 136 153 153 SER SER A . n 
A 1 137 GLU 137 154 154 GLU GLU A . n 
A 1 138 LEU 138 155 155 LEU LEU A . n 
A 1 139 GLY 139 156 156 GLY GLY A . n 
A 1 140 LYS 140 157 157 LYS LYS A . n 
A 1 141 SER 141 158 158 SER SER A . n 
A 1 142 TYR 142 159 159 TYR TYR A . n 
A 1 143 ASN 143 160 160 ASN ASN A . n 
A 1 144 THR 144 161 161 THR THR A . n 
A 1 145 ALA 145 162 162 ALA ALA A . n 
A 1 146 PHE 146 163 163 PHE PHE A . n 
A 1 147 GLU 147 164 164 GLU GLU A . n 
A 1 148 LEU 148 165 165 LEU LEU A . n 
A 1 149 ASN 149 166 166 ASN ASN A . n 
A 1 150 ILE 150 167 167 ILE ILE A . n 
A 1 151 ASN 151 168 168 ASN ASN A . n 
A 1 152 ASP 152 169 169 ASP ASP A . n 
# 
loop_
_pdbx_nonpoly_scheme.asym_id 
_pdbx_nonpoly_scheme.entity_id 
_pdbx_nonpoly_scheme.mon_id 
_pdbx_nonpoly_scheme.ndb_seq_num 
_pdbx_nonpoly_scheme.pdb_seq_num 
_pdbx_nonpoly_scheme.auth_seq_num 
_pdbx_nonpoly_scheme.pdb_mon_id 
_pdbx_nonpoly_scheme.auth_mon_id 
_pdbx_nonpoly_scheme.pdb_strand_id 
_pdbx_nonpoly_scheme.pdb_ins_code 
B 2 HOH 1   201 1   HOH HOH A . 
B 2 HOH 2   202 2   HOH HOH A . 
B 2 HOH 3   203 3   HOH HOH A . 
B 2 HOH 4   204 4   HOH HOH A . 
B 2 HOH 5   205 5   HOH HOH A . 
B 2 HOH 6   206 6   HOH HOH A . 
B 2 HOH 7   207 7   HOH HOH A . 
B 2 HOH 8   208 8   HOH HOH A . 
B 2 HOH 9   209 9   HOH HOH A . 
B 2 HOH 10  210 10  HOH HOH A . 
B 2 HOH 11  211 11  HOH HOH A . 
B 2 HOH 12  212 12  HOH HOH A . 
B 2 HOH 13  213 13  HOH HOH A . 
B 2 HOH 14  214 14  HOH HOH A . 
B 2 HOH 15  215 15  HOH HOH A . 
B 2 HOH 16  216 16  HOH HOH A . 
B 2 HOH 17  217 17  HOH HOH A . 
B 2 HOH 18  218 18  HOH HOH A . 
B 2 HOH 19  219 19  HOH HOH A . 
B 2 HOH 20  220 20  HOH HOH A . 
B 2 HOH 21  221 21  HOH HOH A . 
B 2 HOH 22  222 22  HOH HOH A . 
B 2 HOH 23  223 23  HOH HOH A . 
B 2 HOH 24  224 24  HOH HOH A . 
B 2 HOH 25  225 25  HOH HOH A . 
B 2 HOH 26  226 26  HOH HOH A . 
B 2 HOH 27  227 27  HOH HOH A . 
B 2 HOH 28  228 28  HOH HOH A . 
B 2 HOH 29  229 29  HOH HOH A . 
B 2 HOH 30  230 30  HOH HOH A . 
B 2 HOH 31  231 31  HOH HOH A . 
B 2 HOH 32  232 32  HOH HOH A . 
B 2 HOH 33  233 33  HOH HOH A . 
B 2 HOH 34  234 34  HOH HOH A . 
B 2 HOH 35  235 35  HOH HOH A . 
B 2 HOH 36  236 36  HOH HOH A . 
B 2 HOH 37  237 37  HOH HOH A . 
B 2 HOH 38  238 38  HOH HOH A . 
B 2 HOH 39  239 39  HOH HOH A . 
B 2 HOH 40  240 40  HOH HOH A . 
B 2 HOH 41  241 41  HOH HOH A . 
B 2 HOH 42  242 42  HOH HOH A . 
B 2 HOH 43  243 43  HOH HOH A . 
B 2 HOH 44  244 44  HOH HOH A . 
B 2 HOH 45  245 45  HOH HOH A . 
B 2 HOH 46  246 46  HOH HOH A . 
B 2 HOH 47  247 47  HOH HOH A . 
B 2 HOH 48  248 48  HOH HOH A . 
B 2 HOH 49  249 49  HOH HOH A . 
B 2 HOH 50  250 50  HOH HOH A . 
B 2 HOH 51  251 51  HOH HOH A . 
B 2 HOH 52  252 52  HOH HOH A . 
B 2 HOH 53  253 53  HOH HOH A . 
B 2 HOH 54  254 54  HOH HOH A . 
B 2 HOH 55  255 55  HOH HOH A . 
B 2 HOH 56  256 56  HOH HOH A . 
B 2 HOH 57  257 57  HOH HOH A . 
B 2 HOH 58  258 58  HOH HOH A . 
B 2 HOH 59  259 59  HOH HOH A . 
B 2 HOH 60  260 60  HOH HOH A . 
B 2 HOH 61  261 61  HOH HOH A . 
B 2 HOH 62  262 62  HOH HOH A . 
B 2 HOH 63  263 63  HOH HOH A . 
B 2 HOH 64  264 64  HOH HOH A . 
B 2 HOH 65  265 65  HOH HOH A . 
B 2 HOH 66  266 66  HOH HOH A . 
B 2 HOH 67  267 67  HOH HOH A . 
B 2 HOH 68  268 68  HOH HOH A . 
B 2 HOH 69  269 69  HOH HOH A . 
B 2 HOH 70  270 70  HOH HOH A . 
B 2 HOH 71  271 71  HOH HOH A . 
B 2 HOH 72  272 72  HOH HOH A . 
B 2 HOH 73  273 73  HOH HOH A . 
B 2 HOH 74  274 74  HOH HOH A . 
B 2 HOH 75  275 75  HOH HOH A . 
B 2 HOH 76  276 76  HOH HOH A . 
B 2 HOH 77  277 77  HOH HOH A . 
B 2 HOH 78  278 78  HOH HOH A . 
B 2 HOH 79  279 79  HOH HOH A . 
B 2 HOH 80  280 80  HOH HOH A . 
B 2 HOH 81  281 81  HOH HOH A . 
B 2 HOH 82  282 82  HOH HOH A . 
B 2 HOH 83  283 83  HOH HOH A . 
B 2 HOH 84  284 84  HOH HOH A . 
B 2 HOH 85  285 85  HOH HOH A . 
B 2 HOH 86  286 86  HOH HOH A . 
B 2 HOH 87  287 87  HOH HOH A . 
B 2 HOH 88  288 88  HOH HOH A . 
B 2 HOH 89  289 89  HOH HOH A . 
B 2 HOH 90  290 90  HOH HOH A . 
B 2 HOH 91  291 91  HOH HOH A . 
B 2 HOH 92  292 92  HOH HOH A . 
B 2 HOH 93  293 93  HOH HOH A . 
B 2 HOH 94  294 94  HOH HOH A . 
B 2 HOH 95  295 95  HOH HOH A . 
B 2 HOH 96  296 96  HOH HOH A . 
B 2 HOH 97  297 97  HOH HOH A . 
B 2 HOH 98  298 98  HOH HOH A . 
B 2 HOH 99  299 99  HOH HOH A . 
B 2 HOH 100 300 100 HOH HOH A . 
B 2 HOH 101 301 101 HOH HOH A . 
B 2 HOH 102 302 102 HOH HOH A . 
B 2 HOH 103 303 103 HOH HOH A . 
B 2 HOH 104 304 104 HOH HOH A . 
B 2 HOH 105 305 105 HOH HOH A . 
B 2 HOH 106 306 106 HOH HOH A . 
B 2 HOH 107 307 107 HOH HOH A . 
B 2 HOH 108 308 108 HOH HOH A . 
B 2 HOH 109 309 109 HOH HOH A . 
B 2 HOH 110 310 110 HOH HOH A . 
# 
loop_
_pdbx_unobs_or_zero_occ_atoms.id 
_pdbx_unobs_or_zero_occ_atoms.PDB_model_num 
_pdbx_unobs_or_zero_occ_atoms.polymer_flag 
_pdbx_unobs_or_zero_occ_atoms.occupancy_flag 
_pdbx_unobs_or_zero_occ_atoms.auth_asym_id 
_pdbx_unobs_or_zero_occ_atoms.auth_comp_id 
_pdbx_unobs_or_zero_occ_atoms.auth_seq_id 
_pdbx_unobs_or_zero_occ_atoms.PDB_ins_code 
_pdbx_unobs_or_zero_occ_atoms.auth_atom_id 
_pdbx_unobs_or_zero_occ_atoms.label_alt_id 
_pdbx_unobs_or_zero_occ_atoms.label_asym_id 
_pdbx_unobs_or_zero_occ_atoms.label_comp_id 
_pdbx_unobs_or_zero_occ_atoms.label_seq_id 
_pdbx_unobs_or_zero_occ_atoms.label_atom_id 
1  1 Y 1 A GLN 40  ? CG  ? A GLN 23  CG  
2  1 Y 1 A GLN 40  ? CD  ? A GLN 23  CD  
3  1 Y 1 A GLN 40  ? OE1 ? A GLN 23  OE1 
4  1 Y 1 A GLN 40  ? NE2 ? A GLN 23  NE2 
5  1 Y 1 A GLU 83  ? CG  ? A GLU 66  CG  
6  1 Y 1 A GLU 83  ? CD  ? A GLU 66  CD  
7  1 Y 1 A GLU 83  ? OE1 ? A GLU 66  OE1 
8  1 Y 1 A GLU 83  ? OE2 ? A GLU 66  OE2 
9  1 Y 1 A ARG 145 ? CG  ? A ARG 128 CG  
10 1 Y 1 A ARG 145 ? CD  ? A ARG 128 CD  
11 1 Y 1 A ARG 145 ? NE  ? A ARG 128 NE  
12 1 Y 1 A ARG 145 ? CZ  ? A ARG 128 CZ  
13 1 Y 1 A ARG 145 ? NH1 ? A ARG 128 NH1 
14 1 Y 1 A ARG 145 ? NH2 ? A ARG 128 NH2 
15 1 Y 1 A LYS 157 ? CG  ? A LYS 140 CG  
16 1 Y 1 A LYS 157 ? CD  ? A LYS 140 CD  
17 1 Y 1 A LYS 157 ? CE  ? A LYS 140 CE  
18 1 Y 1 A LYS 157 ? NZ  ? A LYS 140 NZ  
# 
loop_
_software.pdbx_ordinal 
_software.name 
_software.version 
_software.date 
_software.type 
_software.contact_author 
_software.contact_author_email 
_software.classification 
_software.location 
_software.language 
_software.citation_id 
1 XSCALE      .          ?                package 'Wolfgang Kabsch' ?                           'data scaling'    
http://www.mpimf-heidelberg.mpg.de/~kabsch/xds/html_doc/xscale_program.html ?   ? 
2 PHASER      .          ?                program 'Randy J. Read'   cimr-phaser@lists.cam.ac.uk phasing           
http://www-structmed.cimr.cam.ac.uk/phaser/                                 ?   ? 
3 PHENIX      1.8.1_1168 ?                package 'Paul D. Adams'   PDAdams@lbl.gov             refinement        
http://www.phenix-online.org/                                               C++ ? 
4 PDB_EXTRACT 3.11       'April 22, 2011' package PDB               deposit@deposit.rcsb.org    'data extraction' 
http://sw-tools.pdb.org/apps/PDB_EXTRACT/                                   C++ ? 
# 
_cell.length_a           89.315 
_cell.length_b           89.315 
_cell.length_c           37.879 
_cell.angle_alpha        90.000 
_cell.angle_beta         90.000 
_cell.angle_gamma        90.000 
_cell.entry_id           4IZE 
_cell.pdbx_unique_axis   ? 
_cell.Z_PDB              8 
_cell.length_a_esd       ? 
_cell.length_b_esd       ? 
_cell.length_c_esd       ? 
_cell.angle_alpha_esd    ? 
_cell.angle_beta_esd     ? 
_cell.angle_gamma_esd    ? 
# 
_symmetry.space_group_name_H-M             'P 43 21 2' 
_symmetry.entry_id                         4IZE 
_symmetry.Int_Tables_number                96 
_symmetry.pdbx_full_space_group_name_H-M   ? 
_symmetry.cell_setting                     ? 
_symmetry.space_group_name_Hall            ? 
# 
_exptl.crystals_number   1 
_exptl.entry_id          4IZE 
_exptl.method            'X-RAY DIFFRACTION' 
# 
_exptl_crystal.id                    1 
_exptl_crystal.density_Matthews      2.21 
_exptl_crystal.density_meas          ? 
_exptl_crystal.density_percent_sol   44.24 
_exptl_crystal.description           ? 
_exptl_crystal.F_000                 ? 
_exptl_crystal.preparation           ? 
# 
_exptl_crystal_grow.crystal_id      1 
_exptl_crystal_grow.method          'VAPOR DIFFUSION, HANGING DROP' 
_exptl_crystal_grow.pH              4.5 
_exptl_crystal_grow.temp            298 
_exptl_crystal_grow.pdbx_details    'PEG 5000MME, NaAcetate, pH 4.5, vapor diffusion, hanging drop, temperature 298K' 
_exptl_crystal_grow.temp_details    ? 
_exptl_crystal_grow.pdbx_pH_range   ? 
# 
_diffrn.id                     1 
_diffrn.ambient_temp           100 
_diffrn.ambient_temp_details   ? 
_diffrn.crystal_id             1 
# 
_diffrn_detector.diffrn_id              1 
_diffrn_detector.detector               PIXEL 
_diffrn_detector.type                   'DECTRIS PILATUS 6M' 
_diffrn_detector.pdbx_collection_date   2012-08-01 
_diffrn_detector.details                'Shutterless data collection; Fine phi slicing experiments' 
# 
_diffrn_radiation.diffrn_id                        1 
_diffrn_radiation.pdbx_diffrn_protocol             'SINGLE WAVELENGTH' 
_diffrn_radiation.monochromator                    'Liquid nitrogen-cooled double crystal' 
_diffrn_radiation.wavelength_id                    1 
_diffrn_radiation.pdbx_monochromatic_or_laue_m_l   M 
_diffrn_radiation.pdbx_scattering_type             x-ray 
# 
_diffrn_radiation_wavelength.id           1 
_diffrn_radiation_wavelength.wavelength   0.9795 
_diffrn_radiation_wavelength.wt           1.0 
# 
_diffrn_source.diffrn_id                   1 
_diffrn_source.source                      SYNCHROTRON 
_diffrn_source.type                        'SSRL BEAMLINE BL12-2' 
_diffrn_source.pdbx_wavelength_list        0.9795 
_diffrn_source.pdbx_wavelength             ? 
_diffrn_source.pdbx_synchrotron_site       SSRL 
_diffrn_source.pdbx_synchrotron_beamline   BL12-2 
# 
_reflns.entry_id                     4IZE 
_reflns.d_resolution_high            2.000 
_reflns.number_obs                   10682 
_reflns.pdbx_Rmerge_I_obs            0.097 
_reflns.pdbx_netI_over_sigmaI        26.490 
_reflns.percent_possible_obs         98.800 
_reflns.B_iso_Wilson_estimate        29.223 
_reflns.observed_criterion_sigma_I   -3.000 
_reflns.observed_criterion_sigma_F   ? 
_reflns.d_resolution_low             40 
_reflns.number_all                   10812 
_reflns.pdbx_Rsym_value              ? 
_reflns.pdbx_redundancy              ? 
_reflns.R_free_details               ? 
_reflns.limit_h_max                  ? 
_reflns.limit_h_min                  ? 
_reflns.limit_k_max                  ? 
_reflns.limit_k_min                  ? 
_reflns.limit_l_max                  ? 
_reflns.limit_l_min                  ? 
_reflns.observed_criterion_F_max     ? 
_reflns.observed_criterion_F_min     ? 
_reflns.pdbx_chi_squared             ? 
_reflns.pdbx_scaling_rejects         ? 
_reflns.pdbx_ordinal                 1 
_reflns.pdbx_diffrn_id               1 
# 
loop_
_reflns_shell.d_res_high 
_reflns_shell.d_res_low 
_reflns_shell.number_measured_obs 
_reflns_shell.number_measured_all 
_reflns_shell.number_unique_obs 
_reflns_shell.Rmerge_I_obs 
_reflns_shell.meanI_over_sigI_obs 
_reflns_shell.pdbx_Rsym_value 
_reflns_shell.pdbx_chi_squared 
_reflns_shell.pdbx_redundancy 
_reflns_shell.percent_possible_obs 
_reflns_shell.number_unique_all 
_reflns_shell.percent_possible_all 
_reflns_shell.pdbx_ordinal 
_reflns_shell.pdbx_diffrn_id 
2.000 2.050 8071 ? 740 0.666 5.270  ? ? ? ? ? 95.900  1  1 
2.050 2.110 8942 ? 750 0.519 7.750  ? ? ? ? ? 98.000  2  1 
2.110 2.170 8378 ? 723 0.462 8.980  ? ? ? ? ? 99.600  3  1 
2.170 2.240 9038 ? 717 0.410 10.960 ? ? ? ? ? 97.600  4  1 
2.240 2.310 9176 ? 685 0.306 13.600 ? ? ? ? ? 99.900  5  1 
2.310 2.390 9002 ? 684 0.281 14.580 ? ? ? ? ? 99.000  6  1 
2.390 2.480 8584 ? 656 0.261 15.640 ? ? ? ? ? 100.000 7  1 
2.480 2.580 8174 ? 620 0.188 19.500 ? ? ? ? ? 99.400  8  1 
2.580 2.700 7803 ? 619 0.154 22.250 ? ? ? ? ? 100.000 9  1 
2.700 2.830 6625 ? 557 0.139 23.280 ? ? ? ? ? 97.000  10 1 
2.830 2.980 7483 ? 559 0.092 31.430 ? ? ? ? ? 99.500  11 1 
2.980 3.160 7077 ? 533 0.075 35.780 ? ? ? ? ? 99.800  12 1 
3.160 3.380 6571 ? 497 0.063 41.530 ? ? ? ? ? 100.000 13 1 
3.380 3.650 5817 ? 462 0.050 48.490 ? ? ? ? ? 100.000 14 1 
3.650 4.000 5084 ? 442 0.045 52.630 ? ? ? ? ? 100.000 15 1 
4.000 4.470 4513 ? 381 0.036 59.510 ? ? ? ? ? 96.200  16 1 
4.470 5.170 4297 ? 353 0.034 62.970 ? ? ? ? ? 99.700  17 1 
5.170 6.330 3643 ? 316 0.035 59.860 ? ? ? ? ? 100.000 18 1 
6.330 8.950 2481 ? 235 0.033 58.570 ? ? ? ? ? 95.500  19 1 
8.950 40    1538 ? 150 0.028 65.780 ? ? ? ? ? 97.400  20 1 
# 
_refine.entry_id                                 4IZE 
_refine.ls_d_res_high                            2.00 
_refine.ls_d_res_low                             34.8720 
_refine.pdbx_ls_sigma_F                          1.340 
_refine.pdbx_data_cutoff_high_absF               ? 
_refine.pdbx_data_cutoff_low_absF                ? 
_refine.ls_percent_reflns_obs                    98.8300 
_refine.ls_number_reflns_obs                     10679 
_refine.ls_number_reflns_all                     ? 
_refine.pdbx_ls_cross_valid_method               ? 
_refine.pdbx_R_Free_selection_details            ? 
_refine.details                                  ? 
_refine.ls_R_factor_all                          ? 
_refine.ls_R_factor_obs                          0.1802 
_refine.ls_R_factor_R_work                       0.1780 
_refine.ls_wR_factor_R_work                      ? 
_refine.ls_R_factor_R_free                       0.2247 
_refine.ls_wR_factor_R_free                      ? 
_refine.ls_percent_reflns_R_free                 4.8800 
_refine.ls_number_reflns_R_free                  521 
_refine.ls_R_factor_R_free_error                 ? 
_refine.B_iso_mean                               19.4075 
_refine.solvent_model_param_bsol                 ? 
_refine.solvent_model_param_ksol                 ? 
_refine.pdbx_isotropic_thermal_model             ? 
_refine.aniso_B[1][1]                            ? 
_refine.aniso_B[2][2]                            ? 
_refine.aniso_B[3][3]                            ? 
_refine.aniso_B[1][2]                            ? 
_refine.aniso_B[1][3]                            ? 
_refine.aniso_B[2][3]                            ? 
_refine.correlation_coeff_Fo_to_Fc               ? 
_refine.correlation_coeff_Fo_to_Fc_free          ? 
_refine.overall_SU_R_Cruickshank_DPI             ? 
_refine.overall_SU_R_free                        ? 
_refine.pdbx_overall_ESU_R                       ? 
_refine.pdbx_overall_ESU_R_Free                  ? 
_refine.overall_SU_ML                            0.2100 
_refine.overall_SU_B                             ? 
_refine.solvent_model_details                    'FLAT BULK SOLVENT MODEL' 
_refine.pdbx_solvent_vdw_probe_radii             1.1100 
_refine.pdbx_solvent_ion_probe_radii             ? 
_refine.pdbx_solvent_shrinkage_radii             0.9000 
_refine.ls_number_parameters                     ? 
_refine.ls_number_restraints                     ? 
_refine.pdbx_starting_model                      ? 
_refine.pdbx_method_to_determine_struct          'MOLECULAR REPLACEMENT' 
_refine.pdbx_stereochemistry_target_values       ML 
_refine.pdbx_stereochem_target_val_spec_case     ? 
_refine.overall_FOM_work_R_set                   ? 
_refine.B_iso_max                                56.030 
_refine.B_iso_min                                4.250 
_refine.pdbx_overall_phase_error                 21.5800 
_refine.occupancy_max                            1.000 
_refine.occupancy_min                            1.000 
_refine.pdbx_ls_sigma_I                          ? 
_refine.ls_redundancy_reflns_obs                 ? 
_refine.ls_R_factor_R_free_error_details         ? 
_refine.pdbx_data_cutoff_high_rms_absF           ? 
_refine.overall_FOM_free_R_set                   ? 
_refine.pdbx_diffrn_id                           1 
_refine.pdbx_refine_id                           'X-RAY DIFFRACTION' 
_refine.pdbx_TLS_residual_ADP_flag               ? 
_refine.pdbx_overall_SU_R_free_Cruickshank_DPI   ? 
_refine.pdbx_overall_SU_R_Blow_DPI               ? 
_refine.pdbx_overall_SU_R_free_Blow_DPI          ? 
# 
_refine_hist.pdbx_refine_id                   'X-RAY DIFFRACTION' 
_refine_hist.cycle_id                         LAST 
_refine_hist.pdbx_number_atoms_protein        1181 
_refine_hist.pdbx_number_atoms_nucleic_acid   0 
_refine_hist.pdbx_number_atoms_ligand         0 
_refine_hist.number_atoms_solvent             110 
_refine_hist.number_atoms_total               1291 
_refine_hist.d_res_high                       2.00 
_refine_hist.d_res_low                        34.8720 
# 
loop_
_refine_ls_restr.type 
_refine_ls_restr.number 
_refine_ls_restr.dev_ideal 
_refine_ls_restr.dev_ideal_target 
_refine_ls_restr.weight 
_refine_ls_restr.pdbx_restraint_function 
_refine_ls_restr.pdbx_refine_id 
f_bond_d           1207 0.007  ? ? ? 'X-RAY DIFFRACTION' 
f_angle_d          1645 1.177  ? ? ? 'X-RAY DIFFRACTION' 
f_chiral_restr     189  0.076  ? ? ? 'X-RAY DIFFRACTION' 
f_plane_restr      213  0.006  ? ? ? 'X-RAY DIFFRACTION' 
f_dihedral_angle_d 449  12.238 ? ? ? 'X-RAY DIFFRACTION' 
# 
loop_
_refine_ls_shell.d_res_high 
_refine_ls_shell.d_res_low 
_refine_ls_shell.pdbx_total_number_of_bins_used 
_refine_ls_shell.percent_reflns_obs 
_refine_ls_shell.number_reflns_R_work 
_refine_ls_shell.R_factor_all 
_refine_ls_shell.R_factor_R_work 
_refine_ls_shell.R_factor_R_free 
_refine_ls_shell.percent_reflns_R_free 
_refine_ls_shell.number_reflns_R_free 
_refine_ls_shell.R_factor_R_free_error 
_refine_ls_shell.number_reflns_all 
_refine_ls_shell.number_reflns_obs 
_refine_ls_shell.redundancy_reflns_obs 
_refine_ls_shell.pdbx_refine_id 
2.00   2.2025  4 98.0000 2449 . 0.2103 0.2641 . 123 . 2572 . . 'X-RAY DIFFRACTION' 
2.2025 2.5211  4 99.0000 2493 . 0.1968 0.2717 . 144 . 2637 . . 'X-RAY DIFFRACTION' 
2.5211 3.1760  4 99.0000 2545 . 0.1873 0.2409 . 117 . 2662 . . 'X-RAY DIFFRACTION' 
3.1760 34.8777 4 99.0000 2674 . 0.1584 0.1849 . 137 . 2811 . . 'X-RAY DIFFRACTION' 
# 
_struct.entry_id                  4IZE 
_struct.title                     'Crystal Structure of IL-36gamma' 
_struct.pdbx_model_details        ? 
_struct.pdbx_CASP_flag            ? 
_struct.pdbx_model_type_details   ? 
# 
_struct_keywords.entry_id        4IZE 
_struct_keywords.text            'beta trefoil, innate immune signaling, SIGNALING PROTEIN' 
_struct_keywords.pdbx_keywords   'SIGNALING PROTEIN' 
# 
loop_
_struct_asym.id 
_struct_asym.pdbx_blank_PDB_chainid_flag 
_struct_asym.pdbx_modified 
_struct_asym.entity_id 
_struct_asym.details 
A N N 1 ? 
B N N 2 ? 
# 
_struct_ref.id                         1 
_struct_ref.db_name                    UNP 
_struct_ref.db_code                    IL36G_HUMAN 
_struct_ref.pdbx_db_accession          Q9NZH8 
_struct_ref.entity_id                  1 
_struct_ref.pdbx_seq_one_letter_code   
;SMCKPITGTINDLNQQVWTLQGQNLVAVPRSDSVTPVTVAVITCKYPEALEQGRGDPIYLGIQNPEMCLYCEKVGEQPTL
QLKEQKIMDLYGQPEPVKPFLFYRAKTGRTSTLESVAFPDWFIASSKRDQPIILTSELGKSYNTAFELNIND
;
_struct_ref.pdbx_align_begin           18 
_struct_ref.pdbx_db_isoform            ? 
# 
_struct_ref_seq.align_id                      1 
_struct_ref_seq.ref_id                        1 
_struct_ref_seq.pdbx_PDB_id_code              4IZE 
_struct_ref_seq.pdbx_strand_id                A 
_struct_ref_seq.seq_align_beg                 1 
_struct_ref_seq.pdbx_seq_align_beg_ins_code   ? 
_struct_ref_seq.seq_align_end                 152 
_struct_ref_seq.pdbx_seq_align_end_ins_code   ? 
_struct_ref_seq.pdbx_db_accession             Q9NZH8 
_struct_ref_seq.db_align_beg                  18 
_struct_ref_seq.pdbx_db_align_beg_ins_code    ? 
_struct_ref_seq.db_align_end                  169 
_struct_ref_seq.pdbx_db_align_end_ins_code    ? 
_struct_ref_seq.pdbx_auth_seq_align_beg       18 
_struct_ref_seq.pdbx_auth_seq_align_end       169 
# 
_pdbx_struct_assembly.id                   1 
_pdbx_struct_assembly.details              author_and_software_defined_assembly 
_pdbx_struct_assembly.method_details       PISA 
_pdbx_struct_assembly.oligomeric_details   monomeric 
_pdbx_struct_assembly.oligomeric_count     1 
# 
_pdbx_struct_assembly_gen.assembly_id       1 
_pdbx_struct_assembly_gen.oper_expression   1 
_pdbx_struct_assembly_gen.asym_id_list      A,B 
# 
_pdbx_struct_oper_list.id                   1 
_pdbx_struct_oper_list.type                 'identity operation' 
_pdbx_struct_oper_list.name                 1_555 
_pdbx_struct_oper_list.symmetry_operation   x,y,z 
_pdbx_struct_oper_list.matrix[1][1]         1.0000000000 
_pdbx_struct_oper_list.matrix[1][2]         0.0000000000 
_pdbx_struct_oper_list.matrix[1][3]         0.0000000000 
_pdbx_struct_oper_list.vector[1]            0.0000000000 
_pdbx_struct_oper_list.matrix[2][1]         0.0000000000 
_pdbx_struct_oper_list.matrix[2][2]         1.0000000000 
_pdbx_struct_oper_list.matrix[2][3]         0.0000000000 
_pdbx_struct_oper_list.vector[2]            0.0000000000 
_pdbx_struct_oper_list.matrix[3][1]         0.0000000000 
_pdbx_struct_oper_list.matrix[3][2]         0.0000000000 
_pdbx_struct_oper_list.matrix[3][3]         1.0000000000 
_pdbx_struct_oper_list.vector[3]            0.0000000000 
# 
_struct_biol.id        1 
_struct_biol.details   ? 
# 
loop_
_struct_conf.conf_type_id 
_struct_conf.id 
_struct_conf.pdbx_PDB_helix_id 
_struct_conf.beg_label_comp_id 
_struct_conf.beg_label_asym_id 
_struct_conf.beg_label_seq_id 
_struct_conf.pdbx_beg_PDB_ins_code 
_struct_conf.end_label_comp_id 
_struct_conf.end_label_asym_id 
_struct_conf.end_label_seq_id 
_struct_conf.pdbx_end_PDB_ins_code 
_struct_conf.beg_auth_comp_id 
_struct_conf.beg_auth_asym_id 
_struct_conf.beg_auth_seq_id 
_struct_conf.end_auth_comp_id 
_struct_conf.end_auth_asym_id 
_struct_conf.end_auth_seq_id 
_struct_conf.pdbx_PDB_helix_class 
_struct_conf.details 
_struct_conf.pdbx_PDB_helix_length 
HELX_P HELX_P1 1 SER A 31 ? SER A 33 ? SER A 48  SER A 50  5 ? 3 
HELX_P HELX_P2 2 TYR A 46 ? LEU A 50 ? TYR A 63  LEU A 67  5 ? 5 
HELX_P HELX_P3 3 LYS A 86 ? GLN A 93 ? LYS A 103 GLN A 110 1 ? 8 
HELX_P HELX_P4 4 VAL A 97 ? PRO A 99 ? VAL A 114 PRO A 116 5 ? 3 
# 
_struct_conf_type.id          HELX_P 
_struct_conf_type.criteria    ? 
_struct_conf_type.reference   ? 
# 
loop_
_struct_conn.id 
_struct_conn.conn_type_id 
_struct_conn.pdbx_leaving_atom_flag 
_struct_conn.pdbx_PDB_id 
_struct_conn.ptnr1_label_asym_id 
_struct_conn.ptnr1_label_comp_id 
_struct_conn.ptnr1_label_seq_id 
_struct_conn.ptnr1_label_atom_id 
_struct_conn.pdbx_ptnr1_label_alt_id 
_struct_conn.pdbx_ptnr1_PDB_ins_code 
_struct_conn.pdbx_ptnr1_standard_comp_id 
_struct_conn.ptnr1_symmetry 
_struct_conn.ptnr2_label_asym_id 
_struct_conn.ptnr2_label_comp_id 
_struct_conn.ptnr2_label_seq_id 
_struct_conn.ptnr2_label_atom_id 
_struct_conn.pdbx_ptnr2_label_alt_id 
_struct_conn.pdbx_ptnr2_PDB_ins_code 
_struct_conn.ptnr1_auth_asym_id 
_struct_conn.ptnr1_auth_comp_id 
_struct_conn.ptnr1_auth_seq_id 
_struct_conn.ptnr2_auth_asym_id 
_struct_conn.ptnr2_auth_comp_id 
_struct_conn.ptnr2_auth_seq_id 
_struct_conn.ptnr2_symmetry 
_struct_conn.pdbx_ptnr3_label_atom_id 
_struct_conn.pdbx_ptnr3_label_seq_id 
_struct_conn.pdbx_ptnr3_label_comp_id 
_struct_conn.pdbx_ptnr3_label_asym_id 
_struct_conn.pdbx_ptnr3_label_alt_id 
_struct_conn.pdbx_ptnr3_PDB_ins_code 
_struct_conn.details 
_struct_conn.pdbx_dist_value 
_struct_conn.pdbx_value_order 
_struct_conn.pdbx_role 
covale1 covale both ? A MET 2 C ? ? ? 1_555 A CME 3 N ? ? A MET 19 A CME 20 1_555 ? ? ? ? ? ? ? 1.328 ? ? 
covale2 covale both ? A CME 3 C ? ? ? 1_555 A LYS 4 N ? ? A CME 20 A LYS 21 1_555 ? ? ? ? ? ? ? 1.326 ? ? 
# 
_struct_conn_type.id          covale 
_struct_conn_type.criteria    ? 
_struct_conn_type.reference   ? 
# 
_pdbx_modification_feature.ordinal                            1 
_pdbx_modification_feature.label_comp_id                      CME 
_pdbx_modification_feature.label_asym_id                      A 
_pdbx_modification_feature.label_seq_id                       3 
_pdbx_modification_feature.label_alt_id                       ? 
_pdbx_modification_feature.modified_residue_label_comp_id     . 
_pdbx_modification_feature.modified_residue_label_asym_id     . 
_pdbx_modification_feature.modified_residue_label_seq_id      . 
_pdbx_modification_feature.modified_residue_label_alt_id      . 
_pdbx_modification_feature.auth_comp_id                       CME 
_pdbx_modification_feature.auth_asym_id                       A 
_pdbx_modification_feature.auth_seq_id                        20 
_pdbx_modification_feature.PDB_ins_code                       ? 
_pdbx_modification_feature.symmetry                           1_555 
_pdbx_modification_feature.modified_residue_auth_comp_id      . 
_pdbx_modification_feature.modified_residue_auth_asym_id      . 
_pdbx_modification_feature.modified_residue_auth_seq_id       . 
_pdbx_modification_feature.modified_residue_PDB_ins_code      . 
_pdbx_modification_feature.modified_residue_symmetry          . 
_pdbx_modification_feature.comp_id_linking_atom               . 
_pdbx_modification_feature.modified_residue_id_linking_atom   . 
_pdbx_modification_feature.modified_residue_id                CYS 
_pdbx_modification_feature.ref_pcm_id                         1 
_pdbx_modification_feature.ref_comp_id                        CME 
_pdbx_modification_feature.type                               Beta-mercaptoethanol 
_pdbx_modification_feature.category                           'Named protein modification' 
# 
_struct_mon_prot_cis.pdbx_id                1 
_struct_mon_prot_cis.label_comp_id          ASN 
_struct_mon_prot_cis.label_seq_id           64 
_struct_mon_prot_cis.label_asym_id          A 
_struct_mon_prot_cis.label_alt_id           . 
_struct_mon_prot_cis.pdbx_PDB_ins_code      ? 
_struct_mon_prot_cis.auth_comp_id           ASN 
_struct_mon_prot_cis.auth_seq_id            81 
_struct_mon_prot_cis.auth_asym_id           A 
_struct_mon_prot_cis.pdbx_label_comp_id_2   PRO 
_struct_mon_prot_cis.pdbx_label_seq_id_2    65 
_struct_mon_prot_cis.pdbx_label_asym_id_2   A 
_struct_mon_prot_cis.pdbx_PDB_ins_code_2    ? 
_struct_mon_prot_cis.pdbx_auth_comp_id_2    PRO 
_struct_mon_prot_cis.pdbx_auth_seq_id_2     82 
_struct_mon_prot_cis.pdbx_auth_asym_id_2    A 
_struct_mon_prot_cis.pdbx_PDB_model_num     1 
_struct_mon_prot_cis.pdbx_omega_angle       3.74 
# 
loop_
_struct_sheet.id 
_struct_sheet.type 
_struct_sheet.number_strands 
_struct_sheet.details 
A ? 9 ? 
B ? 2 ? 
C ? 2 ? 
# 
loop_
_struct_sheet_order.sheet_id 
_struct_sheet_order.range_id_1 
_struct_sheet_order.range_id_2 
_struct_sheet_order.offset 
_struct_sheet_order.sense 
A 1 2 ? anti-parallel 
A 2 3 ? anti-parallel 
A 3 4 ? anti-parallel 
A 4 5 ? anti-parallel 
A 5 6 ? anti-parallel 
A 6 7 ? anti-parallel 
A 7 8 ? anti-parallel 
A 8 9 ? anti-parallel 
B 1 2 ? anti-parallel 
C 1 2 ? anti-parallel 
# 
loop_
_struct_sheet_range.sheet_id 
_struct_sheet_range.id 
_struct_sheet_range.beg_label_comp_id 
_struct_sheet_range.beg_label_asym_id 
_struct_sheet_range.beg_label_seq_id 
_struct_sheet_range.pdbx_beg_PDB_ins_code 
_struct_sheet_range.end_label_comp_id 
_struct_sheet_range.end_label_asym_id 
_struct_sheet_range.end_label_seq_id 
_struct_sheet_range.pdbx_end_PDB_ins_code 
_struct_sheet_range.beg_auth_comp_id 
_struct_sheet_range.beg_auth_asym_id 
_struct_sheet_range.beg_auth_seq_id 
_struct_sheet_range.end_auth_comp_id 
_struct_sheet_range.end_auth_asym_id 
_struct_sheet_range.end_auth_seq_id 
A 1 THR A 79  ? GLU A 84  ? THR A 96  GLU A 101 
A 2 MET A 67  ? GLU A 72  ? MET A 84  GLU A 89  
A 3 ASP A 56  ? GLN A 63  ? ASP A 73  GLN A 80  
A 4 LEU A 101 ? THR A 107 ? LEU A 118 THR A 124 
A 5 THR A 110 ? SER A 115 ? THR A 127 SER A 132 
A 6 PHE A 146 ? ILE A 150 ? PHE A 163 ILE A 167 
A 7 ILE A 6   ? ASP A 12  ? ILE A 23  ASP A 29  
A 8 THR A 38  ? THR A 43  ? THR A 55  THR A 60  
A 9 ASP A 56  ? GLN A 63  ? ASP A 73  GLN A 80  
B 1 GLN A 16  ? GLN A 21  ? GLN A 33  GLN A 38  
B 2 ASN A 24  ? PRO A 29  ? ASN A 41  PRO A 46  
C 1 PHE A 122 ? ALA A 124 ? PHE A 139 ALA A 141 
C 2 ILE A 133 ? THR A 135 ? ILE A 150 THR A 152 
# 
loop_
_pdbx_struct_sheet_hbond.sheet_id 
_pdbx_struct_sheet_hbond.range_id_1 
_pdbx_struct_sheet_hbond.range_id_2 
_pdbx_struct_sheet_hbond.range_1_label_atom_id 
_pdbx_struct_sheet_hbond.range_1_label_comp_id 
_pdbx_struct_sheet_hbond.range_1_label_asym_id 
_pdbx_struct_sheet_hbond.range_1_label_seq_id 
_pdbx_struct_sheet_hbond.range_1_PDB_ins_code 
_pdbx_struct_sheet_hbond.range_1_auth_atom_id 
_pdbx_struct_sheet_hbond.range_1_auth_comp_id 
_pdbx_struct_sheet_hbond.range_1_auth_asym_id 
_pdbx_struct_sheet_hbond.range_1_auth_seq_id 
_pdbx_struct_sheet_hbond.range_2_label_atom_id 
_pdbx_struct_sheet_hbond.range_2_label_comp_id 
_pdbx_struct_sheet_hbond.range_2_label_asym_id 
_pdbx_struct_sheet_hbond.range_2_label_seq_id 
_pdbx_struct_sheet_hbond.range_2_PDB_ins_code 
_pdbx_struct_sheet_hbond.range_2_auth_atom_id 
_pdbx_struct_sheet_hbond.range_2_auth_comp_id 
_pdbx_struct_sheet_hbond.range_2_auth_asym_id 
_pdbx_struct_sheet_hbond.range_2_auth_seq_id 
A 1 2 O GLN A 81  ? O GLN A 98  N TYR A 70  ? N TYR A 87  
A 2 3 O LEU A 69  ? O LEU A 86  N LEU A 60  ? N LEU A 77  
A 3 4 N ILE A 58  ? N ILE A 75  O PHE A 102 ? O PHE A 119 
A 4 5 N TYR A 103 ? N TYR A 120 O GLU A 114 ? O GLU A 131 
A 5 6 N SER A 111 ? N SER A 128 O PHE A 146 ? O PHE A 163 
A 6 7 O GLU A 147 ? O GLU A 164 N ASN A 11  ? N ASN A 28  
A 7 8 N GLY A 8   ? N GLY A 25  O VAL A 39  ? O VAL A 56  
A 8 9 N ILE A 42  ? N ILE A 59  O TYR A 59  ? O TYR A 76  
B 1 2 N VAL A 17  ? N VAL A 34  O VAL A 28  ? O VAL A 45  
C 1 2 N PHE A 122 ? N PHE A 139 O THR A 135 ? O THR A 152 
# 
_pdbx_entry_details.entry_id                   4IZE 
_pdbx_entry_details.compound_details           ? 
_pdbx_entry_details.source_details             ? 
_pdbx_entry_details.nonpolymer_details         ? 
_pdbx_entry_details.sequence_details           ? 
_pdbx_entry_details.has_ligand_of_interest     ? 
_pdbx_entry_details.has_protein_modification   Y 
# 
loop_
_pdbx_validate_torsion.id 
_pdbx_validate_torsion.PDB_model_num 
_pdbx_validate_torsion.auth_comp_id 
_pdbx_validate_torsion.auth_asym_id 
_pdbx_validate_torsion.auth_seq_id 
_pdbx_validate_torsion.PDB_ins_code 
_pdbx_validate_torsion.label_alt_id 
_pdbx_validate_torsion.phi 
_pdbx_validate_torsion.psi 
1 1 SER A 143 ? ? -140.23 -116.52 
2 1 LYS A 157 ? ? -80.18  -118.56 
# 
_pdbx_struct_mod_residue.id               1 
_pdbx_struct_mod_residue.label_asym_id    A 
_pdbx_struct_mod_residue.label_comp_id    CME 
_pdbx_struct_mod_residue.label_seq_id     3 
_pdbx_struct_mod_residue.auth_asym_id     A 
_pdbx_struct_mod_residue.auth_comp_id     CME 
_pdbx_struct_mod_residue.auth_seq_id      20 
_pdbx_struct_mod_residue.PDB_ins_code     ? 
_pdbx_struct_mod_residue.parent_comp_id   CYS 
_pdbx_struct_mod_residue.details          'S,S-(2-HYDROXYETHYL)THIOCYSTEINE' 
# 
_phasing.method   MR 
# 
loop_
_chem_comp_atom.comp_id 
_chem_comp_atom.atom_id 
_chem_comp_atom.type_symbol 
_chem_comp_atom.pdbx_aromatic_flag 
_chem_comp_atom.pdbx_stereo_config 
_chem_comp_atom.pdbx_ordinal 
ALA N    N N N 1   
ALA CA   C N S 2   
ALA C    C N N 3   
ALA O    O N N 4   
ALA CB   C N N 5   
ALA OXT  O N N 6   
ALA H    H N N 7   
ALA H2   H N N 8   
ALA HA   H N N 9   
ALA HB1  H N N 10  
ALA HB2  H N N 11  
ALA HB3  H N N 12  
ALA HXT  H N N 13  
ARG N    N N N 14  
ARG CA   C N S 15  
ARG C    C N N 16  
ARG O    O N N 17  
ARG CB   C N N 18  
ARG CG   C N N 19  
ARG CD   C N N 20  
ARG NE   N N N 21  
ARG CZ   C N N 22  
ARG NH1  N N N 23  
ARG NH2  N N N 24  
ARG OXT  O N N 25  
ARG H    H N N 26  
ARG H2   H N N 27  
ARG HA   H N N 28  
ARG HB2  H N N 29  
ARG HB3  H N N 30  
ARG HG2  H N N 31  
ARG HG3  H N N 32  
ARG HD2  H N N 33  
ARG HD3  H N N 34  
ARG HE   H N N 35  
ARG HH11 H N N 36  
ARG HH12 H N N 37  
ARG HH21 H N N 38  
ARG HH22 H N N 39  
ARG HXT  H N N 40  
ASN N    N N N 41  
ASN CA   C N S 42  
ASN C    C N N 43  
ASN O    O N N 44  
ASN CB   C N N 45  
ASN CG   C N N 46  
ASN OD1  O N N 47  
ASN ND2  N N N 48  
ASN OXT  O N N 49  
ASN H    H N N 50  
ASN H2   H N N 51  
ASN HA   H N N 52  
ASN HB2  H N N 53  
ASN HB3  H N N 54  
ASN HD21 H N N 55  
ASN HD22 H N N 56  
ASN HXT  H N N 57  
ASP N    N N N 58  
ASP CA   C N S 59  
ASP C    C N N 60  
ASP O    O N N 61  
ASP CB   C N N 62  
ASP CG   C N N 63  
ASP OD1  O N N 64  
ASP OD2  O N N 65  
ASP OXT  O N N 66  
ASP H    H N N 67  
ASP H2   H N N 68  
ASP HA   H N N 69  
ASP HB2  H N N 70  
ASP HB3  H N N 71  
ASP HD2  H N N 72  
ASP HXT  H N N 73  
CME N    N N N 74  
CME CA   C N R 75  
CME CB   C N N 76  
CME SG   S N N 77  
CME SD   S N N 78  
CME CE   C N N 79  
CME CZ   C N N 80  
CME OH   O N N 81  
CME C    C N N 82  
CME O    O N N 83  
CME OXT  O N N 84  
CME H    H N N 85  
CME H2   H N N 86  
CME HA   H N N 87  
CME HB2  H N N 88  
CME HB3  H N N 89  
CME HE2  H N N 90  
CME HE3  H N N 91  
CME HZ2  H N N 92  
CME HZ3  H N N 93  
CME HH   H N N 94  
CME HXT  H N N 95  
CYS N    N N N 96  
CYS CA   C N R 97  
CYS C    C N N 98  
CYS O    O N N 99  
CYS CB   C N N 100 
CYS SG   S N N 101 
CYS OXT  O N N 102 
CYS H    H N N 103 
CYS H2   H N N 104 
CYS HA   H N N 105 
CYS HB2  H N N 106 
CYS HB3  H N N 107 
CYS HG   H N N 108 
CYS HXT  H N N 109 
GLN N    N N N 110 
GLN CA   C N S 111 
GLN C    C N N 112 
GLN O    O N N 113 
GLN CB   C N N 114 
GLN CG   C N N 115 
GLN CD   C N N 116 
GLN OE1  O N N 117 
GLN NE2  N N N 118 
GLN OXT  O N N 119 
GLN H    H N N 120 
GLN H2   H N N 121 
GLN HA   H N N 122 
GLN HB2  H N N 123 
GLN HB3  H N N 124 
GLN HG2  H N N 125 
GLN HG3  H N N 126 
GLN HE21 H N N 127 
GLN HE22 H N N 128 
GLN HXT  H N N 129 
GLU N    N N N 130 
GLU CA   C N S 131 
GLU C    C N N 132 
GLU O    O N N 133 
GLU CB   C N N 134 
GLU CG   C N N 135 
GLU CD   C N N 136 
GLU OE1  O N N 137 
GLU OE2  O N N 138 
GLU OXT  O N N 139 
GLU H    H N N 140 
GLU H2   H N N 141 
GLU HA   H N N 142 
GLU HB2  H N N 143 
GLU HB3  H N N 144 
GLU HG2  H N N 145 
GLU HG3  H N N 146 
GLU HE2  H N N 147 
GLU HXT  H N N 148 
GLY N    N N N 149 
GLY CA   C N N 150 
GLY C    C N N 151 
GLY O    O N N 152 
GLY OXT  O N N 153 
GLY H    H N N 154 
GLY H2   H N N 155 
GLY HA2  H N N 156 
GLY HA3  H N N 157 
GLY HXT  H N N 158 
HOH O    O N N 159 
HOH H1   H N N 160 
HOH H2   H N N 161 
ILE N    N N N 162 
ILE CA   C N S 163 
ILE C    C N N 164 
ILE O    O N N 165 
ILE CB   C N S 166 
ILE CG1  C N N 167 
ILE CG2  C N N 168 
ILE CD1  C N N 169 
ILE OXT  O N N 170 
ILE H    H N N 171 
ILE H2   H N N 172 
ILE HA   H N N 173 
ILE HB   H N N 174 
ILE HG12 H N N 175 
ILE HG13 H N N 176 
ILE HG21 H N N 177 
ILE HG22 H N N 178 
ILE HG23 H N N 179 
ILE HD11 H N N 180 
ILE HD12 H N N 181 
ILE HD13 H N N 182 
ILE HXT  H N N 183 
LEU N    N N N 184 
LEU CA   C N S 185 
LEU C    C N N 186 
LEU O    O N N 187 
LEU CB   C N N 188 
LEU CG   C N N 189 
LEU CD1  C N N 190 
LEU CD2  C N N 191 
LEU OXT  O N N 192 
LEU H    H N N 193 
LEU H2   H N N 194 
LEU HA   H N N 195 
LEU HB2  H N N 196 
LEU HB3  H N N 197 
LEU HG   H N N 198 
LEU HD11 H N N 199 
LEU HD12 H N N 200 
LEU HD13 H N N 201 
LEU HD21 H N N 202 
LEU HD22 H N N 203 
LEU HD23 H N N 204 
LEU HXT  H N N 205 
LYS N    N N N 206 
LYS CA   C N S 207 
LYS C    C N N 208 
LYS O    O N N 209 
LYS CB   C N N 210 
LYS CG   C N N 211 
LYS CD   C N N 212 
LYS CE   C N N 213 
LYS NZ   N N N 214 
LYS OXT  O N N 215 
LYS H    H N N 216 
LYS H2   H N N 217 
LYS HA   H N N 218 
LYS HB2  H N N 219 
LYS HB3  H N N 220 
LYS HG2  H N N 221 
LYS HG3  H N N 222 
LYS HD2  H N N 223 
LYS HD3  H N N 224 
LYS HE2  H N N 225 
LYS HE3  H N N 226 
LYS HZ1  H N N 227 
LYS HZ2  H N N 228 
LYS HZ3  H N N 229 
LYS HXT  H N N 230 
MET N    N N N 231 
MET CA   C N S 232 
MET C    C N N 233 
MET O    O N N 234 
MET CB   C N N 235 
MET CG   C N N 236 
MET SD   S N N 237 
MET CE   C N N 238 
MET OXT  O N N 239 
MET H    H N N 240 
MET H2   H N N 241 
MET HA   H N N 242 
MET HB2  H N N 243 
MET HB3  H N N 244 
MET HG2  H N N 245 
MET HG3  H N N 246 
MET HE1  H N N 247 
MET HE2  H N N 248 
MET HE3  H N N 249 
MET HXT  H N N 250 
PHE N    N N N 251 
PHE CA   C N S 252 
PHE C    C N N 253 
PHE O    O N N 254 
PHE CB   C N N 255 
PHE CG   C Y N 256 
PHE CD1  C Y N 257 
PHE CD2  C Y N 258 
PHE CE1  C Y N 259 
PHE CE2  C Y N 260 
PHE CZ   C Y N 261 
PHE OXT  O N N 262 
PHE H    H N N 263 
PHE H2   H N N 264 
PHE HA   H N N 265 
PHE HB2  H N N 266 
PHE HB3  H N N 267 
PHE HD1  H N N 268 
PHE HD2  H N N 269 
PHE HE1  H N N 270 
PHE HE2  H N N 271 
PHE HZ   H N N 272 
PHE HXT  H N N 273 
PRO N    N N N 274 
PRO CA   C N S 275 
PRO C    C N N 276 
PRO O    O N N 277 
PRO CB   C N N 278 
PRO CG   C N N 279 
PRO CD   C N N 280 
PRO OXT  O N N 281 
PRO H    H N N 282 
PRO HA   H N N 283 
PRO HB2  H N N 284 
PRO HB3  H N N 285 
PRO HG2  H N N 286 
PRO HG3  H N N 287 
PRO HD2  H N N 288 
PRO HD3  H N N 289 
PRO HXT  H N N 290 
SER N    N N N 291 
SER CA   C N S 292 
SER C    C N N 293 
SER O    O N N 294 
SER CB   C N N 295 
SER OG   O N N 296 
SER OXT  O N N 297 
SER H    H N N 298 
SER H2   H N N 299 
SER HA   H N N 300 
SER HB2  H N N 301 
SER HB3  H N N 302 
SER HG   H N N 303 
SER HXT  H N N 304 
THR N    N N N 305 
THR CA   C N S 306 
THR C    C N N 307 
THR O    O N N 308 
THR CB   C N R 309 
THR OG1  O N N 310 
THR CG2  C N N 311 
THR OXT  O N N 312 
THR H    H N N 313 
THR H2   H N N 314 
THR HA   H N N 315 
THR HB   H N N 316 
THR HG1  H N N 317 
THR HG21 H N N 318 
THR HG22 H N N 319 
THR HG23 H N N 320 
THR HXT  H N N 321 
TRP N    N N N 322 
TRP CA   C N S 323 
TRP C    C N N 324 
TRP O    O N N 325 
TRP CB   C N N 326 
TRP CG   C Y N 327 
TRP CD1  C Y N 328 
TRP CD2  C Y N 329 
TRP NE1  N Y N 330 
TRP CE2  C Y N 331 
TRP CE3  C Y N 332 
TRP CZ2  C Y N 333 
TRP CZ3  C Y N 334 
TRP CH2  C Y N 335 
TRP OXT  O N N 336 
TRP H    H N N 337 
TRP H2   H N N 338 
TRP HA   H N N 339 
TRP HB2  H N N 340 
TRP HB3  H N N 341 
TRP HD1  H N N 342 
TRP HE1  H N N 343 
TRP HE3  H N N 344 
TRP HZ2  H N N 345 
TRP HZ3  H N N 346 
TRP HH2  H N N 347 
TRP HXT  H N N 348 
TYR N    N N N 349 
TYR CA   C N S 350 
TYR C    C N N 351 
TYR O    O N N 352 
TYR CB   C N N 353 
TYR CG   C Y N 354 
TYR CD1  C Y N 355 
TYR CD2  C Y N 356 
TYR CE1  C Y N 357 
TYR CE2  C Y N 358 
TYR CZ   C Y N 359 
TYR OH   O N N 360 
TYR OXT  O N N 361 
TYR H    H N N 362 
TYR H2   H N N 363 
TYR HA   H N N 364 
TYR HB2  H N N 365 
TYR HB3  H N N 366 
TYR HD1  H N N 367 
TYR HD2  H N N 368 
TYR HE1  H N N 369 
TYR HE2  H N N 370 
TYR HH   H N N 371 
TYR HXT  H N N 372 
VAL N    N N N 373 
VAL CA   C N S 374 
VAL C    C N N 375 
VAL O    O N N 376 
VAL CB   C N N 377 
VAL CG1  C N N 378 
VAL CG2  C N N 379 
VAL OXT  O N N 380 
VAL H    H N N 381 
VAL H2   H N N 382 
VAL HA   H N N 383 
VAL HB   H N N 384 
VAL HG11 H N N 385 
VAL HG12 H N N 386 
VAL HG13 H N N 387 
VAL HG21 H N N 388 
VAL HG22 H N N 389 
VAL HG23 H N N 390 
VAL HXT  H N N 391 
# 
loop_
_chem_comp_bond.comp_id 
_chem_comp_bond.atom_id_1 
_chem_comp_bond.atom_id_2 
_chem_comp_bond.value_order 
_chem_comp_bond.pdbx_aromatic_flag 
_chem_comp_bond.pdbx_stereo_config 
_chem_comp_bond.pdbx_ordinal 
ALA N   CA   sing N N 1   
ALA N   H    sing N N 2   
ALA N   H2   sing N N 3   
ALA CA  C    sing N N 4   
ALA CA  CB   sing N N 5   
ALA CA  HA   sing N N 6   
ALA C   O    doub N N 7   
ALA C   OXT  sing N N 8   
ALA CB  HB1  sing N N 9   
ALA CB  HB2  sing N N 10  
ALA CB  HB3  sing N N 11  
ALA OXT HXT  sing N N 12  
ARG N   CA   sing N N 13  
ARG N   H    sing N N 14  
ARG N   H2   sing N N 15  
ARG CA  C    sing N N 16  
ARG CA  CB   sing N N 17  
ARG CA  HA   sing N N 18  
ARG C   O    doub N N 19  
ARG C   OXT  sing N N 20  
ARG CB  CG   sing N N 21  
ARG CB  HB2  sing N N 22  
ARG CB  HB3  sing N N 23  
ARG CG  CD   sing N N 24  
ARG CG  HG2  sing N N 25  
ARG CG  HG3  sing N N 26  
ARG CD  NE   sing N N 27  
ARG CD  HD2  sing N N 28  
ARG CD  HD3  sing N N 29  
ARG NE  CZ   sing N N 30  
ARG NE  HE   sing N N 31  
ARG CZ  NH1  sing N N 32  
ARG CZ  NH2  doub N N 33  
ARG NH1 HH11 sing N N 34  
ARG NH1 HH12 sing N N 35  
ARG NH2 HH21 sing N N 36  
ARG NH2 HH22 sing N N 37  
ARG OXT HXT  sing N N 38  
ASN N   CA   sing N N 39  
ASN N   H    sing N N 40  
ASN N   H2   sing N N 41  
ASN CA  C    sing N N 42  
ASN CA  CB   sing N N 43  
ASN CA  HA   sing N N 44  
ASN C   O    doub N N 45  
ASN C   OXT  sing N N 46  
ASN CB  CG   sing N N 47  
ASN CB  HB2  sing N N 48  
ASN CB  HB3  sing N N 49  
ASN CG  OD1  doub N N 50  
ASN CG  ND2  sing N N 51  
ASN ND2 HD21 sing N N 52  
ASN ND2 HD22 sing N N 53  
ASN OXT HXT  sing N N 54  
ASP N   CA   sing N N 55  
ASP N   H    sing N N 56  
ASP N   H2   sing N N 57  
ASP CA  C    sing N N 58  
ASP CA  CB   sing N N 59  
ASP CA  HA   sing N N 60  
ASP C   O    doub N N 61  
ASP C   OXT  sing N N 62  
ASP CB  CG   sing N N 63  
ASP CB  HB2  sing N N 64  
ASP CB  HB3  sing N N 65  
ASP CG  OD1  doub N N 66  
ASP CG  OD2  sing N N 67  
ASP OD2 HD2  sing N N 68  
ASP OXT HXT  sing N N 69  
CME N   CA   sing N N 70  
CME N   H    sing N N 71  
CME N   H2   sing N N 72  
CME CA  CB   sing N N 73  
CME CA  C    sing N N 74  
CME CA  HA   sing N N 75  
CME CB  SG   sing N N 76  
CME CB  HB2  sing N N 77  
CME CB  HB3  sing N N 78  
CME SG  SD   sing N N 79  
CME SD  CE   sing N N 80  
CME CE  CZ   sing N N 81  
CME CE  HE2  sing N N 82  
CME CE  HE3  sing N N 83  
CME CZ  OH   sing N N 84  
CME CZ  HZ2  sing N N 85  
CME CZ  HZ3  sing N N 86  
CME OH  HH   sing N N 87  
CME C   O    doub N N 88  
CME C   OXT  sing N N 89  
CME OXT HXT  sing N N 90  
CYS N   CA   sing N N 91  
CYS N   H    sing N N 92  
CYS N   H2   sing N N 93  
CYS CA  C    sing N N 94  
CYS CA  CB   sing N N 95  
CYS CA  HA   sing N N 96  
CYS C   O    doub N N 97  
CYS C   OXT  sing N N 98  
CYS CB  SG   sing N N 99  
CYS CB  HB2  sing N N 100 
CYS CB  HB3  sing N N 101 
CYS SG  HG   sing N N 102 
CYS OXT HXT  sing N N 103 
GLN N   CA   sing N N 104 
GLN N   H    sing N N 105 
GLN N   H2   sing N N 106 
GLN CA  C    sing N N 107 
GLN CA  CB   sing N N 108 
GLN CA  HA   sing N N 109 
GLN C   O    doub N N 110 
GLN C   OXT  sing N N 111 
GLN CB  CG   sing N N 112 
GLN CB  HB2  sing N N 113 
GLN CB  HB3  sing N N 114 
GLN CG  CD   sing N N 115 
GLN CG  HG2  sing N N 116 
GLN CG  HG3  sing N N 117 
GLN CD  OE1  doub N N 118 
GLN CD  NE2  sing N N 119 
GLN NE2 HE21 sing N N 120 
GLN NE2 HE22 sing N N 121 
GLN OXT HXT  sing N N 122 
GLU N   CA   sing N N 123 
GLU N   H    sing N N 124 
GLU N   H2   sing N N 125 
GLU CA  C    sing N N 126 
GLU CA  CB   sing N N 127 
GLU CA  HA   sing N N 128 
GLU C   O    doub N N 129 
GLU C   OXT  sing N N 130 
GLU CB  CG   sing N N 131 
GLU CB  HB2  sing N N 132 
GLU CB  HB3  sing N N 133 
GLU CG  CD   sing N N 134 
GLU CG  HG2  sing N N 135 
GLU CG  HG3  sing N N 136 
GLU CD  OE1  doub N N 137 
GLU CD  OE2  sing N N 138 
GLU OE2 HE2  sing N N 139 
GLU OXT HXT  sing N N 140 
GLY N   CA   sing N N 141 
GLY N   H    sing N N 142 
GLY N   H2   sing N N 143 
GLY CA  C    sing N N 144 
GLY CA  HA2  sing N N 145 
GLY CA  HA3  sing N N 146 
GLY C   O    doub N N 147 
GLY C   OXT  sing N N 148 
GLY OXT HXT  sing N N 149 
HOH O   H1   sing N N 150 
HOH O   H2   sing N N 151 
ILE N   CA   sing N N 152 
ILE N   H    sing N N 153 
ILE N   H2   sing N N 154 
ILE CA  C    sing N N 155 
ILE CA  CB   sing N N 156 
ILE CA  HA   sing N N 157 
ILE C   O    doub N N 158 
ILE C   OXT  sing N N 159 
ILE CB  CG1  sing N N 160 
ILE CB  CG2  sing N N 161 
ILE CB  HB   sing N N 162 
ILE CG1 CD1  sing N N 163 
ILE CG1 HG12 sing N N 164 
ILE CG1 HG13 sing N N 165 
ILE CG2 HG21 sing N N 166 
ILE CG2 HG22 sing N N 167 
ILE CG2 HG23 sing N N 168 
ILE CD1 HD11 sing N N 169 
ILE CD1 HD12 sing N N 170 
ILE CD1 HD13 sing N N 171 
ILE OXT HXT  sing N N 172 
LEU N   CA   sing N N 173 
LEU N   H    sing N N 174 
LEU N   H2   sing N N 175 
LEU CA  C    sing N N 176 
LEU CA  CB   sing N N 177 
LEU CA  HA   sing N N 178 
LEU C   O    doub N N 179 
LEU C   OXT  sing N N 180 
LEU CB  CG   sing N N 181 
LEU CB  HB2  sing N N 182 
LEU CB  HB3  sing N N 183 
LEU CG  CD1  sing N N 184 
LEU CG  CD2  sing N N 185 
LEU CG  HG   sing N N 186 
LEU CD1 HD11 sing N N 187 
LEU CD1 HD12 sing N N 188 
LEU CD1 HD13 sing N N 189 
LEU CD2 HD21 sing N N 190 
LEU CD2 HD22 sing N N 191 
LEU CD2 HD23 sing N N 192 
LEU OXT HXT  sing N N 193 
LYS N   CA   sing N N 194 
LYS N   H    sing N N 195 
LYS N   H2   sing N N 196 
LYS CA  C    sing N N 197 
LYS CA  CB   sing N N 198 
LYS CA  HA   sing N N 199 
LYS C   O    doub N N 200 
LYS C   OXT  sing N N 201 
LYS CB  CG   sing N N 202 
LYS CB  HB2  sing N N 203 
LYS CB  HB3  sing N N 204 
LYS CG  CD   sing N N 205 
LYS CG  HG2  sing N N 206 
LYS CG  HG3  sing N N 207 
LYS CD  CE   sing N N 208 
LYS CD  HD2  sing N N 209 
LYS CD  HD3  sing N N 210 
LYS CE  NZ   sing N N 211 
LYS CE  HE2  sing N N 212 
LYS CE  HE3  sing N N 213 
LYS NZ  HZ1  sing N N 214 
LYS NZ  HZ2  sing N N 215 
LYS NZ  HZ3  sing N N 216 
LYS OXT HXT  sing N N 217 
MET N   CA   sing N N 218 
MET N   H    sing N N 219 
MET N   H2   sing N N 220 
MET CA  C    sing N N 221 
MET CA  CB   sing N N 222 
MET CA  HA   sing N N 223 
MET C   O    doub N N 224 
MET C   OXT  sing N N 225 
MET CB  CG   sing N N 226 
MET CB  HB2  sing N N 227 
MET CB  HB3  sing N N 228 
MET CG  SD   sing N N 229 
MET CG  HG2  sing N N 230 
MET CG  HG3  sing N N 231 
MET SD  CE   sing N N 232 
MET CE  HE1  sing N N 233 
MET CE  HE2  sing N N 234 
MET CE  HE3  sing N N 235 
MET OXT HXT  sing N N 236 
PHE N   CA   sing N N 237 
PHE N   H    sing N N 238 
PHE N   H2   sing N N 239 
PHE CA  C    sing N N 240 
PHE CA  CB   sing N N 241 
PHE CA  HA   sing N N 242 
PHE C   O    doub N N 243 
PHE C   OXT  sing N N 244 
PHE CB  CG   sing N N 245 
PHE CB  HB2  sing N N 246 
PHE CB  HB3  sing N N 247 
PHE CG  CD1  doub Y N 248 
PHE CG  CD2  sing Y N 249 
PHE CD1 CE1  sing Y N 250 
PHE CD1 HD1  sing N N 251 
PHE CD2 CE2  doub Y N 252 
PHE CD2 HD2  sing N N 253 
PHE CE1 CZ   doub Y N 254 
PHE CE1 HE1  sing N N 255 
PHE CE2 CZ   sing Y N 256 
PHE CE2 HE2  sing N N 257 
PHE CZ  HZ   sing N N 258 
PHE OXT HXT  sing N N 259 
PRO N   CA   sing N N 260 
PRO N   CD   sing N N 261 
PRO N   H    sing N N 262 
PRO CA  C    sing N N 263 
PRO CA  CB   sing N N 264 
PRO CA  HA   sing N N 265 
PRO C   O    doub N N 266 
PRO C   OXT  sing N N 267 
PRO CB  CG   sing N N 268 
PRO CB  HB2  sing N N 269 
PRO CB  HB3  sing N N 270 
PRO CG  CD   sing N N 271 
PRO CG  HG2  sing N N 272 
PRO CG  HG3  sing N N 273 
PRO CD  HD2  sing N N 274 
PRO CD  HD3  sing N N 275 
PRO OXT HXT  sing N N 276 
SER N   CA   sing N N 277 
SER N   H    sing N N 278 
SER N   H2   sing N N 279 
SER CA  C    sing N N 280 
SER CA  CB   sing N N 281 
SER CA  HA   sing N N 282 
SER C   O    doub N N 283 
SER C   OXT  sing N N 284 
SER CB  OG   sing N N 285 
SER CB  HB2  sing N N 286 
SER CB  HB3  sing N N 287 
SER OG  HG   sing N N 288 
SER OXT HXT  sing N N 289 
THR N   CA   sing N N 290 
THR N   H    sing N N 291 
THR N   H2   sing N N 292 
THR CA  C    sing N N 293 
THR CA  CB   sing N N 294 
THR CA  HA   sing N N 295 
THR C   O    doub N N 296 
THR C   OXT  sing N N 297 
THR CB  OG1  sing N N 298 
THR CB  CG2  sing N N 299 
THR CB  HB   sing N N 300 
THR OG1 HG1  sing N N 301 
THR CG2 HG21 sing N N 302 
THR CG2 HG22 sing N N 303 
THR CG2 HG23 sing N N 304 
THR OXT HXT  sing N N 305 
TRP N   CA   sing N N 306 
TRP N   H    sing N N 307 
TRP N   H2   sing N N 308 
TRP CA  C    sing N N 309 
TRP CA  CB   sing N N 310 
TRP CA  HA   sing N N 311 
TRP C   O    doub N N 312 
TRP C   OXT  sing N N 313 
TRP CB  CG   sing N N 314 
TRP CB  HB2  sing N N 315 
TRP CB  HB3  sing N N 316 
TRP CG  CD1  doub Y N 317 
TRP CG  CD2  sing Y N 318 
TRP CD1 NE1  sing Y N 319 
TRP CD1 HD1  sing N N 320 
TRP CD2 CE2  doub Y N 321 
TRP CD2 CE3  sing Y N 322 
TRP NE1 CE2  sing Y N 323 
TRP NE1 HE1  sing N N 324 
TRP CE2 CZ2  sing Y N 325 
TRP CE3 CZ3  doub Y N 326 
TRP CE3 HE3  sing N N 327 
TRP CZ2 CH2  doub Y N 328 
TRP CZ2 HZ2  sing N N 329 
TRP CZ3 CH2  sing Y N 330 
TRP CZ3 HZ3  sing N N 331 
TRP CH2 HH2  sing N N 332 
TRP OXT HXT  sing N N 333 
TYR N   CA   sing N N 334 
TYR N   H    sing N N 335 
TYR N   H2   sing N N 336 
TYR CA  C    sing N N 337 
TYR CA  CB   sing N N 338 
TYR CA  HA   sing N N 339 
TYR C   O    doub N N 340 
TYR C   OXT  sing N N 341 
TYR CB  CG   sing N N 342 
TYR CB  HB2  sing N N 343 
TYR CB  HB3  sing N N 344 
TYR CG  CD1  doub Y N 345 
TYR CG  CD2  sing Y N 346 
TYR CD1 CE1  sing Y N 347 
TYR CD1 HD1  sing N N 348 
TYR CD2 CE2  doub Y N 349 
TYR CD2 HD2  sing N N 350 
TYR CE1 CZ   doub Y N 351 
TYR CE1 HE1  sing N N 352 
TYR CE2 CZ   sing Y N 353 
TYR CE2 HE2  sing N N 354 
TYR CZ  OH   sing N N 355 
TYR OH  HH   sing N N 356 
TYR OXT HXT  sing N N 357 
VAL N   CA   sing N N 358 
VAL N   H    sing N N 359 
VAL N   H2   sing N N 360 
VAL CA  C    sing N N 361 
VAL CA  CB   sing N N 362 
VAL CA  HA   sing N N 363 
VAL C   O    doub N N 364 
VAL C   OXT  sing N N 365 
VAL CB  CG1  sing N N 366 
VAL CB  CG2  sing N N 367 
VAL CB  HB   sing N N 368 
VAL CG1 HG11 sing N N 369 
VAL CG1 HG12 sing N N 370 
VAL CG1 HG13 sing N N 371 
VAL CG2 HG21 sing N N 372 
VAL CG2 HG22 sing N N 373 
VAL CG2 HG23 sing N N 374 
VAL OXT HXT  sing N N 375 
# 
_atom_sites.entry_id                    4IZE 
_atom_sites.fract_transf_matrix[1][1]   0.00239013 
_atom_sites.fract_transf_matrix[1][2]   0.00112672 
_atom_sites.fract_transf_matrix[1][3]   -0.01087972 
_atom_sites.fract_transf_matrix[2][1]   0.00047908 
_atom_sites.fract_transf_matrix[2][2]   -0.01113654 
_atom_sites.fract_transf_matrix[2][3]   -0.00104807 
_atom_sites.fract_transf_matrix[3][1]   -0.02576666 
_atom_sites.fract_transf_matrix[3][2]   -0.00057018 
_atom_sites.fract_transf_matrix[3][3]   -0.00571964 
_atom_sites.fract_transf_vector[1]      -0.253406 
_atom_sites.fract_transf_vector[2]      -0.012122 
_atom_sites.fract_transf_vector[3]      0.057525 
# 
loop_
_atom_type.symbol 
C 
N 
O 
S 
# 
loop_
_atom_site.group_PDB 
_atom_site.id 
_atom_site.type_symbol 
_atom_site.label_atom_id 
_atom_site.label_alt_id 
_atom_site.label_comp_id 
_atom_site.label_asym_id 
_atom_site.label_entity_id 
_atom_site.label_seq_id 
_atom_site.pdbx_PDB_ins_code 
_atom_site.Cartn_x 
_atom_site.Cartn_y 
_atom_site.Cartn_z 
_atom_site.occupancy 
_atom_site.B_iso_or_equiv 
_atom_site.pdbx_formal_charge 
_atom_site.auth_seq_id 
_atom_site.auth_comp_id 
_atom_site.auth_asym_id 
_atom_site.auth_atom_id 
_atom_site.pdbx_PDB_model_num 
ATOM   1    N N   . SER A 1 1   ? 18.346  5.913   11.522  1.00 36.86 ? 18  SER A N   1 
ATOM   2    C CA  . SER A 1 1   ? 17.358  6.416   10.567  1.00 45.36 ? 18  SER A CA  1 
ATOM   3    C C   . SER A 1 1   ? 17.366  5.597   9.274   1.00 42.47 ? 18  SER A C   1 
ATOM   4    O O   . SER A 1 1   ? 18.418  5.091   8.863   1.00 38.27 ? 18  SER A O   1 
ATOM   5    C CB  . SER A 1 1   ? 17.612  7.892   10.260  1.00 43.12 ? 18  SER A CB  1 
ATOM   6    O OG  . SER A 1 1   ? 16.864  8.309   9.129   1.00 47.61 ? 18  SER A OG  1 
ATOM   7    N N   . MET A 1 2   ? 16.200  5.468   8.640   1.00 37.75 ? 19  MET A N   1 
ATOM   8    C CA  . MET A 1 2   ? 16.062  4.614   7.459   1.00 33.34 ? 19  MET A CA  1 
ATOM   9    C C   . MET A 1 2   ? 16.842  5.158   6.265   1.00 28.21 ? 19  MET A C   1 
ATOM   10   O O   . MET A 1 2   ? 16.686  6.319   5.874   1.00 31.04 ? 19  MET A O   1 
ATOM   11   C CB  . MET A 1 2   ? 14.587  4.411   7.080   1.00 33.25 ? 19  MET A CB  1 
ATOM   12   C CG  . MET A 1 2   ? 13.753  3.611   8.084   1.00 32.90 ? 19  MET A CG  1 
ATOM   13   S SD  . MET A 1 2   ? 12.077  3.219   7.474   1.00 42.66 ? 19  MET A SD  1 
ATOM   14   C CE  . MET A 1 2   ? 12.418  1.777   6.470   1.00 29.59 ? 19  MET A CE  1 
HETATM 15   N N   . CME A 1 3   ? 17.683  4.309   5.686   1.00 24.89 ? 20  CME A N   1 
HETATM 16   C CA  . CME A 1 3   ? 18.510  4.705   4.564   1.00 26.04 ? 20  CME A CA  1 
HETATM 17   C CB  . CME A 1 3   ? 20.031  4.542   4.736   1.00 29.14 ? 20  CME A CB  1 
HETATM 18   S SG  . CME A 1 3   ? 20.573  3.184   5.721   1.00 31.93 ? 20  CME A SG  1 
HETATM 19   S SD  . CME A 1 3   ? 20.875  1.493   4.485   1.00 46.49 ? 20  CME A SD  1 
HETATM 20   C CE  . CME A 1 3   ? 22.226  1.844   3.408   1.00 32.35 ? 20  CME A CE  1 
HETATM 21   C CZ  . CME A 1 3   ? 21.817  2.552   2.131   1.00 34.57 ? 20  CME A CZ  1 
HETATM 22   O OH  . CME A 1 3   ? 21.544  1.542   1.166   1.00 42.37 ? 20  CME A OH  1 
HETATM 23   C C   . CME A 1 3   ? 18.106  3.931   3.316   1.00 26.13 ? 20  CME A C   1 
HETATM 24   O O   . CME A 1 3   ? 18.576  4.146   2.197   1.00 26.63 ? 20  CME A O   1 
ATOM   25   N N   . LYS A 1 4   ? 17.209  2.975   3.516   1.00 17.77 ? 21  LYS A N   1 
ATOM   26   C CA  . LYS A 1 4   ? 16.659  2.226   2.393   1.00 20.71 ? 21  LYS A CA  1 
ATOM   27   C C   . LYS A 1 4   ? 15.305  1.670   2.793   1.00 19.92 ? 21  LYS A C   1 
ATOM   28   O O   . LYS A 1 4   ? 14.997  1.575   3.986   1.00 18.29 ? 21  LYS A O   1 
ATOM   29   C CB  . LYS A 1 4   ? 17.611  1.104   1.946   1.00 19.88 ? 21  LYS A CB  1 
ATOM   30   C CG  . LYS A 1 4   ? 17.689  -0.080  2.885   1.00 26.08 ? 21  LYS A CG  1 
ATOM   31   C CD  . LYS A 1 4   ? 18.766  -1.062  2.439   1.00 33.77 ? 21  LYS A CD  1 
ATOM   32   C CE  . LYS A 1 4   ? 18.522  -2.436  3.034   1.00 43.11 ? 21  LYS A CE  1 
ATOM   33   N NZ  . LYS A 1 4   ? 18.152  -2.360  4.482   1.00 40.91 ? 21  LYS A NZ  1 
ATOM   34   N N   . PRO A 1 5   ? 14.476  1.324   1.801   1.00 16.31 ? 22  PRO A N   1 
ATOM   35   C CA  . PRO A 1 5   ? 13.169  0.780   2.174   1.00 15.57 ? 22  PRO A CA  1 
ATOM   36   C C   . PRO A 1 5   ? 13.307  -0.616  2.761   1.00 16.42 ? 22  PRO A C   1 
ATOM   37   O O   . PRO A 1 5   ? 14.260  -1.326  2.439   1.00 19.95 ? 22  PRO A O   1 
ATOM   38   C CB  . PRO A 1 5   ? 12.417  0.733   0.841   1.00 16.08 ? 22  PRO A CB  1 
ATOM   39   C CG  . PRO A 1 5   ? 13.481  0.727   -0.206  1.00 24.69 ? 22  PRO A CG  1 
ATOM   40   C CD  . PRO A 1 5   ? 14.602  1.538   0.348   1.00 18.34 ? 22  PRO A CD  1 
ATOM   41   N N   . ILE A 1 6   ? 12.379  -0.994  3.630   1.00 14.74 ? 23  ILE A N   1 
ATOM   42   C CA  . ILE A 1 6   ? 12.305  -2.375  4.089   1.00 18.25 ? 23  ILE A CA  1 
ATOM   43   C C   . ILE A 1 6   ? 11.414  -3.154  3.124   1.00 16.64 ? 23  ILE A C   1 
ATOM   44   O O   . ILE A 1 6   ? 10.408  -2.631  2.624   1.00 13.50 ? 23  ILE A O   1 
ATOM   45   C CB  . ILE A 1 6   ? 11.793  -2.478  5.541   1.00 19.08 ? 23  ILE A CB  1 
ATOM   46   C CG1 . ILE A 1 6   ? 10.430  -1.805  5.691   1.00 18.17 ? 23  ILE A CG1 1 
ATOM   47   C CG2 . ILE A 1 6   ? 12.776  -1.817  6.489   1.00 26.32 ? 23  ILE A CG2 1 
ATOM   48   C CD1 . ILE A 1 6   ? 9.878   -1.871  7.100   1.00 25.35 ? 23  ILE A CD1 1 
ATOM   49   N N   . THR A 1 7   ? 11.800  -4.392  2.839   1.00 12.13 ? 24  THR A N   1 
ATOM   50   C CA  . THR A 1 7   ? 11.091  -5.186  1.851   1.00 11.42 ? 24  THR A CA  1 
ATOM   51   C C   . THR A 1 7   ? 10.476  -6.456  2.443   1.00 13.55 ? 24  THR A C   1 
ATOM   52   O O   . THR A 1 7   ? 10.858  -6.909  3.531   1.00 12.87 ? 24  THR A O   1 
ATOM   53   C CB  . THR A 1 7   ? 11.994  -5.536  0.642   1.00 16.06 ? 24  THR A CB  1 
ATOM   54   O OG1 . THR A 1 7   ? 13.071  -6.381  1.066   1.00 19.71 ? 24  THR A OG1 1 
ATOM   55   C CG2 . THR A 1 7   ? 12.565  -4.260  0.000   1.00 17.25 ? 24  THR A CG2 1 
ATOM   56   N N   . GLY A 1 8   ? 9.516   -7.018  1.719   1.00 10.39 ? 25  GLY A N   1 
ATOM   57   C CA  . GLY A 1 8   ? 8.831   -8.226  2.148   1.00 10.78 ? 25  GLY A CA  1 
ATOM   58   C C   . GLY A 1 8   ? 7.615   -8.475  1.278   1.00 10.30 ? 25  GLY A C   1 
ATOM   59   O O   . GLY A 1 8   ? 7.615   -8.129  0.100   1.00 12.64 ? 25  GLY A O   1 
ATOM   60   N N   . THR A 1 9   ? 6.585   -9.081  1.859   1.00 8.98  ? 26  THR A N   1 
ATOM   61   C CA  . THR A 1 9   ? 5.356   -9.396  1.147   1.00 10.93 ? 26  THR A CA  1 
ATOM   62   C C   . THR A 1 9   ? 4.148   -8.930  1.958   1.00 10.10 ? 26  THR A C   1 
ATOM   63   O O   . THR A 1 9   ? 4.255   -8.620  3.154   1.00 8.78  ? 26  THR A O   1 
ATOM   64   C CB  . THR A 1 9   ? 5.207   -10.910 0.892   1.00 12.21 ? 26  THR A CB  1 
ATOM   65   O OG1 . THR A 1 9   ? 5.015   -11.583 2.138   1.00 14.65 ? 26  THR A OG1 1 
ATOM   66   C CG2 . THR A 1 9   ? 6.438   -11.482 0.197   1.00 14.93 ? 26  THR A CG2 1 
ATOM   67   N N   . ILE A 1 10  ? 2.996   -8.877  1.315   1.00 6.61  ? 27  ILE A N   1 
ATOM   68   C CA  . ILE A 1 10  ? 1.782   -8.491  2.013   1.00 7.14  ? 27  ILE A CA  1 
ATOM   69   C C   . ILE A 1 10  ? 0.707   -9.510  1.700   1.00 9.72  ? 27  ILE A C   1 
ATOM   70   O O   . ILE A 1 10  ? 0.570   -9.920  0.550   1.00 8.57  ? 27  ILE A O   1 
ATOM   71   C CB  . ILE A 1 10  ? 1.315   -7.076  1.582   1.00 10.34 ? 27  ILE A CB  1 
ATOM   72   C CG1 . ILE A 1 10  ? 2.337   -6.023  2.022   1.00 10.03 ? 27  ILE A CG1 1 
ATOM   73   C CG2 . ILE A 1 10  ? -0.065  -6.751  2.155   1.00 10.28 ? 27  ILE A CG2 1 
ATOM   74   C CD1 . ILE A 1 10  ? 1.926   -4.584  1.710   1.00 9.71  ? 27  ILE A CD1 1 
ATOM   75   N N   . ASN A 1 11  ? -0.034  -9.949  2.723   1.00 8.14  ? 28  ASN A N   1 
ATOM   76   C CA  . ASN A 1 11  ? -1.211  -10.793 2.493   1.00 8.69  ? 28  ASN A CA  1 
ATOM   77   C C   . ASN A 1 11  ? -2.405  -10.336 3.329   1.00 9.77  ? 28  ASN A C   1 
ATOM   78   O O   . ASN A 1 11  ? -2.242  -9.578  4.281   1.00 7.70  ? 28  ASN A O   1 
ATOM   79   C CB  . ASN A 1 11  ? -0.902  -12.294 2.712   1.00 9.94  ? 28  ASN A CB  1 
ATOM   80   C CG  . ASN A 1 11  ? -0.562  -12.636 4.166   1.00 13.18 ? 28  ASN A CG  1 
ATOM   81   O OD1 . ASN A 1 11  ? 0.609   -12.799 4.524   1.00 12.42 ? 28  ASN A OD1 1 
ATOM   82   N ND2 . ASN A 1 11  ? -1.589  -12.752 5.005   1.00 10.39 ? 28  ASN A ND2 1 
ATOM   83   N N   . ASP A 1 12  ? -3.606  -10.766 2.964   1.00 8.96  ? 29  ASP A N   1 
ATOM   84   C CA  . ASP A 1 12  ? -4.773  -10.460 3.786   1.00 9.69  ? 29  ASP A CA  1 
ATOM   85   C C   . ASP A 1 12  ? -5.104  -11.606 4.731   1.00 11.98 ? 29  ASP A C   1 
ATOM   86   O O   . ASP A 1 12  ? -4.409  -12.618 4.734   1.00 13.43 ? 29  ASP A O   1 
ATOM   87   C CB  . ASP A 1 12  ? -5.981  -10.049 2.937   1.00 12.81 ? 29  ASP A CB  1 
ATOM   88   C CG  . ASP A 1 12  ? -6.376  -11.099 1.915   1.00 17.85 ? 29  ASP A CG  1 
ATOM   89   O OD1 . ASP A 1 12  ? -6.360  -12.306 2.249   1.00 15.41 ? 29  ASP A OD1 1 
ATOM   90   O OD2 . ASP A 1 12  ? -6.714  -10.704 0.771   1.00 22.41 ? 29  ASP A OD2 1 
ATOM   91   N N   . LEU A 1 13  ? -6.151  -11.443 5.540   1.00 14.66 ? 30  LEU A N   1 
ATOM   92   C CA  . LEU A 1 13  ? -6.531  -12.464 6.525   1.00 15.64 ? 30  LEU A CA  1 
ATOM   93   C C   . LEU A 1 13  ? -7.168  -13.723 5.922   1.00 18.10 ? 30  LEU A C   1 
ATOM   94   O O   . LEU A 1 13  ? -7.394  -14.711 6.624   1.00 20.16 ? 30  LEU A O   1 
ATOM   95   C CB  . LEU A 1 13  ? -7.449  -11.870 7.596   1.00 15.26 ? 30  LEU A CB  1 
ATOM   96   C CG  . LEU A 1 13  ? -6.768  -10.852 8.516   1.00 15.94 ? 30  LEU A CG  1 
ATOM   97   C CD1 . LEU A 1 13  ? -7.801  -10.126 9.363   1.00 19.63 ? 30  LEU A CD1 1 
ATOM   98   C CD2 . LEU A 1 13  ? -5.732  -11.538 9.394   1.00 17.45 ? 30  LEU A CD2 1 
ATOM   99   N N   . ASN A 1 14  ? -7.466  -13.684 4.629   1.00 18.64 ? 31  ASN A N   1 
ATOM   100  C CA  . ASN A 1 14  ? -7.854  -14.894 3.905   1.00 18.67 ? 31  ASN A CA  1 
ATOM   101  C C   . ASN A 1 14  ? -6.645  -15.548 3.243   1.00 18.95 ? 31  ASN A C   1 
ATOM   102  O O   . ASN A 1 14  ? -6.786  -16.420 2.389   1.00 19.31 ? 31  ASN A O   1 
ATOM   103  C CB  . ASN A 1 14  ? -8.922  -14.582 2.857   1.00 22.45 ? 31  ASN A CB  1 
ATOM   104  C CG  . ASN A 1 14  ? -10.236 -14.192 3.476   1.00 27.64 ? 31  ASN A CG  1 
ATOM   105  O OD1 . ASN A 1 14  ? -10.613 -14.712 4.528   1.00 32.13 ? 31  ASN A OD1 1 
ATOM   106  N ND2 . ASN A 1 14  ? -10.942 -13.266 2.838   1.00 32.29 ? 31  ASN A ND2 1 
ATOM   107  N N   . GLN A 1 15  ? -5.460  -15.102 3.641   1.00 18.27 ? 32  GLN A N   1 
ATOM   108  C CA  . GLN A 1 15  ? -4.200  -15.627 3.128   1.00 15.40 ? 32  GLN A CA  1 
ATOM   109  C C   . GLN A 1 15  ? -4.015  -15.428 1.618   1.00 15.56 ? 32  GLN A C   1 
ATOM   110  O O   . GLN A 1 15  ? -3.322  -16.201 0.959   1.00 18.02 ? 32  GLN A O   1 
ATOM   111  C CB  . GLN A 1 15  ? -4.018  -17.090 3.528   1.00 18.40 ? 32  GLN A CB  1 
ATOM   112  C CG  . GLN A 1 15  ? -3.711  -17.268 5.001   1.00 17.10 ? 32  GLN A CG  1 
ATOM   113  C CD  . GLN A 1 15  ? -2.492  -16.469 5.433   1.00 19.73 ? 32  GLN A CD  1 
ATOM   114  O OE1 . GLN A 1 15  ? -1.461  -16.463 4.756   1.00 25.97 ? 32  GLN A OE1 1 
ATOM   115  N NE2 . GLN A 1 15  ? -2.607  -15.782 6.564   1.00 21.99 ? 32  GLN A NE2 1 
ATOM   116  N N   . GLN A 1 16  ? -4.624  -14.385 1.075   1.00 13.54 ? 33  GLN A N   1 
ATOM   117  C CA  . GLN A 1 16  ? -4.355  -14.012 -0.308  1.00 13.89 ? 33  GLN A CA  1 
ATOM   118  C C   . GLN A 1 16  ? -3.170  -13.054 -0.345  1.00 15.68 ? 33  GLN A C   1 
ATOM   119  O O   . GLN A 1 16  ? -3.177  -12.022 0.335   1.00 11.45 ? 33  GLN A O   1 
ATOM   120  C CB  . GLN A 1 16  ? -5.579  -13.365 -0.957  1.00 16.82 ? 33  GLN A CB  1 
ATOM   121  C CG  . GLN A 1 16  ? -6.842  -14.205 -0.875  1.00 22.81 ? 33  GLN A CG  1 
ATOM   122  C CD  . GLN A 1 16  ? -8.041  -13.521 -1.521  1.00 30.54 ? 33  GLN A CD  1 
ATOM   123  O OE1 . GLN A 1 16  ? -8.931  -14.186 -2.054  1.00 34.73 ? 33  GLN A OE1 1 
ATOM   124  N NE2 . GLN A 1 16  ? -8.075  -12.188 -1.471  1.00 23.52 ? 33  GLN A NE2 1 
ATOM   125  N N   . VAL A 1 17  ? -2.167  -13.391 -1.152  1.00 11.44 ? 34  VAL A N   1 
ATOM   126  C CA  . VAL A 1 17  ? -0.932  -12.629 -1.211  1.00 9.28  ? 34  VAL A CA  1 
ATOM   127  C C   . VAL A 1 17  ? -0.926  -11.672 -2.408  1.00 13.79 ? 34  VAL A C   1 
ATOM   128  O O   . VAL A 1 17  ? -1.513  -11.949 -3.460  1.00 12.77 ? 34  VAL A O   1 
ATOM   129  C CB  . VAL A 1 17  ? 0.300   -13.573 -1.212  1.00 13.46 ? 34  VAL A CB  1 
ATOM   130  C CG1 . VAL A 1 17  ? 0.320   -14.436 -2.457  1.00 13.40 ? 34  VAL A CG1 1 
ATOM   131  C CG2 . VAL A 1 17  ? 1.598   -12.790 -1.077  1.00 15.49 ? 34  VAL A CG2 1 
ATOM   132  N N   . TRP A 1 18  ? -0.288  -10.523 -2.246  1.00 12.04 ? 35  TRP A N   1 
ATOM   133  C CA  . TRP A 1 18  ? -0.197  -9.577  -3.348  1.00 10.66 ? 35  TRP A CA  1 
ATOM   134  C C   . TRP A 1 18  ? 0.754   -10.088 -4.409  1.00 12.49 ? 35  TRP A C   1 
ATOM   135  O O   . TRP A 1 18  ? 1.883   -10.475 -4.110  1.00 9.30  ? 35  TRP A O   1 
ATOM   136  C CB  . TRP A 1 18  ? 0.296   -8.221  -2.866  1.00 11.67 ? 35  TRP A CB  1 
ATOM   137  C CG  . TRP A 1 18  ? -0.683  -7.473  -2.042  1.00 11.16 ? 35  TRP A CG  1 
ATOM   138  C CD1 . TRP A 1 18  ? -1.841  -7.948  -1.475  1.00 9.96  ? 35  TRP A CD1 1 
ATOM   139  C CD2 . TRP A 1 18  ? -0.597  -6.097  -1.691  1.00 11.01 ? 35  TRP A CD2 1 
ATOM   140  N NE1 . TRP A 1 18  ? -2.474  -6.936  -0.787  1.00 12.54 ? 35  TRP A NE1 1 
ATOM   141  C CE2 . TRP A 1 18  ? -1.729  -5.791  -0.904  1.00 13.18 ? 35  TRP A CE2 1 
ATOM   142  C CE3 . TRP A 1 18  ? 0.332   -5.091  -1.966  1.00 12.23 ? 35  TRP A CE3 1 
ATOM   143  C CZ2 . TRP A 1 18  ? -1.956  -4.517  -0.392  1.00 13.54 ? 35  TRP A CZ2 1 
ATOM   144  C CZ3 . TRP A 1 18  ? 0.103   -3.826  -1.456  1.00 16.75 ? 35  TRP A CZ3 1 
ATOM   145  C CH2 . TRP A 1 18  ? -1.027  -3.553  -0.668  1.00 9.49  ? 35  TRP A CH2 1 
ATOM   146  N N   . THR A 1 19  ? 0.288   -10.094 -5.655  1.00 13.10 ? 36  THR A N   1 
ATOM   147  C CA  . THR A 1 19  ? 1.132   -10.473 -6.780  1.00 15.94 ? 36  THR A CA  1 
ATOM   148  C C   . THR A 1 19  ? 0.983   -9.456  -7.903  1.00 17.36 ? 36  THR A C   1 
ATOM   149  O O   . THR A 1 19  ? -0.024  -8.756  -7.996  1.00 17.17 ? 36  THR A O   1 
ATOM   150  C CB  . THR A 1 19  ? 0.726   -11.831 -7.376  1.00 18.88 ? 36  THR A CB  1 
ATOM   151  O OG1 . THR A 1 19  ? -0.522  -11.678 -8.059  1.00 21.02 ? 36  THR A OG1 1 
ATOM   152  C CG2 . THR A 1 19  ? 0.583   -12.888 -6.292  1.00 17.23 ? 36  THR A CG2 1 
ATOM   153  N N   . LEU A 1 20  ? 1.980   -9.392  -8.771  1.00 19.91 ? 37  LEU A N   1 
ATOM   154  C CA  . LEU A 1 20  ? 1.890   -8.523  -9.932  1.00 22.83 ? 37  LEU A CA  1 
ATOM   155  C C   . LEU A 1 20  ? 1.470   -9.325  -11.167 1.00 27.81 ? 37  LEU A C   1 
ATOM   156  O O   . LEU A 1 20  ? 2.202   -10.187 -11.645 1.00 28.27 ? 37  LEU A O   1 
ATOM   157  C CB  . LEU A 1 20  ? 3.216   -7.792  -10.162 1.00 25.84 ? 37  LEU A CB  1 
ATOM   158  C CG  . LEU A 1 20  ? 3.261   -6.786  -11.316 1.00 31.25 ? 37  LEU A CG  1 
ATOM   159  C CD1 . LEU A 1 20  ? 2.292   -5.631  -11.085 1.00 32.08 ? 37  LEU A CD1 1 
ATOM   160  C CD2 . LEU A 1 20  ? 4.678   -6.268  -11.514 1.00 30.14 ? 37  LEU A CD2 1 
ATOM   161  N N   . GLN A 1 21  ? 0.267   -9.054  -11.658 1.00 30.52 ? 38  GLN A N   1 
ATOM   162  C CA  . GLN A 1 21  ? -0.208  -9.670  -12.891 1.00 36.81 ? 38  GLN A CA  1 
ATOM   163  C C   . GLN A 1 21  ? -0.260  -8.612  -13.986 1.00 37.69 ? 38  GLN A C   1 
ATOM   164  O O   . GLN A 1 21  ? -1.136  -7.741  -13.980 1.00 35.72 ? 38  GLN A O   1 
ATOM   165  C CB  . GLN A 1 21  ? -1.589  -10.297 -12.699 1.00 34.42 ? 38  GLN A CB  1 
ATOM   166  C CG  . GLN A 1 21  ? -1.612  -11.531 -11.814 1.00 38.07 ? 38  GLN A CG  1 
ATOM   167  C CD  . GLN A 1 21  ? -2.583  -12.578 -12.335 1.00 44.13 ? 38  GLN A CD  1 
ATOM   168  O OE1 . GLN A 1 21  ? -2.820  -12.667 -13.543 1.00 51.49 ? 38  GLN A OE1 1 
ATOM   169  N NE2 . GLN A 1 21  ? -3.154  -13.372 -11.431 1.00 39.13 ? 38  GLN A NE2 1 
ATOM   170  N N   . GLY A 1 22  ? 0.691   -8.685  -14.913 1.00 41.28 ? 39  GLY A N   1 
ATOM   171  C CA  . GLY A 1 22  ? 0.827   -7.675  -15.945 1.00 41.21 ? 39  GLY A CA  1 
ATOM   172  C C   . GLY A 1 22  ? 1.214   -6.331  -15.361 1.00 40.65 ? 39  GLY A C   1 
ATOM   173  O O   . GLY A 1 22  ? 2.367   -6.115  -14.985 1.00 48.85 ? 39  GLY A O   1 
ATOM   174  N N   . GLN A 1 23  ? 0.246   -5.426  -15.279 1.00 42.71 ? 40  GLN A N   1 
ATOM   175  C CA  . GLN A 1 23  ? 0.498   -4.088  -14.755 1.00 46.43 ? 40  GLN A CA  1 
ATOM   176  C C   . GLN A 1 23  ? -0.433  -3.761  -13.591 1.00 46.78 ? 40  GLN A C   1 
ATOM   177  O O   . GLN A 1 23  ? -0.619  -2.595  -13.245 1.00 42.44 ? 40  GLN A O   1 
ATOM   178  C CB  . GLN A 1 23  ? 0.337   -3.040  -15.859 1.00 47.09 ? 40  GLN A CB  1 
ATOM   179  N N   . ASN A 1 24  ? -1.023  -4.793  -12.997 1.00 41.11 ? 41  ASN A N   1 
ATOM   180  C CA  . ASN A 1 24  ? -1.906  -4.610  -11.848 1.00 40.15 ? 41  ASN A CA  1 
ATOM   181  C C   . ASN A 1 24  ? -1.469  -5.457  -10.664 1.00 27.91 ? 41  ASN A C   1 
ATOM   182  O O   . ASN A 1 24  ? -1.023  -6.588  -10.847 1.00 28.55 ? 41  ASN A O   1 
ATOM   183  C CB  . ASN A 1 24  ? -3.338  -5.008  -12.208 1.00 43.60 ? 41  ASN A CB  1 
ATOM   184  C CG  . ASN A 1 24  ? -3.902  -4.193  -13.337 1.00 48.19 ? 41  ASN A CG  1 
ATOM   185  O OD1 . ASN A 1 24  ? -4.399  -3.089  -13.124 1.00 54.04 ? 41  ASN A OD1 1 
ATOM   186  N ND2 . ASN A 1 24  ? -3.844  -4.736  -14.550 1.00 43.49 ? 41  ASN A ND2 1 
ATOM   187  N N   . LEU A 1 25  ? -1.612  -4.929  -9.452  1.00 21.10 ? 42  LEU A N   1 
ATOM   188  C CA  . LEU A 1 25  ? -1.500  -5.774  -8.275  1.00 19.19 ? 42  LEU A CA  1 
ATOM   189  C C   . LEU A 1 25  ? -2.789  -6.547  -8.121  1.00 16.52 ? 42  LEU A C   1 
ATOM   190  O O   . LEU A 1 25  ? -3.876  -5.991  -8.265  1.00 19.62 ? 42  LEU A O   1 
ATOM   191  C CB  . LEU A 1 25  ? -1.233  -4.961  -7.010  1.00 18.48 ? 42  LEU A CB  1 
ATOM   192  C CG  . LEU A 1 25  ? 0.167   -4.383  -6.842  1.00 21.88 ? 42  LEU A CG  1 
ATOM   193  C CD1 . LEU A 1 25  ? 0.281   -3.763  -5.463  1.00 20.75 ? 42  LEU A CD1 1 
ATOM   194  C CD2 . LEU A 1 25  ? 1.232   -5.454  -7.060  1.00 18.66 ? 42  LEU A CD2 1 
ATOM   195  N N   . VAL A 1 26  ? -2.663  -7.829  -7.818  1.00 13.10 ? 43  VAL A N   1 
ATOM   196  C CA  . VAL A 1 26  ? -3.808  -8.715  -7.668  1.00 14.82 ? 43  VAL A CA  1 
ATOM   197  C C   . VAL A 1 26  ? -3.578  -9.642  -6.473  1.00 14.49 ? 43  VAL A C   1 
ATOM   198  O O   . VAL A 1 26  ? -2.462  -10.094 -6.244  1.00 16.22 ? 43  VAL A O   1 
ATOM   199  C CB  . VAL A 1 26  ? -3.992  -9.562  -8.953  1.00 17.44 ? 43  VAL A CB  1 
ATOM   200  C CG1 . VAL A 1 26  ? -4.867  -10.761 -8.691  1.00 22.24 ? 43  VAL A CG1 1 
ATOM   201  C CG2 . VAL A 1 26  ? -4.567  -8.702  -10.074 1.00 18.98 ? 43  VAL A CG2 1 
ATOM   202  N N   . ALA A 1 27  ? -4.623  -9.917  -5.704  1.00 13.60 ? 44  ALA A N   1 
ATOM   203  C CA  . ALA A 1 27  ? -4.497  -10.823 -4.566  1.00 17.56 ? 44  ALA A CA  1 
ATOM   204  C C   . ALA A 1 27  ? -4.867  -12.255 -4.961  1.00 16.58 ? 44  ALA A C   1 
ATOM   205  O O   . ALA A 1 27  ? -5.916  -12.477 -5.560  1.00 18.66 ? 44  ALA A O   1 
ATOM   206  C CB  . ALA A 1 27  ? -5.369  -10.344 -3.414  1.00 16.10 ? 44  ALA A CB  1 
ATOM   207  N N   . VAL A 1 28  ? -4.003  -13.214 -4.624  1.00 16.46 ? 45  VAL A N   1 
ATOM   208  C CA  . VAL A 1 28  ? -4.236  -14.632 -4.919  1.00 19.30 ? 45  VAL A CA  1 
ATOM   209  C C   . VAL A 1 28  ? -3.869  -15.493 -3.713  1.00 19.58 ? 45  VAL A C   1 
ATOM   210  O O   . VAL A 1 28  ? -2.931  -15.165 -2.978  1.00 18.78 ? 45  VAL A O   1 
ATOM   211  C CB  . VAL A 1 28  ? -3.414  -15.123 -6.167  1.00 23.67 ? 45  VAL A CB  1 
ATOM   212  C CG1 . VAL A 1 28  ? -3.566  -14.161 -7.348  1.00 31.95 ? 45  VAL A CG1 1 
ATOM   213  C CG2 . VAL A 1 28  ? -1.954  -15.304 -5.840  1.00 20.42 ? 45  VAL A CG2 1 
ATOM   214  N N   . PRO A 1 29  ? -4.604  -16.599 -3.501  1.00 17.39 ? 46  PRO A N   1 
ATOM   215  C CA  . PRO A 1 29  ? -4.319  -17.504 -2.384  1.00 18.86 ? 46  PRO A CA  1 
ATOM   216  C C   . PRO A 1 29  ? -2.875  -17.969 -2.432  1.00 20.24 ? 46  PRO A C   1 
ATOM   217  O O   . PRO A 1 29  ? -2.393  -18.282 -3.515  1.00 20.19 ? 46  PRO A O   1 
ATOM   218  C CB  . PRO A 1 29  ? -5.242  -18.699 -2.649  1.00 22.64 ? 46  PRO A CB  1 
ATOM   219  C CG  . PRO A 1 29  ? -6.320  -18.179 -3.525  1.00 24.11 ? 46  PRO A CG  1 
ATOM   220  C CD  . PRO A 1 29  ? -5.697  -17.100 -4.356  1.00 26.80 ? 46  PRO A CD  1 
ATOM   221  N N   . ARG A 1 30  ? -2.197  -18.000 -1.289  1.00 19.01 ? 47  ARG A N   1 
ATOM   222  C CA  . ARG A 1 30  ? -0.813  -18.475 -1.224  1.00 22.08 ? 47  ARG A CA  1 
ATOM   223  C C   . ARG A 1 30  ? -0.714  -19.881 -1.785  1.00 27.72 ? 47  ARG A C   1 
ATOM   224  O O   . ARG A 1 30  ? 0.284   -20.240 -2.421  1.00 22.62 ? 47  ARG A O   1 
ATOM   225  C CB  . ARG A 1 30  ? -0.303  -18.485 0.217   1.00 24.82 ? 47  ARG A CB  1 
ATOM   226  C CG  . ARG A 1 30  ? 0.303   -17.180 0.658   1.00 28.58 ? 47  ARG A CG  1 
ATOM   227  C CD  . ARG A 1 30  ? 1.178   -17.339 1.906   1.00 30.85 ? 47  ARG A CD  1 
ATOM   228  N NE  . ARG A 1 30  ? 1.540   -16.026 2.438   1.00 30.14 ? 47  ARG A NE  1 
ATOM   229  C CZ  . ARG A 1 30  ? 2.592   -15.317 2.038   1.00 29.29 ? 47  ARG A CZ  1 
ATOM   230  N NH1 . ARG A 1 30  ? 3.411   -15.803 1.115   1.00 28.98 ? 47  ARG A NH1 1 
ATOM   231  N NH2 . ARG A 1 30  ? 2.838   -14.122 2.571   1.00 28.66 ? 47  ARG A NH2 1 
ATOM   232  N N   . SER A 1 31  ? -1.769  -20.659 -1.549  1.00 24.98 ? 48  SER A N   1 
ATOM   233  C CA  . SER A 1 31  ? -1.856  -22.040 -2.034  1.00 37.28 ? 48  SER A CA  1 
ATOM   234  C C   . SER A 1 31  ? -1.558  -22.195 -3.534  1.00 38.96 ? 48  SER A C   1 
ATOM   235  O O   . SER A 1 31  ? -0.991  -23.209 -3.940  1.00 44.99 ? 48  SER A O   1 
ATOM   236  C CB  . SER A 1 31  ? -3.211  -22.673 -1.667  1.00 39.11 ? 48  SER A CB  1 
ATOM   237  O OG  . SER A 1 31  ? -4.300  -22.050 -2.331  1.00 37.56 ? 48  SER A OG  1 
ATOM   238  N N   . ASP A 1 32  ? -1.914  -21.190 -4.342  1.00 34.46 ? 49  ASP A N   1 
ATOM   239  C CA  . ASP A 1 32  ? -1.592  -21.187 -5.775  1.00 38.68 ? 49  ASP A CA  1 
ATOM   240  C C   . ASP A 1 32  ? -0.086  -21.401 -6.036  1.00 39.56 ? 49  ASP A C   1 
ATOM   241  O O   . ASP A 1 32  ? 0.314   -21.789 -7.142  1.00 37.03 ? 49  ASP A O   1 
ATOM   242  C CB  . ASP A 1 32  ? -2.053  -19.877 -6.441  1.00 37.23 ? 49  ASP A CB  1 
ATOM   243  C CG  . ASP A 1 32  ? -3.500  -19.928 -6.919  1.00 37.85 ? 49  ASP A CG  1 
ATOM   244  O OD1 . ASP A 1 32  ? -3.883  -19.095 -7.776  1.00 31.36 ? 49  ASP A OD1 1 
ATOM   245  O OD2 . ASP A 1 32  ? -4.253  -20.801 -6.438  1.00 39.50 ? 49  ASP A OD2 1 
ATOM   246  N N   . SER A 1 33  ? 0.730   -21.151 -5.012  1.00 37.92 ? 50  SER A N   1 
ATOM   247  C CA  . SER A 1 33  ? 2.190   -21.213 -5.123  1.00 40.65 ? 50  SER A CA  1 
ATOM   248  C C   . SER A 1 33  ? 2.724   -20.314 -6.242  1.00 34.99 ? 50  SER A C   1 
ATOM   249  O O   . SER A 1 33  ? 3.537   -20.740 -7.060  1.00 37.25 ? 50  SER A O   1 
ATOM   250  C CB  . SER A 1 33  ? 2.668   -22.657 -5.319  1.00 39.99 ? 50  SER A CB  1 
ATOM   251  O OG  . SER A 1 33  ? 4.082   -22.712 -5.322  1.00 43.64 ? 50  SER A OG  1 
ATOM   252  N N   . VAL A 1 34  ? 2.241   -19.077 -6.282  1.00 30.10 ? 51  VAL A N   1 
ATOM   253  C CA  . VAL A 1 34  ? 2.726   -18.094 -7.234  1.00 34.44 ? 51  VAL A CA  1 
ATOM   254  C C   . VAL A 1 34  ? 3.845   -17.368 -6.508  1.00 28.80 ? 51  VAL A C   1 
ATOM   255  O O   . VAL A 1 34  ? 4.034   -17.572 -5.315  1.00 34.49 ? 51  VAL A O   1 
ATOM   256  C CB  . VAL A 1 34  ? 1.591   -17.113 -7.660  1.00 33.93 ? 51  VAL A CB  1 
ATOM   257  C CG1 . VAL A 1 34  ? 2.034   -16.167 -8.784  1.00 32.62 ? 51  VAL A CG1 1 
ATOM   258  C CG2 . VAL A 1 34  ? 0.373   -17.890 -8.114  1.00 39.11 ? 51  VAL A CG2 1 
ATOM   259  N N   . THR A 1 35  ? 4.611   -16.557 -7.226  1.00 26.09 ? 52  THR A N   1 
ATOM   260  C CA  . THR A 1 35  ? 5.611   -15.713 -6.593  1.00 29.60 ? 52  THR A CA  1 
ATOM   261  C C   . THR A 1 35  ? 4.958   -14.416 -6.106  1.00 24.01 ? 52  THR A C   1 
ATOM   262  O O   . THR A 1 35  ? 4.426   -13.644 -6.897  1.00 24.11 ? 52  THR A O   1 
ATOM   263  C CB  . THR A 1 35  ? 6.783   -15.416 -7.557  1.00 34.05 ? 52  THR A CB  1 
ATOM   264  O OG1 . THR A 1 35  ? 7.296   -14.099 -7.314  1.00 34.84 ? 52  THR A OG1 1 
ATOM   265  C CG2 . THR A 1 35  ? 6.316   -15.513 -9.002  1.00 33.79 ? 52  THR A CG2 1 
ATOM   266  N N   . PRO A 1 36  ? 4.972   -14.189 -4.791  1.00 20.86 ? 53  PRO A N   1 
ATOM   267  C CA  . PRO A 1 36  ? 4.460   -12.923 -4.264  1.00 18.05 ? 53  PRO A CA  1 
ATOM   268  C C   . PRO A 1 36  ? 5.245   -11.753 -4.842  1.00 15.85 ? 53  PRO A C   1 
ATOM   269  O O   . PRO A 1 36  ? 6.410   -11.924 -5.165  1.00 17.60 ? 53  PRO A O   1 
ATOM   270  C CB  . PRO A 1 36  ? 4.756   -13.041 -2.772  1.00 20.23 ? 53  PRO A CB  1 
ATOM   271  C CG  . PRO A 1 36  ? 4.725   -14.505 -2.503  1.00 20.94 ? 53  PRO A CG  1 
ATOM   272  C CD  . PRO A 1 36  ? 5.329   -15.133 -3.719  1.00 24.17 ? 53  PRO A CD  1 
ATOM   273  N N   . VAL A 1 37  ? 4.632   -10.586 -4.984  1.00 14.34 ? 54  VAL A N   1 
ATOM   274  C CA  . VAL A 1 37  ? 5.416   -9.412  -5.350  1.00 12.06 ? 54  VAL A CA  1 
ATOM   275  C C   . VAL A 1 37  ? 6.237   -8.961  -4.129  1.00 16.13 ? 54  VAL A C   1 
ATOM   276  O O   . VAL A 1 37  ? 5.790   -9.085  -2.975  1.00 13.77 ? 54  VAL A O   1 
ATOM   277  C CB  . VAL A 1 37  ? 4.531   -8.274  -5.918  1.00 16.30 ? 54  VAL A CB  1 
ATOM   278  C CG1 . VAL A 1 37  ? 3.703   -7.603  -4.813  1.00 15.96 ? 54  VAL A CG1 1 
ATOM   279  C CG2 . VAL A 1 37  ? 5.377   -7.255  -6.658  1.00 16.67 ? 54  VAL A CG2 1 
ATOM   280  N N   . THR A 1 38  ? 7.456   -8.490  -4.370  1.00 11.71 ? 55  THR A N   1 
ATOM   281  C CA  . THR A 1 38  ? 8.266   -7.923  -3.303  1.00 13.50 ? 55  THR A CA  1 
ATOM   282  C C   . THR A 1 38  ? 7.843   -6.478  -3.062  1.00 13.04 ? 55  THR A C   1 
ATOM   283  O O   . THR A 1 38  ? 7.958   -5.632  -3.941  1.00 13.34 ? 55  THR A O   1 
ATOM   284  C CB  . THR A 1 38  ? 9.764   -7.970  -3.647  1.00 14.65 ? 55  THR A CB  1 
ATOM   285  O OG1 . THR A 1 38  ? 10.179  -9.334  -3.710  1.00 16.91 ? 55  THR A OG1 1 
ATOM   286  C CG2 . THR A 1 38  ? 10.575  -7.264  -2.582  1.00 14.38 ? 55  THR A CG2 1 
ATOM   287  N N   . VAL A 1 39  ? 7.336   -6.209  -1.867  1.00 10.05 ? 56  VAL A N   1 
ATOM   288  C CA  . VAL A 1 39  ? 6.860   -4.883  -1.531  1.00 10.80 ? 56  VAL A CA  1 
ATOM   289  C C   . VAL A 1 39  ? 8.005   -4.110  -0.869  1.00 12.44 ? 56  VAL A C   1 
ATOM   290  O O   . VAL A 1 39  ? 8.911   -4.713  -0.284  1.00 11.22 ? 56  VAL A O   1 
ATOM   291  C CB  . VAL A 1 39  ? 5.588   -4.979  -0.647  1.00 11.24 ? 56  VAL A CB  1 
ATOM   292  C CG1 . VAL A 1 39  ? 5.153   -3.632  -0.166  1.00 15.22 ? 56  VAL A CG1 1 
ATOM   293  C CG2 . VAL A 1 39  ? 4.441   -5.645  -1.439  1.00 9.40  ? 56  VAL A CG2 1 
ATOM   294  N N   . ALA A 1 40  ? 7.995   -2.790  -1.019  1.00 12.31 ? 57  ALA A N   1 
ATOM   295  C CA  . ALA A 1 40  ? 8.993   -1.926  -0.407  1.00 10.61 ? 57  ALA A CA  1 
ATOM   296  C C   . ALA A 1 40  ? 8.301   -0.789  0.344   1.00 12.10 ? 57  ALA A C   1 
ATOM   297  O O   . ALA A 1 40  ? 7.416   -0.121  -0.193  1.00 12.46 ? 57  ALA A O   1 
ATOM   298  C CB  . ALA A 1 40  ? 9.939   -1.374  -1.466  1.00 9.94  ? 57  ALA A CB  1 
ATOM   299  N N   . VAL A 1 41  ? 8.709   -0.574  1.586   1.00 9.17  ? 58  VAL A N   1 
ATOM   300  C CA  . VAL A 1 41  ? 8.063   0.391   2.457   1.00 9.41  ? 58  VAL A CA  1 
ATOM   301  C C   . VAL A 1 41  ? 9.121   1.321   3.039   1.00 13.19 ? 58  VAL A C   1 
ATOM   302  O O   . VAL A 1 41  ? 10.215  0.880   3.403   1.00 11.71 ? 58  VAL A O   1 
ATOM   303  C CB  . VAL A 1 41  ? 7.315   -0.332  3.593   1.00 10.59 ? 58  VAL A CB  1 
ATOM   304  C CG1 . VAL A 1 41  ? 6.868   0.644   4.670   1.00 13.43 ? 58  VAL A CG1 1 
ATOM   305  C CG2 . VAL A 1 41  ? 6.123   -1.094  3.034   1.00 10.93 ? 58  VAL A CG2 1 
ATOM   306  N N   . ILE A 1 42  ? 8.815   2.612   3.098   1.00 10.80 ? 59  ILE A N   1 
ATOM   307  C CA  . ILE A 1 42  ? 9.660   3.535   3.832   1.00 9.67  ? 59  ILE A CA  1 
ATOM   308  C C   . ILE A 1 42  ? 8.821   4.628   4.455   1.00 12.61 ? 59  ILE A C   1 
ATOM   309  O O   . ILE A 1 42  ? 7.867   5.130   3.845   1.00 7.62  ? 59  ILE A O   1 
ATOM   310  C CB  . ILE A 1 42  ? 10.807  4.120   2.951   1.00 14.81 ? 59  ILE A CB  1 
ATOM   311  C CG1 . ILE A 1 42  ? 11.843  4.839   3.819   1.00 13.92 ? 59  ILE A CG1 1 
ATOM   312  C CG2 . ILE A 1 42  ? 10.266  5.026   1.854   1.00 9.72  ? 59  ILE A CG2 1 
ATOM   313  C CD1 . ILE A 1 42  ? 13.140  5.148   3.075   1.00 16.71 ? 59  ILE A CD1 1 
ATOM   314  N N   . THR A 1 43  ? 9.165   4.982   5.688   1.00 7.81  ? 60  THR A N   1 
ATOM   315  C CA  . THR A 1 43  ? 8.431   6.012   6.406   1.00 11.89 ? 60  THR A CA  1 
ATOM   316  C C   . THR A 1 43  ? 8.762   7.418   5.897   1.00 16.07 ? 60  THR A C   1 
ATOM   317  O O   . THR A 1 43  ? 9.918   7.743   5.604   1.00 13.59 ? 60  THR A O   1 
ATOM   318  C CB  . THR A 1 43  ? 8.653   5.887   7.925   1.00 19.13 ? 60  THR A CB  1 
ATOM   319  O OG1 . THR A 1 43  ? 8.307   4.555   8.338   1.00 22.18 ? 60  THR A OG1 1 
ATOM   320  C CG2 . THR A 1 43  ? 7.772   6.867   8.679   1.00 16.69 ? 60  THR A CG2 1 
ATOM   321  N N   . CYS A 1 44  ? 7.731   8.237   5.754   1.00 10.98 ? 61  CYS A N   1 
ATOM   322  C CA  . CYS A 1 44  ? 7.916   9.616   5.348   1.00 13.61 ? 61  CYS A CA  1 
ATOM   323  C C   . CYS A 1 44  ? 8.743   10.348  6.405   1.00 15.84 ? 61  CYS A C   1 
ATOM   324  O O   . CYS A 1 44  ? 8.647   10.034  7.596   1.00 10.89 ? 61  CYS A O   1 
ATOM   325  C CB  . CYS A 1 44  ? 6.559   10.296  5.167   1.00 14.64 ? 61  CYS A CB  1 
ATOM   326  S SG  . CYS A 1 44  ? 6.690   12.010  4.669   1.00 21.19 ? 61  CYS A SG  1 
ATOM   327  N N   . LYS A 1 45  ? 9.560   11.304  5.959   1.00 16.75 ? 62  LYS A N   1 
ATOM   328  C CA  . LYS A 1 45  ? 10.439  12.069  6.849   1.00 16.77 ? 62  LYS A CA  1 
ATOM   329  C C   . LYS A 1 45  ? 9.683   13.104  7.657   1.00 19.38 ? 62  LYS A C   1 
ATOM   330  O O   . LYS A 1 45  ? 10.165  13.566  8.691   1.00 20.14 ? 62  LYS A O   1 
ATOM   331  C CB  . LYS A 1 45  ? 11.508  12.815  6.045   1.00 18.85 ? 62  LYS A CB  1 
ATOM   332  C CG  . LYS A 1 45  ? 12.633  11.958  5.498   1.00 21.53 ? 62  LYS A CG  1 
ATOM   333  C CD  . LYS A 1 45  ? 13.599  12.818  4.679   1.00 25.31 ? 62  LYS A CD  1 
ATOM   334  C CE  . LYS A 1 45  ? 14.586  11.960  3.901   1.00 25.18 ? 62  LYS A CE  1 
ATOM   335  N NZ  . LYS A 1 45  ? 15.400  12.762  2.948   1.00 26.18 ? 62  LYS A NZ  1 
ATOM   336  N N   . TYR A 1 46  ? 8.503   13.482  7.178   1.00 16.89 ? 63  TYR A N   1 
ATOM   337  C CA  . TYR A 1 46  ? 7.807   14.629  7.740   1.00 18.95 ? 63  TYR A CA  1 
ATOM   338  C C   . TYR A 1 46  ? 6.403   14.326  8.269   1.00 17.43 ? 63  TYR A C   1 
ATOM   339  O O   . TYR A 1 46  ? 5.440   14.956  7.838   1.00 20.46 ? 63  TYR A O   1 
ATOM   340  C CB  . TYR A 1 46  ? 7.744   15.739  6.685   1.00 19.36 ? 63  TYR A CB  1 
ATOM   341  C CG  . TYR A 1 46  ? 9.056   15.926  5.964   1.00 21.35 ? 63  TYR A CG  1 
ATOM   342  C CD1 . TYR A 1 46  ? 10.124  16.567  6.584   1.00 20.75 ? 63  TYR A CD1 1 
ATOM   343  C CD2 . TYR A 1 46  ? 9.236   15.444  4.674   1.00 18.94 ? 63  TYR A CD2 1 
ATOM   344  C CE1 . TYR A 1 46  ? 11.337  16.732  5.936   1.00 24.12 ? 63  TYR A CE1 1 
ATOM   345  C CE2 . TYR A 1 46  ? 10.443  15.607  4.016   1.00 18.66 ? 63  TYR A CE2 1 
ATOM   346  C CZ  . TYR A 1 46  ? 11.489  16.252  4.653   1.00 25.20 ? 63  TYR A CZ  1 
ATOM   347  O OH  . TYR A 1 46  ? 12.694  16.415  4.004   1.00 28.22 ? 63  TYR A OH  1 
ATOM   348  N N   . PRO A 1 47  ? 6.281   13.387  9.221   1.00 20.38 ? 64  PRO A N   1 
ATOM   349  C CA  . PRO A 1 47  ? 4.934   13.074  9.713   1.00 17.09 ? 64  PRO A CA  1 
ATOM   350  C C   . PRO A 1 47  ? 4.276   14.241  10.453  1.00 17.78 ? 64  PRO A C   1 
ATOM   351  O O   . PRO A 1 47  ? 3.051   14.295  10.541  1.00 16.15 ? 64  PRO A O   1 
ATOM   352  C CB  . PRO A 1 47  ? 5.173   11.889  10.659  1.00 20.24 ? 64  PRO A CB  1 
ATOM   353  C CG  . PRO A 1 47  ? 6.595   12.022  11.080  1.00 19.88 ? 64  PRO A CG  1 
ATOM   354  C CD  . PRO A 1 47  ? 7.315   12.576  9.891   1.00 17.77 ? 64  PRO A CD  1 
ATOM   355  N N   . GLU A 1 48  ? 5.072   15.181  10.956  1.00 18.82 ? 65  GLU A N   1 
ATOM   356  C CA  . GLU A 1 48  ? 4.507   16.341  11.643  1.00 19.28 ? 65  GLU A CA  1 
ATOM   357  C C   . GLU A 1 48  ? 3.736   17.249  10.686  1.00 21.01 ? 65  GLU A C   1 
ATOM   358  O O   . GLU A 1 48  ? 2.920   18.057  11.116  1.00 19.69 ? 65  GLU A O   1 
ATOM   359  C CB  . GLU A 1 48  ? 5.594   17.144  12.370  1.00 23.94 ? 65  GLU A CB  1 
ATOM   360  C CG  . GLU A 1 48  ? 6.460   18.022  11.460  1.00 32.44 ? 65  GLU A CG  1 
ATOM   361  C CD  . GLU A 1 48  ? 7.533   17.249  10.697  1.00 33.69 ? 65  GLU A CD  1 
ATOM   362  O OE1 . GLU A 1 48  ? 7.745   16.049  11.003  1.00 26.98 ? 65  GLU A OE1 1 
ATOM   363  O OE2 . GLU A 1 48  ? 8.167   17.852  9.794   1.00 38.23 ? 65  GLU A OE2 1 
ATOM   364  N N   . ALA A 1 49  ? 3.994   17.113  9.388   1.00 18.58 ? 66  ALA A N   1 
ATOM   365  C CA  . ALA A 1 49  ? 3.311   17.926  8.396   1.00 17.86 ? 66  ALA A CA  1 
ATOM   366  C C   . ALA A 1 49  ? 1.947   17.339  8.006   1.00 19.12 ? 66  ALA A C   1 
ATOM   367  O O   . ALA A 1 49  ? 1.155   17.991  7.337   1.00 20.50 ? 66  ALA A O   1 
ATOM   368  C CB  . ALA A 1 49  ? 4.193   18.101  7.158   1.00 19.35 ? 66  ALA A CB  1 
ATOM   369  N N   . LEU A 1 50  ? 1.670   16.111  8.430   1.00 19.14 ? 67  LEU A N   1 
ATOM   370  C CA  . LEU A 1 50  ? 0.451   15.412  8.014   1.00 16.94 ? 67  LEU A CA  1 
ATOM   371  C C   . LEU A 1 50  ? -0.476  15.242  9.211   1.00 16.22 ? 67  LEU A C   1 
ATOM   372  O O   . LEU A 1 50  ? -0.139  15.689  10.303  1.00 17.09 ? 67  LEU A O   1 
ATOM   373  C CB  . LEU A 1 50  ? 0.811   14.056  7.411   1.00 12.43 ? 67  LEU A CB  1 
ATOM   374  C CG  . LEU A 1 50  ? 1.756   14.155  6.215   1.00 14.67 ? 67  LEU A CG  1 
ATOM   375  C CD1 . LEU A 1 50  ? 2.309   12.791  5.876   1.00 11.67 ? 67  LEU A CD1 1 
ATOM   376  C CD2 . LEU A 1 50  ? 1.031   14.753  5.012   1.00 14.92 ? 67  LEU A CD2 1 
ATOM   377  N N   . GLU A 1 51  ? -1.636  14.613  9.020   1.00 11.94 ? 68  GLU A N   1 
ATOM   378  C CA  . GLU A 1 51  ? -2.557  14.428  10.141  1.00 13.09 ? 68  GLU A CA  1 
ATOM   379  C C   . GLU A 1 51  ? -1.907  13.484  11.144  1.00 14.88 ? 68  GLU A C   1 
ATOM   380  O O   . GLU A 1 51  ? -1.172  12.571  10.760  1.00 13.09 ? 68  GLU A O   1 
ATOM   381  C CB  . GLU A 1 51  ? -3.919  13.877  9.697   1.00 15.92 ? 68  GLU A CB  1 
ATOM   382  C CG  . GLU A 1 51  ? -4.766  14.809  8.819   1.00 23.39 ? 68  GLU A CG  1 
ATOM   383  C CD  . GLU A 1 51  ? -5.316  16.057  9.546   1.00 32.89 ? 68  GLU A CD  1 
ATOM   384  O OE1 . GLU A 1 51  ? -5.185  16.177  10.791  1.00 25.04 ? 68  GLU A OE1 1 
ATOM   385  O OE2 . GLU A 1 51  ? -5.890  16.931  8.853   1.00 36.03 ? 68  GLU A OE2 1 
ATOM   386  N N   . GLN A 1 52  ? -2.157  13.736  12.425  1.00 11.30 ? 69  GLN A N   1 
ATOM   387  C CA  . GLN A 1 52  ? -1.688  12.878  13.507  1.00 11.05 ? 69  GLN A CA  1 
ATOM   388  C C   . GLN A 1 52  ? -2.835  11.960  13.871  1.00 9.72  ? 69  GLN A C   1 
ATOM   389  O O   . GLN A 1 52  ? -3.965  12.252  13.519  1.00 11.18 ? 69  GLN A O   1 
ATOM   390  C CB  . GLN A 1 52  ? -1.329  13.736  14.729  1.00 15.04 ? 69  GLN A CB  1 
ATOM   391  C CG  . GLN A 1 52  ? -0.326  14.845  14.436  1.00 16.44 ? 69  GLN A CG  1 
ATOM   392  C CD  . GLN A 1 52  ? 0.998   14.295  13.971  1.00 19.34 ? 69  GLN A CD  1 
ATOM   393  O OE1 . GLN A 1 52  ? 1.717   13.657  14.739  1.00 27.79 ? 69  GLN A OE1 1 
ATOM   394  N NE2 . GLN A 1 52  ? 1.326   14.521  12.700  1.00 18.63 ? 69  GLN A NE2 1 
ATOM   395  N N   . GLY A 1 53  ? -2.558  10.859  14.567  1.00 7.81  ? 70  GLY A N   1 
ATOM   396  C CA  . GLY A 1 53  ? -3.618  10.014  15.084  1.00 8.23  ? 70  GLY A CA  1 
ATOM   397  C C   . GLY A 1 53  ? -4.233  9.029   14.108  1.00 10.32 ? 70  GLY A C   1 
ATOM   398  O O   . GLY A 1 53  ? -5.227  8.375   14.431  1.00 12.32 ? 70  GLY A O   1 
ATOM   399  N N   . ARG A 1 54  ? -3.643  8.911   12.921  1.00 6.96  ? 71  ARG A N   1 
ATOM   400  C CA  . ARG A 1 54  ? -4.209  8.052   11.878  1.00 7.43  ? 71  ARG A CA  1 
ATOM   401  C C   . ARG A 1 54  ? -3.265  6.921   11.473  1.00 6.46  ? 71  ARG A C   1 
ATOM   402  O O   . ARG A 1 54  ? -3.598  6.108   10.621  1.00 8.58  ? 71  ARG A O   1 
ATOM   403  C CB  . ARG A 1 54  ? -4.577  8.890   10.641  1.00 7.80  ? 71  ARG A CB  1 
ATOM   404  C CG  . ARG A 1 54  ? -5.559  10.028  10.921  1.00 9.42  ? 71  ARG A CG  1 
ATOM   405  C CD  . ARG A 1 54  ? -6.031  10.713  9.624   1.00 10.53 ? 71  ARG A CD  1 
ATOM   406  N NE  . ARG A 1 54  ? -7.061  9.956   8.901   1.00 8.68  ? 71  ARG A NE  1 
ATOM   407  C CZ  . ARG A 1 54  ? -8.369  10.150  9.053   1.00 12.47 ? 71  ARG A CZ  1 
ATOM   408  N NH1 . ARG A 1 54  ? -9.237  9.440   8.346   1.00 7.50  ? 71  ARG A NH1 1 
ATOM   409  N NH2 . ARG A 1 54  ? -8.811  11.058  9.919   1.00 10.70 ? 71  ARG A NH2 1 
ATOM   410  N N   . GLY A 1 55  ? -2.082  6.884   12.080  1.00 7.33  ? 72  GLY A N   1 
ATOM   411  C CA  . GLY A 1 55  ? -1.070  5.901   11.723  1.00 10.34 ? 72  GLY A CA  1 
ATOM   412  C C   . GLY A 1 55  ? 0.161   6.563   11.128  1.00 11.96 ? 72  GLY A C   1 
ATOM   413  O O   . GLY A 1 55  ? 0.146   7.754   10.851  1.00 11.03 ? 72  GLY A O   1 
ATOM   414  N N   . ASP A 1 56  ? 1.229   5.794   10.943  1.00 9.83  ? 73  ASP A N   1 
ATOM   415  C CA  . ASP A 1 56  ? 2.466   6.317   10.374  1.00 12.30 ? 73  ASP A CA  1 
ATOM   416  C C   . ASP A 1 56  ? 2.378   6.406   8.854   1.00 10.42 ? 73  ASP A C   1 
ATOM   417  O O   . ASP A 1 56  ? 2.023   5.428   8.189   1.00 9.40  ? 73  ASP A O   1 
ATOM   418  C CB  . ASP A 1 56  ? 3.653   5.444   10.782  1.00 16.23 ? 73  ASP A CB  1 
ATOM   419  C CG  . ASP A 1 56  ? 3.740   5.254   12.290  1.00 28.32 ? 73  ASP A CG  1 
ATOM   420  O OD1 . ASP A 1 56  ? 3.353   6.188   13.030  1.00 27.26 ? 73  ASP A OD1 1 
ATOM   421  O OD2 . ASP A 1 56  ? 4.188   4.175   12.733  1.00 30.94 ? 73  ASP A OD2 1 
ATOM   422  N N   . PRO A 1 57  ? 2.702   7.584   8.299   1.00 8.22  ? 74  PRO A N   1 
ATOM   423  C CA  . PRO A 1 57  ? 2.620   7.772   6.849   1.00 8.58  ? 74  PRO A CA  1 
ATOM   424  C C   . PRO A 1 57  ? 3.799   7.114   6.153   1.00 9.97  ? 74  PRO A C   1 
ATOM   425  O O   . PRO A 1 57  ? 4.963   7.323   6.520   1.00 8.71  ? 74  PRO A O   1 
ATOM   426  C CB  . PRO A 1 57  ? 2.636   9.293   6.682   1.00 8.37  ? 74  PRO A CB  1 
ATOM   427  C CG  . PRO A 1 57  ? 3.289   9.804   7.903   1.00 13.60 ? 74  PRO A CG  1 
ATOM   428  C CD  . PRO A 1 57  ? 2.992   8.840   9.012   1.00 12.57 ? 74  PRO A CD  1 
ATOM   429  N N   . ILE A 1 58  ? 3.492   6.269   5.180   1.00 4.64  ? 75  ILE A N   1 
ATOM   430  C CA  . ILE A 1 58  ? 4.530   5.537   4.473   1.00 5.47  ? 75  ILE A CA  1 
ATOM   431  C C   . ILE A 1 58  ? 4.372   5.673   2.969   1.00 7.12  ? 75  ILE A C   1 
ATOM   432  O O   . ILE A 1 58  ? 3.259   5.839   2.452   1.00 7.29  ? 75  ILE A O   1 
ATOM   433  C CB  . ILE A 1 58  ? 4.546   4.009   4.831   1.00 6.89  ? 75  ILE A CB  1 
ATOM   434  C CG1 . ILE A 1 58  ? 3.169   3.371   4.601   1.00 6.70  ? 75  ILE A CG1 1 
ATOM   435  C CG2 . ILE A 1 58  ? 5.013   3.783   6.283   1.00 7.68  ? 75  ILE A CG2 1 
ATOM   436  C CD1 . ILE A 1 58  ? 3.171   1.816   4.560   1.00 5.55  ? 75  ILE A CD1 1 
ATOM   437  N N   . TYR A 1 59  ? 5.504   5.609   2.278   1.00 5.84  ? 76  TYR A N   1 
ATOM   438  C CA  . TYR A 1 59  ? 5.541   5.383   0.840   1.00 7.32  ? 76  TYR A CA  1 
ATOM   439  C C   . TYR A 1 59  ? 5.546   3.884   0.637   1.00 9.66  ? 76  TYR A C   1 
ATOM   440  O O   . TYR A 1 59  ? 6.172   3.138   1.395   1.00 8.63  ? 76  TYR A O   1 
ATOM   441  C CB  . TYR A 1 59  ? 6.788   6.015   0.199   1.00 6.53  ? 76  TYR A CB  1 
ATOM   442  C CG  . TYR A 1 59  ? 6.784   7.536   0.232   1.00 10.26 ? 76  TYR A CG  1 
ATOM   443  C CD1 . TYR A 1 59  ? 5.890   8.266   -0.558  1.00 8.59  ? 76  TYR A CD1 1 
ATOM   444  C CD2 . TYR A 1 59  ? 7.662   8.241   1.049   1.00 10.23 ? 76  TYR A CD2 1 
ATOM   445  C CE1 . TYR A 1 59  ? 5.878   9.642   -0.540  1.00 10.27 ? 76  TYR A CE1 1 
ATOM   446  C CE2 . TYR A 1 59  ? 7.658   9.634   1.078   1.00 8.65  ? 76  TYR A CE2 1 
ATOM   447  C CZ  . TYR A 1 59  ? 6.755   10.326  0.284   1.00 15.43 ? 76  TYR A CZ  1 
ATOM   448  O OH  . TYR A 1 59  ? 6.720   11.702  0.286   1.00 13.59 ? 76  TYR A OH  1 
ATOM   449  N N   . LEU A 1 60  ? 4.846   3.440   -0.392  1.00 7.62  ? 77  LEU A N   1 
ATOM   450  C CA  . LEU A 1 60  ? 4.593   2.021   -0.585  1.00 9.25  ? 77  LEU A CA  1 
ATOM   451  C C   . LEU A 1 60  ? 4.806   1.661   -2.057  1.00 12.57 ? 77  LEU A C   1 
ATOM   452  O O   . LEU A 1 60  ? 4.205   2.259   -2.957  1.00 11.95 ? 77  LEU A O   1 
ATOM   453  C CB  . LEU A 1 60  ? 3.165   1.706   -0.144  1.00 11.42 ? 77  LEU A CB  1 
ATOM   454  C CG  . LEU A 1 60  ? 2.662   0.276   -0.197  1.00 11.02 ? 77  LEU A CG  1 
ATOM   455  C CD1 . LEU A 1 60  ? 3.508   -0.585  0.698   1.00 15.03 ? 77  LEU A CD1 1 
ATOM   456  C CD2 . LEU A 1 60  ? 1.207   0.228   0.231   1.00 12.36 ? 77  LEU A CD2 1 
ATOM   457  N N   . GLY A 1 61  ? 5.681   0.697   -2.306  1.00 9.69  ? 78  GLY A N   1 
ATOM   458  C CA  . GLY A 1 61  ? 6.039   0.369   -3.666  1.00 10.27 ? 78  GLY A CA  1 
ATOM   459  C C   . GLY A 1 61  ? 6.315   -1.108  -3.830  1.00 13.21 ? 78  GLY A C   1 
ATOM   460  O O   . GLY A 1 61  ? 6.145   -1.889  -2.889  1.00 13.00 ? 78  GLY A O   1 
ATOM   461  N N   . ILE A 1 62  ? 6.699   -1.491  -5.041  1.00 10.11 ? 79  ILE A N   1 
ATOM   462  C CA  . ILE A 1 62  ? 7.110   -2.857  -5.325  1.00 13.00 ? 79  ILE A CA  1 
ATOM   463  C C   . ILE A 1 62  ? 8.466   -2.798  -6.003  1.00 17.03 ? 79  ILE A C   1 
ATOM   464  O O   . ILE A 1 62  ? 8.887   -1.740  -6.468  1.00 16.40 ? 79  ILE A O   1 
ATOM   465  C CB  . ILE A 1 62  ? 6.111   -3.601  -6.231  1.00 12.13 ? 79  ILE A CB  1 
ATOM   466  C CG1 . ILE A 1 62  ? 6.014   -2.913  -7.601  1.00 16.17 ? 79  ILE A CG1 1 
ATOM   467  C CG2 . ILE A 1 62  ? 4.746   -3.728  -5.541  1.00 10.49 ? 79  ILE A CG2 1 
ATOM   468  C CD1 . ILE A 1 62  ? 5.330   -3.748  -8.663  1.00 23.06 ? 79  ILE A CD1 1 
ATOM   469  N N   . GLN A 1 63  ? 9.153   -3.929  -6.045  1.00 16.49 ? 80  GLN A N   1 
ATOM   470  C CA  . GLN A 1 63  ? 10.478  -3.990  -6.646  1.00 22.84 ? 80  GLN A CA  1 
ATOM   471  C C   . GLN A 1 63  ? 10.482  -5.037  -7.745  1.00 22.69 ? 80  GLN A C   1 
ATOM   472  O O   . GLN A 1 63  ? 9.693   -5.975  -7.701  1.00 24.74 ? 80  GLN A O   1 
ATOM   473  C CB  . GLN A 1 63  ? 11.538  -4.309  -5.585  1.00 18.68 ? 80  GLN A CB  1 
ATOM   474  C CG  . GLN A 1 63  ? 11.768  -3.169  -4.585  1.00 18.93 ? 80  GLN A CG  1 
ATOM   475  C CD  . GLN A 1 63  ? 12.999  -3.389  -3.719  1.00 24.63 ? 80  GLN A CD  1 
ATOM   476  O OE1 . GLN A 1 63  ? 13.605  -4.455  -3.757  1.00 28.96 ? 80  GLN A OE1 1 
ATOM   477  N NE2 . GLN A 1 63  ? 13.371  -2.382  -2.939  1.00 23.29 ? 80  GLN A NE2 1 
ATOM   478  N N   . ASN A 1 64  ? 11.359  -4.865  -8.732  1.00 24.74 ? 81  ASN A N   1 
ATOM   479  C CA  . ASN A 1 64  ? 11.467  -5.807  -9.844  1.00 28.33 ? 81  ASN A CA  1 
ATOM   480  C C   . ASN A 1 64  ? 10.122  -6.105  -10.494 1.00 26.72 ? 81  ASN A C   1 
ATOM   481  O O   . ASN A 1 64  ? 9.620   -7.225  -10.385 1.00 30.32 ? 81  ASN A O   1 
ATOM   482  C CB  . ASN A 1 64  ? 12.094  -7.117  -9.360  1.00 32.25 ? 81  ASN A CB  1 
ATOM   483  C CG  . ASN A 1 64  ? 13.474  -6.916  -8.762  1.00 42.21 ? 81  ASN A CG  1 
ATOM   484  O OD1 . ASN A 1 64  ? 14.305  -6.188  -9.314  1.00 46.01 ? 81  ASN A OD1 1 
ATOM   485  N ND2 . ASN A 1 64  ? 13.724  -7.554  -7.621  1.00 43.82 ? 81  ASN A ND2 1 
ATOM   486  N N   . PRO A 1 65  ? 9.527   -5.110  -11.175 1.00 29.25 ? 82  PRO A N   1 
ATOM   487  C CA  . PRO A 1 65  ? 9.995   -3.747  -11.475 1.00 26.60 ? 82  PRO A CA  1 
ATOM   488  C C   . PRO A 1 65  ? 9.788   -2.716  -10.356 1.00 25.24 ? 82  PRO A C   1 
ATOM   489  O O   . PRO A 1 65  ? 8.936   -2.899  -9.488  1.00 23.39 ? 82  PRO A O   1 
ATOM   490  C CB  . PRO A 1 65  ? 9.136   -3.358  -12.677 1.00 29.77 ? 82  PRO A CB  1 
ATOM   491  C CG  . PRO A 1 65  ? 7.858   -4.099  -12.454 1.00 26.45 ? 82  PRO A CG  1 
ATOM   492  C CD  . PRO A 1 65  ? 8.248   -5.412  -11.845 1.00 26.62 ? 82  PRO A CD  1 
ATOM   493  N N   . GLU A 1 66  ? 10.561  -1.635  -10.387 1.00 19.01 ? 83  GLU A N   1 
ATOM   494  C CA  . GLU A 1 66  ? 10.439  -0.592  -9.374  1.00 24.18 ? 83  GLU A CA  1 
ATOM   495  C C   . GLU A 1 66  ? 9.259   0.325   -9.670  1.00 21.17 ? 83  GLU A C   1 
ATOM   496  O O   . GLU A 1 66  ? 9.310   1.145   -10.585 1.00 21.57 ? 83  GLU A O   1 
ATOM   497  C CB  . GLU A 1 66  ? 11.722  0.233   -9.280  1.00 21.08 ? 83  GLU A CB  1 
ATOM   498  N N   . MET A 1 67  ? 8.186   0.180   -8.901  1.00 16.26 ? 84  MET A N   1 
ATOM   499  C CA  . MET A 1 67  ? 7.021   1.044   -9.066  1.00 16.61 ? 84  MET A CA  1 
ATOM   500  C C   . MET A 1 67  ? 6.498   1.456   -7.701  1.00 19.49 ? 84  MET A C   1 
ATOM   501  O O   . MET A 1 67  ? 6.735   0.761   -6.726  1.00 16.71 ? 84  MET A O   1 
ATOM   502  C CB  . MET A 1 67  ? 5.919   0.308   -9.816  1.00 18.86 ? 84  MET A CB  1 
ATOM   503  C CG  . MET A 1 67  ? 6.414   -0.674  -10.841 1.00 23.10 ? 84  MET A CG  1 
ATOM   504  S SD  . MET A 1 67  ? 5.163   -0.990  -12.089 1.00 34.99 ? 84  MET A SD  1 
ATOM   505  C CE  . MET A 1 67  ? 4.928   0.662   -12.741 1.00 29.20 ? 84  MET A CE  1 
ATOM   506  N N   . CYS A 1 68  ? 5.789   2.581   -7.628  1.00 14.19 ? 85  CYS A N   1 
ATOM   507  C CA  . CYS A 1 68  ? 5.164   3.006   -6.377  1.00 13.09 ? 85  CYS A CA  1 
ATOM   508  C C   . CYS A 1 68  ? 3.648   3.104   -6.505  1.00 14.73 ? 85  CYS A C   1 
ATOM   509  O O   . CYS A 1 68  ? 3.133   3.470   -7.560  1.00 13.55 ? 85  CYS A O   1 
ATOM   510  C CB  . CYS A 1 68  ? 5.738   4.345   -5.909  1.00 14.76 ? 85  CYS A CB  1 
ATOM   511  S SG  . CYS A 1 68  ? 7.483   4.224   -5.440  1.00 23.58 ? 85  CYS A SG  1 
ATOM   512  N N   . LEU A 1 69  ? 2.939   2.760   -5.433  1.00 10.40 ? 86  LEU A N   1 
ATOM   513  C CA  . LEU A 1 69  ? 1.485   2.876   -5.406  1.00 10.52 ? 86  LEU A CA  1 
ATOM   514  C C   . LEU A 1 69  ? 1.079   4.336   -5.278  1.00 9.29  ? 86  LEU A C   1 
ATOM   515  O O   . LEU A 1 69  ? 1.720   5.103   -4.574  1.00 9.12  ? 86  LEU A O   1 
ATOM   516  C CB  . LEU A 1 69  ? 0.882   2.056   -4.258  1.00 10.17 ? 86  LEU A CB  1 
ATOM   517  C CG  . LEU A 1 69  ? 0.805   0.548   -4.487  1.00 13.10 ? 86  LEU A CG  1 
ATOM   518  C CD1 . LEU A 1 69  ? 0.245   -0.141  -3.261  1.00 12.71 ? 86  LEU A CD1 1 
ATOM   519  C CD2 . LEU A 1 69  ? -0.101  0.279   -5.657  1.00 12.94 ? 86  LEU A CD2 1 
ATOM   520  N N   . TYR A 1 70  ? -0.015  4.696   -5.940  1.00 9.20  ? 87  TYR A N   1 
ATOM   521  C CA  . TYR A 1 70  ? -0.391  6.086   -6.141  1.00 10.15 ? 87  TYR A CA  1 
ATOM   522  C C   . TYR A 1 70  ? -1.902  6.167   -6.197  1.00 10.46 ? 87  TYR A C   1 
ATOM   523  O O   . TYR A 1 70  ? -2.545  5.293   -6.767  1.00 10.01 ? 87  TYR A O   1 
ATOM   524  C CB  . TYR A 1 70  ? 0.209   6.561   -7.468  1.00 11.89 ? 87  TYR A CB  1 
ATOM   525  C CG  . TYR A 1 70  ? -0.163  7.957   -7.928  1.00 15.15 ? 87  TYR A CG  1 
ATOM   526  C CD1 . TYR A 1 70  ? 0.487   9.067   -7.410  1.00 13.56 ? 87  TYR A CD1 1 
ATOM   527  C CD2 . TYR A 1 70  ? -1.128  8.159   -8.917  1.00 15.09 ? 87  TYR A CD2 1 
ATOM   528  C CE1 . TYR A 1 70  ? 0.186   10.344  -7.845  1.00 16.95 ? 87  TYR A CE1 1 
ATOM   529  C CE2 . TYR A 1 70  ? -1.444  9.448   -9.356  1.00 17.48 ? 87  TYR A CE2 1 
ATOM   530  C CZ  . TYR A 1 70  ? -0.779  10.531  -8.809  1.00 17.93 ? 87  TYR A CZ  1 
ATOM   531  O OH  . TYR A 1 70  ? -1.051  11.820  -9.213  1.00 16.26 ? 87  TYR A OH  1 
ATOM   532  N N   . CYS A 1 71  ? -2.466  7.203   -5.587  1.00 9.33  ? 88  CYS A N   1 
ATOM   533  C CA  . CYS A 1 71  ? -3.905  7.427   -5.642  1.00 11.98 ? 88  CYS A CA  1 
ATOM   534  C C   . CYS A 1 71  ? -4.198  8.501   -6.684  1.00 14.07 ? 88  CYS A C   1 
ATOM   535  O O   . CYS A 1 71  ? -3.866  9.670   -6.500  1.00 12.97 ? 88  CYS A O   1 
ATOM   536  C CB  . CYS A 1 71  ? -4.455  7.860   -4.285  1.00 11.97 ? 88  CYS A CB  1 
ATOM   537  S SG  . CYS A 1 71  ? -4.041  6.735   -2.962  1.00 12.24 ? 88  CYS A SG  1 
ATOM   538  N N   . GLU A 1 72  ? -4.810  8.079   -7.782  1.00 17.64 ? 89  GLU A N   1 
ATOM   539  C CA  . GLU A 1 72  ? -5.044  8.933   -8.935  1.00 17.87 ? 89  GLU A CA  1 
ATOM   540  C C   . GLU A 1 72  ? -6.445  9.523   -8.871  1.00 23.42 ? 89  GLU A C   1 
ATOM   541  O O   . GLU A 1 72  ? -7.383  8.884   -8.384  1.00 15.27 ? 89  GLU A O   1 
ATOM   542  C CB  . GLU A 1 72  ? -4.885  8.115   -10.220 1.00 23.60 ? 89  GLU A CB  1 
ATOM   543  C CG  . GLU A 1 72  ? -5.149  8.888   -11.501 1.00 31.15 ? 89  GLU A CG  1 
ATOM   544  C CD  . GLU A 1 72  ? -4.835  8.078   -12.744 1.00 36.57 ? 89  GLU A CD  1 
ATOM   545  O OE1 . GLU A 1 72  ? -3.811  8.375   -13.408 1.00 38.79 ? 89  GLU A OE1 1 
ATOM   546  O OE2 . GLU A 1 72  ? -5.611  7.147   -13.053 1.00 38.97 ? 89  GLU A OE2 1 
ATOM   547  N N   . LYS A 1 73  ? -6.589  10.741  -9.389  1.00 23.82 ? 90  LYS A N   1 
ATOM   548  C CA  . LYS A 1 73  ? -7.872  11.433  -9.361  1.00 21.69 ? 90  LYS A CA  1 
ATOM   549  C C   . LYS A 1 73  ? -8.203  12.070  -10.720 1.00 26.51 ? 90  LYS A C   1 
ATOM   550  O O   . LYS A 1 73  ? -8.209  13.298  -10.853 1.00 26.30 ? 90  LYS A O   1 
ATOM   551  C CB  . LYS A 1 73  ? -7.860  12.502  -8.268  1.00 17.69 ? 90  LYS A CB  1 
ATOM   552  C CG  . LYS A 1 73  ? -9.235  13.084  -7.929  1.00 24.33 ? 90  LYS A CG  1 
ATOM   553  C CD  . LYS A 1 73  ? -10.222 12.012  -7.470  1.00 20.94 ? 90  LYS A CD  1 
ATOM   554  C CE  . LYS A 1 73  ? -11.440 12.649  -6.821  1.00 22.29 ? 90  LYS A CE  1 
ATOM   555  N NZ  . LYS A 1 73  ? -12.027 13.711  -7.701  1.00 20.59 ? 90  LYS A NZ  1 
ATOM   556  N N   . VAL A 1 74  ? -8.465  11.239  -11.729 1.00 28.79 ? 91  VAL A N   1 
ATOM   557  C CA  . VAL A 1 74  ? -8.900  11.748  -13.032 1.00 30.67 ? 91  VAL A CA  1 
ATOM   558  C C   . VAL A 1 74  ? -10.419 11.753  -13.127 1.00 29.19 ? 91  VAL A C   1 
ATOM   559  O O   . VAL A 1 74  ? -11.006 12.618  -13.780 1.00 36.37 ? 91  VAL A O   1 
ATOM   560  C CB  . VAL A 1 74  ? -8.291  10.963  -14.239 1.00 33.42 ? 91  VAL A CB  1 
ATOM   561  C CG1 . VAL A 1 74  ? -6.780  10.981  -14.174 1.00 33.41 ? 91  VAL A CG1 1 
ATOM   562  C CG2 . VAL A 1 74  ? -8.815  9.529   -14.307 1.00 35.31 ? 91  VAL A CG2 1 
ATOM   563  N N   . GLY A 1 75  ? -11.050 10.789  -12.463 1.00 25.68 ? 92  GLY A N   1 
ATOM   564  C CA  . GLY A 1 75  ? -12.494 10.676  -12.471 1.00 25.10 ? 92  GLY A CA  1 
ATOM   565  C C   . GLY A 1 75  ? -13.092 11.153  -11.166 1.00 22.94 ? 92  GLY A C   1 
ATOM   566  O O   . GLY A 1 75  ? -12.479 11.938  -10.443 1.00 25.54 ? 92  GLY A O   1 
ATOM   567  N N   . GLU A 1 76  ? -14.287 10.667  -10.856 1.00 21.55 ? 93  GLU A N   1 
ATOM   568  C CA  . GLU A 1 76  ? -15.010 11.099  -9.663  1.00 21.43 ? 93  GLU A CA  1 
ATOM   569  C C   . GLU A 1 76  ? -14.406 10.564  -8.358  1.00 23.34 ? 93  GLU A C   1 
ATOM   570  O O   . GLU A 1 76  ? -14.393 11.244  -7.324  1.00 25.06 ? 93  GLU A O   1 
ATOM   571  C CB  . GLU A 1 76  ? -16.473 10.659  -9.771  1.00 29.15 ? 93  GLU A CB  1 
ATOM   572  C CG  . GLU A 1 76  ? -17.284 10.857  -8.499  1.00 29.40 ? 93  GLU A CG  1 
ATOM   573  C CD  . GLU A 1 76  ? -17.388 12.316  -8.086  1.00 41.30 ? 93  GLU A CD  1 
ATOM   574  O OE1 . GLU A 1 76  ? -17.285 13.201  -8.967  1.00 42.80 ? 93  GLU A OE1 1 
ATOM   575  O OE2 . GLU A 1 76  ? -17.575 12.577  -6.877  1.00 49.94 ? 93  GLU A OE2 1 
ATOM   576  N N   . GLN A 1 77  ? -13.905 9.342   -8.414  1.00 20.64 ? 94  GLN A N   1 
ATOM   577  C CA  . GLN A 1 77  ? -13.355 8.690   -7.232  1.00 23.32 ? 94  GLN A CA  1 
ATOM   578  C C   . GLN A 1 77  ? -11.863 8.458   -7.392  1.00 21.64 ? 94  GLN A C   1 
ATOM   579  O O   . GLN A 1 77  ? -11.372 8.270   -8.509  1.00 21.43 ? 94  GLN A O   1 
ATOM   580  C CB  . GLN A 1 77  ? -14.059 7.356   -7.011  1.00 16.11 ? 94  GLN A CB  1 
ATOM   581  C CG  . GLN A 1 77  ? -15.547 7.495   -6.778  1.00 20.71 ? 94  GLN A CG  1 
ATOM   582  C CD  . GLN A 1 77  ? -16.235 6.156   -6.599  1.00 30.24 ? 94  GLN A CD  1 
ATOM   583  O OE1 . GLN A 1 77  ? -15.644 5.096   -6.850  1.00 31.69 ? 94  GLN A OE1 1 
ATOM   584  N NE2 . GLN A 1 77  ? -17.487 6.194   -6.164  1.00 27.92 ? 94  GLN A NE2 1 
ATOM   585  N N   . PRO A 1 78  ? -11.128 8.474   -6.274  1.00 18.85 ? 95  PRO A N   1 
ATOM   586  C CA  . PRO A 1 78  ? -9.705  8.159   -6.386  1.00 16.03 ? 95  PRO A CA  1 
ATOM   587  C C   . PRO A 1 78  ? -9.554  6.672   -6.696  1.00 17.64 ? 95  PRO A C   1 
ATOM   588  O O   . PRO A 1 78  ? -10.363 5.878   -6.234  1.00 15.36 ? 95  PRO A O   1 
ATOM   589  C CB  . PRO A 1 78  ? -9.175  8.465   -4.983  1.00 18.65 ? 95  PRO A CB  1 
ATOM   590  C CG  . PRO A 1 78  ? -10.339 8.223   -4.086  1.00 14.33 ? 95  PRO A CG  1 
ATOM   591  C CD  . PRO A 1 78  ? -11.552 8.654   -4.873  1.00 15.76 ? 95  PRO A CD  1 
ATOM   592  N N   . THR A 1 79  ? -8.547  6.305   -7.480  1.00 16.28 ? 96  THR A N   1 
ATOM   593  C CA  . THR A 1 79  ? -8.293  4.902   -7.760  1.00 14.69 ? 96  THR A CA  1 
ATOM   594  C C   . THR A 1 79  ? -6.818  4.595   -7.528  1.00 14.57 ? 96  THR A C   1 
ATOM   595  O O   . THR A 1 79  ? -5.959  5.468   -7.658  1.00 14.53 ? 96  THR A O   1 
ATOM   596  C CB  . THR A 1 79  ? -8.660  4.524   -9.207  1.00 18.27 ? 96  THR A CB  1 
ATOM   597  O OG1 . THR A 1 79  ? -7.764  5.178   -10.110 1.00 23.51 ? 96  THR A OG1 1 
ATOM   598  C CG2 . THR A 1 79  ? -10.101 4.936   -9.540  1.00 17.36 ? 96  THR A CG2 1 
ATOM   599  N N   . LEU A 1 80  ? -6.526  3.348   -7.193  1.00 10.69 ? 97  LEU A N   1 
ATOM   600  C CA  . LEU A 1 80  ? -5.154  2.931   -6.900  1.00 12.48 ? 97  LEU A CA  1 
ATOM   601  C C   . LEU A 1 80  ? -4.410  2.588   -8.185  1.00 15.88 ? 97  LEU A C   1 
ATOM   602  O O   . LEU A 1 80  ? -4.884  1.774   -8.962  1.00 12.67 ? 97  LEU A O   1 
ATOM   603  C CB  . LEU A 1 80  ? -5.189  1.708   -5.985  1.00 11.63 ? 97  LEU A CB  1 
ATOM   604  C CG  . LEU A 1 80  ? -3.870  1.189   -5.413  1.00 14.97 ? 97  LEU A CG  1 
ATOM   605  C CD1 . LEU A 1 80  ? -3.288  2.244   -4.481  1.00 9.32  ? 97  LEU A CD1 1 
ATOM   606  C CD2 . LEU A 1 80  ? -4.114  -0.124  -4.684  1.00 10.48 ? 97  LEU A CD2 1 
ATOM   607  N N   . GLN A 1 81  ? -3.254  3.204   -8.412  1.00 11.32 ? 98  GLN A N   1 
ATOM   608  C CA  . GLN A 1 81  ? -2.485  2.936   -9.628  1.00 14.62 ? 98  GLN A CA  1 
ATOM   609  C C   . GLN A 1 81  ? -1.055  2.605   -9.277  1.00 12.82 ? 98  GLN A C   1 
ATOM   610  O O   . GLN A 1 81  ? -0.575  2.996   -8.216  1.00 13.15 ? 98  GLN A O   1 
ATOM   611  C CB  . GLN A 1 81  ? -2.468  4.164   -10.548 1.00 16.95 ? 98  GLN A CB  1 
ATOM   612  C CG  . GLN A 1 81  ? -3.838  4.706   -10.893 1.00 21.49 ? 98  GLN A CG  1 
ATOM   613  C CD  . GLN A 1 81  ? -4.636  3.740   -11.728 1.00 25.70 ? 98  GLN A CD  1 
ATOM   614  O OE1 . GLN A 1 81  ? -4.074  2.962   -12.511 1.00 27.89 ? 98  GLN A OE1 1 
ATOM   615  N NE2 . GLN A 1 81  ? -5.953  3.764   -11.558 1.00 26.10 ? 98  GLN A NE2 1 
ATOM   616  N N   . LEU A 1 82  ? -0.376  1.893   -10.169 1.00 11.63 ? 99  LEU A N   1 
ATOM   617  C CA  . LEU A 1 82  ? 1.069   1.717   -10.079 1.00 16.14 ? 99  LEU A CA  1 
ATOM   618  C C   . LEU A 1 82  ? 1.779   2.678   -11.039 1.00 19.00 ? 99  LEU A C   1 
ATOM   619  O O   . LEU A 1 82  ? 1.466   2.714   -12.222 1.00 22.47 ? 99  LEU A O   1 
ATOM   620  C CB  . LEU A 1 82  ? 1.447   0.275   -10.430 1.00 17.83 ? 99  LEU A CB  1 
ATOM   621  C CG  . LEU A 1 82  ? 1.315   -0.776  -9.335  1.00 22.06 ? 99  LEU A CG  1 
ATOM   622  C CD1 . LEU A 1 82  ? 1.604   -2.150  -9.912  1.00 23.64 ? 99  LEU A CD1 1 
ATOM   623  C CD2 . LEU A 1 82  ? 2.273   -0.465  -8.181  1.00 15.77 ? 99  LEU A CD2 1 
ATOM   624  N N   . LYS A 1 83  ? 2.736   3.449   -10.533 1.00 13.98 ? 100 LYS A N   1 
ATOM   625  C CA  . LYS A 1 83  ? 3.483   4.394   -11.357 1.00 17.48 ? 100 LYS A CA  1 
ATOM   626  C C   . LYS A 1 83  ? 4.945   3.998   -11.369 1.00 20.92 ? 100 LYS A C   1 
ATOM   627  O O   . LYS A 1 83  ? 5.492   3.603   -10.336 1.00 14.36 ? 100 LYS A O   1 
ATOM   628  C CB  . LYS A 1 83  ? 3.384   5.810   -10.779 1.00 18.37 ? 100 LYS A CB  1 
ATOM   629  C CG  . LYS A 1 83  ? 1.998   6.428   -10.800 1.00 20.45 ? 100 LYS A CG  1 
ATOM   630  C CD  . LYS A 1 83  ? 1.708   7.079   -12.141 1.00 27.53 ? 100 LYS A CD  1 
ATOM   631  C CE  . LYS A 1 83  ? 0.307   7.672   -12.158 1.00 33.61 ? 100 LYS A CE  1 
ATOM   632  N NZ  . LYS A 1 83  ? -0.063  8.187   -13.504 1.00 30.12 ? 100 LYS A NZ  1 
ATOM   633  N N   . GLU A 1 84  ? 5.585   4.120   -12.528 1.00 23.63 ? 101 GLU A N   1 
ATOM   634  C CA  . GLU A 1 84  ? 7.031   3.968   -12.601 1.00 19.71 ? 101 GLU A CA  1 
ATOM   635  C C   . GLU A 1 84  ? 7.658   5.128   -11.849 1.00 26.68 ? 101 GLU A C   1 
ATOM   636  O O   . GLU A 1 84  ? 7.607   6.292   -12.274 1.00 25.08 ? 101 GLU A O   1 
ATOM   637  C CB  . GLU A 1 84  ? 7.530   3.934   -14.049 1.00 27.81 ? 101 GLU A CB  1 
ATOM   638  C CG  . GLU A 1 84  ? 8.995   3.522   -14.145 1.00 34.72 ? 101 GLU A CG  1 
ATOM   639  C CD  . GLU A 1 84  ? 9.548   3.590   -15.561 1.00 47.41 ? 101 GLU A CD  1 
ATOM   640  O OE1 . GLU A 1 84  ? 10.727  3.220   -15.749 1.00 52.03 ? 101 GLU A OE1 1 
ATOM   641  O OE2 . GLU A 1 84  ? 8.813   4.014   -16.482 1.00 39.17 ? 101 GLU A OE2 1 
ATOM   642  N N   . GLN A 1 85  ? 8.261   4.801   -10.720 1.00 22.30 ? 102 GLN A N   1 
ATOM   643  C CA  . GLN A 1 85  ? 8.660   5.808   -9.773  1.00 24.75 ? 102 GLN A CA  1 
ATOM   644  C C   . GLN A 1 85  ? 9.670   5.173   -8.840  1.00 23.91 ? 102 GLN A C   1 
ATOM   645  O O   . GLN A 1 85  ? 9.533   4.009   -8.469  1.00 25.55 ? 102 GLN A O   1 
ATOM   646  C CB  . GLN A 1 85  ? 7.426   6.260   -8.993  1.00 22.38 ? 102 GLN A CB  1 
ATOM   647  C CG  . GLN A 1 85  ? 7.707   7.269   -7.911  1.00 23.66 ? 102 GLN A CG  1 
ATOM   648  C CD  . GLN A 1 85  ? 8.207   8.569   -8.481  1.00 33.06 ? 102 GLN A CD  1 
ATOM   649  O OE1 . GLN A 1 85  ? 7.549   9.189   -9.330  1.00 34.82 ? 102 GLN A OE1 1 
ATOM   650  N NE2 . GLN A 1 85  ? 9.389   8.988   -8.038  1.00 30.72 ? 102 GLN A NE2 1 
ATOM   651  N N   . LYS A 1 86  ? 10.698  5.927   -8.481  1.00 22.58 ? 103 LYS A N   1 
ATOM   652  C CA  . LYS A 1 86  ? 11.668  5.436   -7.523  1.00 25.89 ? 103 LYS A CA  1 
ATOM   653  C C   . LYS A 1 86  ? 11.209  5.808   -6.125  1.00 19.60 ? 103 LYS A C   1 
ATOM   654  O O   . LYS A 1 86  ? 10.956  6.978   -5.828  1.00 16.74 ? 103 LYS A O   1 
ATOM   655  C CB  . LYS A 1 86  ? 13.065  5.975   -7.824  1.00 22.41 ? 103 LYS A CB  1 
ATOM   656  C CG  . LYS A 1 86  ? 13.678  5.324   -9.045  1.00 31.85 ? 103 LYS A CG  1 
ATOM   657  C CD  . LYS A 1 86  ? 14.354  6.345   -9.942  1.00 40.77 ? 103 LYS A CD  1 
ATOM   658  C CE  . LYS A 1 86  ? 15.760  6.651   -9.470  1.00 45.72 ? 103 LYS A CE  1 
ATOM   659  N NZ  . LYS A 1 86  ? 16.408  7.702   -10.314 1.00 49.05 ? 103 LYS A NZ  1 
ATOM   660  N N   . ILE A 1 87  ? 11.082  4.801   -5.273  1.00 17.76 ? 104 ILE A N   1 
ATOM   661  C CA  . ILE A 1 87  ? 10.642  5.050   -3.912  1.00 16.31 ? 104 ILE A CA  1 
ATOM   662  C C   . ILE A 1 87  ? 11.592  6.014   -3.183  1.00 14.77 ? 104 ILE A C   1 
ATOM   663  O O   . ILE A 1 87  ? 11.147  6.850   -2.395  1.00 12.38 ? 104 ILE A O   1 
ATOM   664  C CB  . ILE A 1 87  ? 10.402  3.732   -3.131  1.00 19.19 ? 104 ILE A CB  1 
ATOM   665  C CG1 . ILE A 1 87  ? 9.603   4.004   -1.852  1.00 19.94 ? 104 ILE A CG1 1 
ATOM   666  C CG2 . ILE A 1 87  ? 11.715  3.007   -2.847  1.00 18.19 ? 104 ILE A CG2 1 
ATOM   667  C CD1 . ILE A 1 87  ? 8.952   2.749   -1.264  1.00 14.10 ? 104 ILE A CD1 1 
ATOM   668  N N   . MET A 1 88  ? 12.889  5.927   -3.471  1.00 15.94 ? 105 MET A N   1 
ATOM   669  C CA  . MET A 1 88  ? 13.857  6.807   -2.819  1.00 16.16 ? 105 MET A CA  1 
ATOM   670  C C   . MET A 1 88  ? 13.800  8.253   -3.332  1.00 18.47 ? 105 MET A C   1 
ATOM   671  O O   . MET A 1 88  ? 14.257  9.169   -2.645  1.00 19.88 ? 105 MET A O   1 
ATOM   672  C CB  . MET A 1 88  ? 15.281  6.244   -2.920  1.00 14.95 ? 105 MET A CB  1 
ATOM   673  C CG  . MET A 1 88  ? 15.504  4.960   -2.124  1.00 18.80 ? 105 MET A CG  1 
ATOM   674  S SD  . MET A 1 88  ? 15.088  5.111   -0.371  1.00 22.44 ? 105 MET A SD  1 
ATOM   675  C CE  . MET A 1 88  ? 16.371  6.249   0.167   1.00 22.84 ? 105 MET A CE  1 
ATOM   676  N N   . ASP A 1 89  ? 13.248  8.452   -4.533  1.00 18.84 ? 106 ASP A N   1 
ATOM   677  C CA  . ASP A 1 89  ? 12.918  9.798   -5.028  1.00 20.54 ? 106 ASP A CA  1 
ATOM   678  C C   . ASP A 1 89  ? 11.866  10.421  -4.133  1.00 16.34 ? 106 ASP A C   1 
ATOM   679  O O   . ASP A 1 89  ? 12.028  11.550  -3.657  1.00 18.66 ? 106 ASP A O   1 
ATOM   680  C CB  . ASP A 1 89  ? 12.372  9.744   -6.462  1.00 21.63 ? 106 ASP A CB  1 
ATOM   681  C CG  . ASP A 1 89  ? 11.658  11.055  -6.890  1.00 27.69 ? 106 ASP A CG  1 
ATOM   682  O OD1 . ASP A 1 89  ? 12.023  12.162  -6.421  1.00 25.68 ? 106 ASP A OD1 1 
ATOM   683  O OD2 . ASP A 1 89  ? 10.717  10.974  -7.714  1.00 27.81 ? 106 ASP A OD2 1 
ATOM   684  N N   . LEU A 1 90  ? 10.774  9.691   -3.922  1.00 14.92 ? 107 LEU A N   1 
ATOM   685  C CA  . LEU A 1 90  ? 9.714   10.160  -3.045  1.00 15.05 ? 107 LEU A CA  1 
ATOM   686  C C   . LEU A 1 90  ? 10.269  10.481  -1.656  1.00 14.07 ? 107 LEU A C   1 
ATOM   687  O O   . LEU A 1 90  ? 9.946   11.519  -1.068  1.00 14.77 ? 107 LEU A O   1 
ATOM   688  C CB  . LEU A 1 90  ? 8.599   9.120   -2.952  1.00 13.96 ? 107 LEU A CB  1 
ATOM   689  C CG  . LEU A 1 90  ? 7.898   8.757   -4.264  1.00 14.21 ? 107 LEU A CG  1 
ATOM   690  C CD1 . LEU A 1 90  ? 6.880   7.636   -4.039  1.00 11.73 ? 107 LEU A CD1 1 
ATOM   691  C CD2 . LEU A 1 90  ? 7.222   9.996   -4.861  1.00 16.22 ? 107 LEU A CD2 1 
ATOM   692  N N   . TYR A 1 91  ? 11.134  9.607   -1.152  1.00 14.82 ? 108 TYR A N   1 
ATOM   693  C CA  . TYR A 1 91  ? 11.675  9.778   0.194   1.00 15.71 ? 108 TYR A CA  1 
ATOM   694  C C   . TYR A 1 91  ? 12.562  11.015  0.247   1.00 16.02 ? 108 TYR A C   1 
ATOM   695  O O   . TYR A 1 91  ? 12.630  11.686  1.272   1.00 17.81 ? 108 TYR A O   1 
ATOM   696  C CB  . TYR A 1 91  ? 12.440  8.525   0.625   1.00 11.99 ? 108 TYR A CB  1 
ATOM   697  C CG  . TYR A 1 91  ? 13.027  8.557   2.021   1.00 13.06 ? 108 TYR A CG  1 
ATOM   698  C CD1 . TYR A 1 91  ? 12.215  8.525   3.153   1.00 13.13 ? 108 TYR A CD1 1 
ATOM   699  C CD2 . TYR A 1 91  ? 14.404  8.580   2.207   1.00 16.47 ? 108 TYR A CD2 1 
ATOM   700  C CE1 . TYR A 1 91  ? 12.772  8.539   4.440   1.00 17.62 ? 108 TYR A CE1 1 
ATOM   701  C CE2 . TYR A 1 91  ? 14.962  8.585   3.470   1.00 20.34 ? 108 TYR A CE2 1 
ATOM   702  C CZ  . TYR A 1 91  ? 14.150  8.566   4.580   1.00 22.26 ? 108 TYR A CZ  1 
ATOM   703  O OH  . TYR A 1 91  ? 14.735  8.572   5.824   1.00 27.28 ? 108 TYR A OH  1 
ATOM   704  N N   . GLY A 1 92  ? 13.202  11.328  -0.876  1.00 17.56 ? 109 GLY A N   1 
ATOM   705  C CA  . GLY A 1 92  ? 14.113  12.461  -0.969  1.00 20.82 ? 109 GLY A CA  1 
ATOM   706  C C   . GLY A 1 92  ? 13.488  13.837  -1.183  1.00 23.49 ? 109 GLY A C   1 
ATOM   707  O O   . GLY A 1 92  ? 14.153  14.859  -0.991  1.00 19.24 ? 109 GLY A O   1 
ATOM   708  N N   . GLN A 1 93  ? 12.218  13.873  -1.578  1.00 18.98 ? 110 GLN A N   1 
ATOM   709  C CA  . GLN A 1 93  ? 11.501  15.135  -1.728  1.00 15.65 ? 110 GLN A CA  1 
ATOM   710  C C   . GLN A 1 93  ? 11.445  15.914  -0.412  1.00 20.82 ? 110 GLN A C   1 
ATOM   711  O O   . GLN A 1 93  ? 11.256  15.326  0.652   1.00 20.66 ? 110 GLN A O   1 
ATOM   712  C CB  . GLN A 1 93  ? 10.090  14.881  -2.263  1.00 14.21 ? 110 GLN A CB  1 
ATOM   713  C CG  . GLN A 1 93  ? 10.070  14.413  -3.701  1.00 14.48 ? 110 GLN A CG  1 
ATOM   714  C CD  . GLN A 1 93  ? 10.289  15.547  -4.691  1.00 14.21 ? 110 GLN A CD  1 
ATOM   715  O OE1 . GLN A 1 93  ? 10.087  16.727  -4.369  1.00 15.85 ? 110 GLN A OE1 1 
ATOM   716  N NE2 . GLN A 1 93  ? 10.696  15.196  -5.900  1.00 9.70  ? 110 GLN A NE2 1 
ATOM   717  N N   . PRO A 1 94  ? 11.616  17.247  -0.484  1.00 17.26 ? 111 PRO A N   1 
ATOM   718  C CA  . PRO A 1 94  ? 11.682  18.077  0.725   1.00 19.47 ? 111 PRO A CA  1 
ATOM   719  C C   . PRO A 1 94  ? 10.338  18.214  1.458   1.00 21.25 ? 111 PRO A C   1 
ATOM   720  O O   . PRO A 1 94  ? 10.315  18.691  2.589   1.00 21.45 ? 111 PRO A O   1 
ATOM   721  C CB  . PRO A 1 94  ? 12.162  19.437  0.196   1.00 19.96 ? 111 PRO A CB  1 
ATOM   722  C CG  . PRO A 1 94  ? 11.790  19.444  -1.239  1.00 18.51 ? 111 PRO A CG  1 
ATOM   723  C CD  . PRO A 1 94  ? 11.855  18.026  -1.712  1.00 15.23 ? 111 PRO A CD  1 
ATOM   724  N N   . GLU A 1 95  ? 9.245   17.805  0.824   1.00 19.05 ? 112 GLU A N   1 
ATOM   725  C CA  . GLU A 1 95  ? 7.933   17.794  1.469   1.00 23.35 ? 112 GLU A CA  1 
ATOM   726  C C   . GLU A 1 95  ? 7.199   16.493  1.120   1.00 17.12 ? 112 GLU A C   1 
ATOM   727  O O   . GLU A 1 95  ? 7.480   15.887  0.092   1.00 17.03 ? 112 GLU A O   1 
ATOM   728  C CB  . GLU A 1 95  ? 7.105   19.009  1.022   1.00 25.07 ? 112 GLU A CB  1 
ATOM   729  C CG  . GLU A 1 95  ? 7.677   20.365  1.458   1.00 32.54 ? 112 GLU A CG  1 
ATOM   730  C CD  . GLU A 1 95  ? 6.770   21.546  1.100   1.00 36.96 ? 112 GLU A CD  1 
ATOM   731  O OE1 . GLU A 1 95  ? 5.606   21.319  0.709   1.00 39.29 ? 112 GLU A OE1 1 
ATOM   732  O OE2 . GLU A 1 95  ? 7.219   22.708  1.219   1.00 44.63 ? 112 GLU A OE2 1 
ATOM   733  N N   . PRO A 1 96  ? 6.260   16.052  1.973   1.00 15.45 ? 113 PRO A N   1 
ATOM   734  C CA  . PRO A 1 96  ? 5.477   14.856  1.617   1.00 15.62 ? 113 PRO A CA  1 
ATOM   735  C C   . PRO A 1 96  ? 4.763   14.968  0.259   1.00 14.93 ? 113 PRO A C   1 
ATOM   736  O O   . PRO A 1 96  ? 4.218   16.022  -0.067  1.00 17.13 ? 113 PRO A O   1 
ATOM   737  C CB  . PRO A 1 96  ? 4.441   14.763  2.743   1.00 17.67 ? 113 PRO A CB  1 
ATOM   738  C CG  . PRO A 1 96  ? 4.551   16.059  3.518   1.00 18.94 ? 113 PRO A CG  1 
ATOM   739  C CD  . PRO A 1 96  ? 5.931   16.553  3.315   1.00 19.69 ? 113 PRO A CD  1 
ATOM   740  N N   . VAL A 1 97  ? 4.783   13.898  -0.530  1.00 11.88 ? 114 VAL A N   1 
ATOM   741  C CA  . VAL A 1 97  ? 4.043   13.869  -1.795  1.00 13.54 ? 114 VAL A CA  1 
ATOM   742  C C   . VAL A 1 97  ? 2.784   13.061  -1.546  1.00 10.26 ? 114 VAL A C   1 
ATOM   743  O O   . VAL A 1 97  ? 2.781   11.839  -1.674  1.00 11.21 ? 114 VAL A O   1 
ATOM   744  C CB  . VAL A 1 97  ? 4.853   13.221  -2.927  1.00 13.73 ? 114 VAL A CB  1 
ATOM   745  C CG1 . VAL A 1 97  ? 4.256   13.578  -4.293  1.00 11.51 ? 114 VAL A CG1 1 
ATOM   746  C CG2 . VAL A 1 97  ? 6.317   13.656  -2.853  1.00 14.99 ? 114 VAL A CG2 1 
ATOM   747  N N   . LYS A 1 98  ? 1.721   13.762  -1.176  1.00 9.46  ? 115 LYS A N   1 
ATOM   748  C CA  . LYS A 1 98  ? 0.545   13.138  -0.590  1.00 11.29 ? 115 LYS A CA  1 
ATOM   749  C C   . LYS A 1 98  ? -0.103  12.008  -1.394  1.00 11.04 ? 115 LYS A C   1 
ATOM   750  O O   . LYS A 1 98  ? -0.491  10.993  -0.814  1.00 11.96 ? 115 LYS A O   1 
ATOM   751  C CB  . LYS A 1 98  ? -0.475  14.200  -0.171  1.00 12.81 ? 115 LYS A CB  1 
ATOM   752  C CG  . LYS A 1 98  ? -0.023  15.051  1.011   1.00 17.95 ? 115 LYS A CG  1 
ATOM   753  C CD  . LYS A 1 98  ? -1.175  15.921  1.503   1.00 23.92 ? 115 LYS A CD  1 
ATOM   754  C CE  . LYS A 1 98  ? -0.762  16.793  2.676   1.00 31.60 ? 115 LYS A CE  1 
ATOM   755  N NZ  . LYS A 1 98  ? -1.924  17.551  3.243   1.00 33.71 ? 115 LYS A NZ  1 
ATOM   756  N N   . PRO A 1 99  ? -0.206  12.158  -2.727  1.00 10.96 ? 116 PRO A N   1 
ATOM   757  C CA  . PRO A 1 99  ? -0.870  11.056  -3.436  1.00 11.49 ? 116 PRO A CA  1 
ATOM   758  C C   . PRO A 1 99  ? -0.105  9.721   -3.452  1.00 10.68 ? 116 PRO A C   1 
ATOM   759  O O   . PRO A 1 99  ? -0.694  8.705   -3.799  1.00 10.81 ? 116 PRO A O   1 
ATOM   760  C CB  . PRO A 1 99  ? -1.076  11.615  -4.856  1.00 14.09 ? 116 PRO A CB  1 
ATOM   761  C CG  . PRO A 1 99  ? -0.175  12.788  -4.963  1.00 13.73 ? 116 PRO A CG  1 
ATOM   762  C CD  . PRO A 1 99  ? -0.036  13.344  -3.583  1.00 11.94 ? 116 PRO A CD  1 
ATOM   763  N N   . PHE A 1 100 ? 1.168   9.717   -3.060  1.00 7.69  ? 117 PHE A N   1 
ATOM   764  C CA  . PHE A 1 100 ? 1.927   8.472   -2.929  1.00 7.53  ? 117 PHE A CA  1 
ATOM   765  C C   . PHE A 1 100 ? 1.976   7.922   -1.491  1.00 8.12  ? 117 PHE A C   1 
ATOM   766  O O   . PHE A 1 100 ? 2.601   6.889   -1.234  1.00 9.68  ? 117 PHE A O   1 
ATOM   767  C CB  . PHE A 1 100 ? 3.364   8.693   -3.398  1.00 9.56  ? 117 PHE A CB  1 
ATOM   768  C CG  . PHE A 1 100 ? 3.518   8.791   -4.888  1.00 10.24 ? 117 PHE A CG  1 
ATOM   769  C CD1 . PHE A 1 100 ? 3.609   7.642   -5.663  1.00 10.02 ? 117 PHE A CD1 1 
ATOM   770  C CD2 . PHE A 1 100 ? 3.592   10.020  -5.503  1.00 13.51 ? 117 PHE A CD2 1 
ATOM   771  C CE1 . PHE A 1 100 ? 3.767   7.718   -7.032  1.00 12.47 ? 117 PHE A CE1 1 
ATOM   772  C CE2 . PHE A 1 100 ? 3.764   10.114  -6.886  1.00 14.53 ? 117 PHE A CE2 1 
ATOM   773  C CZ  . PHE A 1 100 ? 3.851   8.965   -7.644  1.00 15.50 ? 117 PHE A CZ  1 
ATOM   774  N N   . LEU A 1 101 ? 1.347   8.621   -0.554  1.00 7.83  ? 118 LEU A N   1 
ATOM   775  C CA  . LEU A 1 101 ? 1.476   8.275   0.867   1.00 6.04  ? 118 LEU A CA  1 
ATOM   776  C C   . LEU A 1 101 ? 0.243   7.575   1.447   1.00 6.36  ? 118 LEU A C   1 
ATOM   777  O O   . LEU A 1 101 ? -0.884  7.880   1.067   1.00 6.04  ? 118 LEU A O   1 
ATOM   778  C CB  . LEU A 1 101 ? 1.755   9.537   1.678   1.00 6.08  ? 118 LEU A CB  1 
ATOM   779  C CG  . LEU A 1 101 ? 3.163   10.134  1.611   1.00 8.55  ? 118 LEU A CG  1 
ATOM   780  C CD1 . LEU A 1 101 ? 3.139   11.512  2.232   1.00 9.82  ? 118 LEU A CD1 1 
ATOM   781  C CD2 . LEU A 1 101 ? 4.114   9.245   2.372   1.00 8.59  ? 118 LEU A CD2 1 
ATOM   782  N N   . PHE A 1 102 ? 0.474   6.665   2.389   1.00 6.42  ? 119 PHE A N   1 
ATOM   783  C CA  . PHE A 1 102 ? -0.599  5.959   3.077   1.00 6.30  ? 119 PHE A CA  1 
ATOM   784  C C   . PHE A 1 102 ? -0.315  5.928   4.572   1.00 7.28  ? 119 PHE A C   1 
ATOM   785  O O   . PHE A 1 102 ? 0.831   5.737   4.982   1.00 5.55  ? 119 PHE A O   1 
ATOM   786  C CB  . PHE A 1 102 ? -0.716  4.526   2.552   1.00 5.28  ? 119 PHE A CB  1 
ATOM   787  C CG  . PHE A 1 102 ? -0.989  4.453   1.068   1.00 7.22  ? 119 PHE A CG  1 
ATOM   788  C CD1 . PHE A 1 102 ? -2.297  4.420   0.595   1.00 7.79  ? 119 PHE A CD1 1 
ATOM   789  C CD2 . PHE A 1 102 ? 0.058   4.448   0.158   1.00 6.27  ? 119 PHE A CD2 1 
ATOM   790  C CE1 . PHE A 1 102 ? -2.556  4.380   -0.774  1.00 8.87  ? 119 PHE A CE1 1 
ATOM   791  C CE2 . PHE A 1 102 ? -0.185  4.408   -1.211  1.00 8.86  ? 119 PHE A CE2 1 
ATOM   792  C CZ  . PHE A 1 102 ? -1.502  4.369   -1.675  1.00 9.14  ? 119 PHE A CZ  1 
ATOM   793  N N   . TYR A 1 103 ? -1.349  6.128   5.376   1.00 5.35  ? 120 TYR A N   1 
ATOM   794  C CA  . TYR A 1 103 ? -1.236  5.934   6.818   1.00 7.65  ? 120 TYR A CA  1 
ATOM   795  C C   . TYR A 1 103 ? -1.347  4.441   7.117   1.00 7.01  ? 120 TYR A C   1 
ATOM   796  O O   . TYR A 1 103 ? -2.335  3.792   6.745   1.00 5.75  ? 120 TYR A O   1 
ATOM   797  C CB  . TYR A 1 103 ? -2.335  6.670   7.584   1.00 6.93  ? 120 TYR A CB  1 
ATOM   798  C CG  . TYR A 1 103 ? -2.323  8.175   7.467   1.00 8.16  ? 120 TYR A CG  1 
ATOM   799  C CD1 . TYR A 1 103 ? -1.279  8.932   7.999   1.00 7.44  ? 120 TYR A CD1 1 
ATOM   800  C CD2 . TYR A 1 103 ? -3.392  8.848   6.875   1.00 6.81  ? 120 TYR A CD2 1 
ATOM   801  C CE1 . TYR A 1 103 ? -1.288  10.328  7.909   1.00 8.46  ? 120 TYR A CE1 1 
ATOM   802  C CE2 . TYR A 1 103 ? -3.412  10.229  6.780   1.00 9.88  ? 120 TYR A CE2 1 
ATOM   803  C CZ  . TYR A 1 103 ? -2.354  10.961  7.294   1.00 10.95 ? 120 TYR A CZ  1 
ATOM   804  O OH  . TYR A 1 103 ? -2.381  12.326  7.182   1.00 13.90 ? 120 TYR A OH  1 
ATOM   805  N N   . ARG A 1 104 ? -0.331  3.909   7.787   1.00 4.93  ? 121 ARG A N   1 
ATOM   806  C CA  . ARG A 1 104 ? -0.348  2.529   8.254   1.00 8.74  ? 121 ARG A CA  1 
ATOM   807  C C   . ARG A 1 104 ? -0.762  2.532   9.710   1.00 7.30  ? 121 ARG A C   1 
ATOM   808  O O   . ARG A 1 104 ? -0.012  2.993   10.571  1.00 8.10  ? 121 ARG A O   1 
ATOM   809  C CB  . ARG A 1 104 ? 1.037   1.894   8.132   1.00 7.77  ? 121 ARG A CB  1 
ATOM   810  C CG  . ARG A 1 104 ? 1.062   0.457   8.604   1.00 8.56  ? 121 ARG A CG  1 
ATOM   811  C CD  . ARG A 1 104 ? 2.483   -0.011  8.849   1.00 11.95 ? 121 ARG A CD  1 
ATOM   812  N NE  . ARG A 1 104 ? 2.505   -1.364  9.387   1.00 15.60 ? 121 ARG A NE  1 
ATOM   813  C CZ  . ARG A 1 104 ? 3.615   -2.054  9.617   1.00 17.37 ? 121 ARG A CZ  1 
ATOM   814  N NH1 . ARG A 1 104 ? 4.797   -1.514  9.355   1.00 13.37 ? 121 ARG A NH1 1 
ATOM   815  N NH2 . ARG A 1 104 ? 3.542   -3.277  10.116  1.00 13.67 ? 121 ARG A NH2 1 
ATOM   816  N N   . ALA A 1 105 ? -1.974  2.063   9.978   1.00 7.48  ? 122 ALA A N   1 
ATOM   817  C CA  . ALA A 1 105 ? -2.483  2.010   11.342  1.00 7.54  ? 122 ALA A CA  1 
ATOM   818  C C   . ALA A 1 105 ? -2.494  0.562   11.811  1.00 10.81 ? 122 ALA A C   1 
ATOM   819  O O   . ALA A 1 105 ? -3.212  -0.268  11.254  1.00 7.19  ? 122 ALA A O   1 
ATOM   820  C CB  . ALA A 1 105 ? -3.883  2.614   11.417  1.00 9.10  ? 122 ALA A CB  1 
ATOM   821  N N   . LYS A 1 106 ? -1.676  0.271   12.822  1.00 13.64 ? 123 LYS A N   1 
ATOM   822  C CA  . LYS A 1 106 ? -1.523  -1.088  13.343  1.00 13.55 ? 123 LYS A CA  1 
ATOM   823  C C   . LYS A 1 106 ? -2.558  -1.390  14.399  1.00 19.57 ? 123 LYS A C   1 
ATOM   824  O O   . LYS A 1 106 ? -2.821  -0.569  15.277  1.00 17.14 ? 123 LYS A O   1 
ATOM   825  C CB  . LYS A 1 106 ? -0.149  -1.285  13.977  1.00 12.90 ? 123 LYS A CB  1 
ATOM   826  C CG  . LYS A 1 106 ? 1.025   -1.054  13.057  1.00 12.73 ? 123 LYS A CG  1 
ATOM   827  C CD  . LYS A 1 106 ? 2.325   -1.302  13.821  1.00 23.25 ? 123 LYS A CD  1 
ATOM   828  C CE  . LYS A 1 106 ? 3.530   -0.774  13.084  1.00 26.91 ? 123 LYS A CE  1 
ATOM   829  N NZ  . LYS A 1 106 ? 4.778   -0.950  13.882  1.00 30.66 ? 123 LYS A NZ  1 
ATOM   830  N N   . THR A 1 107 ? -3.140  -2.578  14.312  1.00 15.45 ? 124 THR A N   1 
ATOM   831  C CA  . THR A 1 107 ? -3.989  -3.104  15.372  1.00 17.66 ? 124 THR A CA  1 
ATOM   832  C C   . THR A 1 107 ? -3.675  -4.582  15.467  1.00 16.25 ? 124 THR A C   1 
ATOM   833  O O   . THR A 1 107 ? -3.989  -5.342  14.552  1.00 16.70 ? 124 THR A O   1 
ATOM   834  C CB  . THR A 1 107 ? -5.485  -2.918  15.061  1.00 17.26 ? 124 THR A CB  1 
ATOM   835  O OG1 . THR A 1 107 ? -5.774  -1.524  14.896  1.00 22.86 ? 124 THR A OG1 1 
ATOM   836  C CG2 . THR A 1 107 ? -6.342  -3.463  16.201  1.00 27.99 ? 124 THR A CG2 1 
ATOM   837  N N   . GLY A 1 108 ? -3.020  -4.987  16.550  1.00 17.25 ? 125 GLY A N   1 
ATOM   838  C CA  . GLY A 1 108 ? -2.599  -6.370  16.696  1.00 16.78 ? 125 GLY A CA  1 
ATOM   839  C C   . GLY A 1 108 ? -1.655  -6.811  15.588  1.00 16.01 ? 125 GLY A C   1 
ATOM   840  O O   . GLY A 1 108 ? -0.614  -6.189  15.366  1.00 14.56 ? 125 GLY A O   1 
ATOM   841  N N   . ARG A 1 109 ? -2.033  -7.869  14.872  1.00 12.84 ? 126 ARG A N   1 
ATOM   842  C CA  . ARG A 1 109 ? -1.159  -8.488  13.878  1.00 12.48 ? 126 ARG A CA  1 
ATOM   843  C C   . ARG A 1 109 ? -1.296  -7.876  12.484  1.00 12.03 ? 126 ARG A C   1 
ATOM   844  O O   . ARG A 1 109 ? -0.583  -8.264  11.564  1.00 11.24 ? 126 ARG A O   1 
ATOM   845  C CB  . ARG A 1 109 ? -1.448  -9.995  13.792  1.00 15.38 ? 126 ARG A CB  1 
ATOM   846  C CG  . ARG A 1 109 ? -1.153  -10.781 15.081  1.00 17.49 ? 126 ARG A CG  1 
ATOM   847  C CD  . ARG A 1 109 ? -1.679  -12.209 14.986  1.00 15.56 ? 126 ARG A CD  1 
ATOM   848  N NE  . ARG A 1 109 ? -1.251  -12.840 13.743  1.00 14.91 ? 126 ARG A NE  1 
ATOM   849  C CZ  . ARG A 1 109 ? -0.041  -13.355 13.554  1.00 10.81 ? 126 ARG A CZ  1 
ATOM   850  N NH1 . ARG A 1 109 ? 0.864   -13.318 14.532  1.00 9.42  ? 126 ARG A NH1 1 
ATOM   851  N NH2 . ARG A 1 109 ? 0.267   -13.900 12.384  1.00 11.32 ? 126 ARG A NH2 1 
ATOM   852  N N   . THR A 1 110 ? -2.217  -6.935  12.323  1.00 11.70 ? 127 THR A N   1 
ATOM   853  C CA  . THR A 1 110 ? -2.510  -6.383  11.000  1.00 12.15 ? 127 THR A CA  1 
ATOM   854  C C   . THR A 1 110 ? -2.424  -4.856  10.967  1.00 10.98 ? 127 THR A C   1 
ATOM   855  O O   . THR A 1 110 ? -2.333  -4.200  12.010  1.00 10.28 ? 127 THR A O   1 
ATOM   856  C CB  . THR A 1 110 ? -3.908  -6.830  10.460  1.00 11.39 ? 127 THR A CB  1 
ATOM   857  O OG1 . THR A 1 110 ? -4.938  -6.384  11.351  1.00 15.49 ? 127 THR A OG1 1 
ATOM   858  C CG2 . THR A 1 110 ? -3.987  -8.356  10.312  1.00 13.71 ? 127 THR A CG2 1 
ATOM   859  N N   . SER A 1 111 ? -2.425  -4.308  9.755   1.00 8.84  ? 128 SER A N   1 
ATOM   860  C CA  . SER A 1 111 ? -2.445  -2.865  9.532   1.00 9.38  ? 128 SER A CA  1 
ATOM   861  C C   . SER A 1 111 ? -3.479  -2.558  8.459   1.00 7.26  ? 128 SER A C   1 
ATOM   862  O O   . SER A 1 111 ? -3.651  -3.351  7.533   1.00 9.51  ? 128 SER A O   1 
ATOM   863  C CB  . SER A 1 111 ? -1.087  -2.376  9.010   1.00 8.12  ? 128 SER A CB  1 
ATOM   864  O OG  . SER A 1 111 ? -0.052  -2.452  9.978   1.00 10.66 ? 128 SER A OG  1 
ATOM   865  N N   . THR A 1 112 ? -4.150  -1.418  8.570   1.00 5.05  ? 129 THR A N   1 
ATOM   866  C CA  . THR A 1 112 ? -4.911  -0.866  7.459   1.00 7.57  ? 129 THR A CA  1 
ATOM   867  C C   . THR A 1 112 ? -4.011  0.159   6.783   1.00 5.55  ? 129 THR A C   1 
ATOM   868  O O   . THR A 1 112 ? -3.042  0.610   7.374   1.00 6.41  ? 129 THR A O   1 
ATOM   869  C CB  . THR A 1 112 ? -6.249  -0.188  7.890   1.00 7.29  ? 129 THR A CB  1 
ATOM   870  O OG1 . THR A 1 112 ? -5.988  0.854   8.841   1.00 8.59  ? 129 THR A OG1 1 
ATOM   871  C CG2 . THR A 1 112 ? -7.210  -1.212  8.502   1.00 9.92  ? 129 THR A CG2 1 
ATOM   872  N N   . LEU A 1 113 ? -4.326  0.493   5.538   1.00 5.25  ? 130 LEU A N   1 
ATOM   873  C CA  . LEU A 1 113 ? -3.543  1.435   4.756   1.00 4.25  ? 130 LEU A CA  1 
ATOM   874  C C   . LEU A 1 113 ? -4.497  2.457   4.142   1.00 8.28  ? 130 LEU A C   1 
ATOM   875  O O   . LEU A 1 113 ? -5.211  2.134   3.197   1.00 6.99  ? 130 LEU A O   1 
ATOM   876  C CB  . LEU A 1 113 ? -2.782  0.682   3.652   1.00 6.12  ? 130 LEU A CB  1 
ATOM   877  C CG  . LEU A 1 113 ? -1.782  -0.387  4.126   1.00 5.92  ? 130 LEU A CG  1 
ATOM   878  C CD1 . LEU A 1 113 ? -1.265  -1.249  2.966   1.00 5.57  ? 130 LEU A CD1 1 
ATOM   879  C CD2 . LEU A 1 113 ? -0.625  0.287   4.866   1.00 5.36  ? 130 LEU A CD2 1 
ATOM   880  N N   . GLU A 1 114 ? -4.507  3.674   4.689   1.00 5.49  ? 131 GLU A N   1 
ATOM   881  C CA  . GLU A 1 114 ? -5.463  4.707   4.299   1.00 5.74  ? 131 GLU A CA  1 
ATOM   882  C C   . GLU A 1 114 ? -4.756  5.746   3.454   1.00 5.73  ? 131 GLU A C   1 
ATOM   883  O O   . GLU A 1 114 ? -3.661  6.178   3.805   1.00 5.22  ? 131 GLU A O   1 
ATOM   884  C CB  . GLU A 1 114 ? -6.025  5.405   5.543   1.00 6.80  ? 131 GLU A CB  1 
ATOM   885  C CG  . GLU A 1 114 ? -7.043  6.490   5.229   1.00 6.94  ? 131 GLU A CG  1 
ATOM   886  C CD  . GLU A 1 114 ? -7.336  7.436   6.391   1.00 10.72 ? 131 GLU A CD  1 
ATOM   887  O OE1 . GLU A 1 114 ? -6.753  7.267   7.486   1.00 8.05  ? 131 GLU A OE1 1 
ATOM   888  O OE2 . GLU A 1 114 ? -8.146  8.366   6.182   1.00 7.93  ? 131 GLU A OE2 1 
ATOM   889  N N   . SER A 1 115 ? -5.372  6.148   2.348   1.00 5.51  ? 132 SER A N   1 
ATOM   890  C CA  . SER A 1 115 ? -4.810  7.227   1.533   1.00 5.39  ? 132 SER A CA  1 
ATOM   891  C C   . SER A 1 115 ? -4.655  8.515   2.351   1.00 6.41  ? 132 SER A C   1 
ATOM   892  O O   . SER A 1 115 ? -5.585  8.942   3.022   1.00 7.17  ? 132 SER A O   1 
ATOM   893  C CB  . SER A 1 115 ? -5.694  7.500   0.306   1.00 8.00  ? 132 SER A CB  1 
ATOM   894  O OG  . SER A 1 115 ? -5.245  8.656   -0.388  1.00 5.60  ? 132 SER A OG  1 
ATOM   895  N N   . VAL A 1 116 ? -3.477  9.134   2.277   1.00 6.29  ? 133 VAL A N   1 
ATOM   896  C CA  . VAL A 1 116 ? -3.233  10.420  2.905   1.00 5.69  ? 133 VAL A CA  1 
ATOM   897  C C   . VAL A 1 116 ? -3.953  11.511  2.115   1.00 7.87  ? 133 VAL A C   1 
ATOM   898  O O   . VAL A 1 116 ? -4.526  12.437  2.694   1.00 8.71  ? 133 VAL A O   1 
ATOM   899  C CB  . VAL A 1 116 ? -1.716  10.709  2.980   1.00 6.39  ? 133 VAL A CB  1 
ATOM   900  C CG1 . VAL A 1 116 ? -1.440  12.169  3.394   1.00 8.23  ? 133 VAL A CG1 1 
ATOM   901  C CG2 . VAL A 1 116 ? -1.051  9.720   3.929   1.00 5.66  ? 133 VAL A CG2 1 
ATOM   902  N N   . ALA A 1 117 ? -3.954  11.365  0.791   1.00 8.13  ? 134 ALA A N   1 
ATOM   903  C CA  . ALA A 1 117 ? -4.578  12.345  -0.110  1.00 10.49 ? 134 ALA A CA  1 
ATOM   904  C C   . ALA A 1 117 ? -6.105  12.276  -0.117  1.00 11.89 ? 134 ALA A C   1 
ATOM   905  O O   . ALA A 1 117 ? -6.769  13.289  -0.296  1.00 13.04 ? 134 ALA A O   1 
ATOM   906  C CB  . ALA A 1 117 ? -4.036  12.191  -1.531  1.00 8.32  ? 134 ALA A CB  1 
ATOM   907  N N   . PHE A 1 118 ? -6.665  11.086  0.081   1.00 8.27  ? 135 PHE A N   1 
ATOM   908  C CA  . PHE A 1 118 ? -8.117  10.942  0.059   1.00 7.07  ? 135 PHE A CA  1 
ATOM   909  C C   . PHE A 1 118 ? -8.593  10.251  1.332   1.00 7.63  ? 135 PHE A C   1 
ATOM   910  O O   . PHE A 1 118 ? -8.676  9.022   1.387   1.00 6.74  ? 135 PHE A O   1 
ATOM   911  C CB  . PHE A 1 118 ? -8.559  10.190  -1.192  1.00 8.85  ? 135 PHE A CB  1 
ATOM   912  C CG  . PHE A 1 118 ? -8.067  10.825  -2.467  1.00 9.45  ? 135 PHE A CG  1 
ATOM   913  C CD1 . PHE A 1 118 ? -8.793  11.833  -3.078  1.00 12.52 ? 135 PHE A CD1 1 
ATOM   914  C CD2 . PHE A 1 118 ? -6.855  10.438  -3.025  1.00 11.48 ? 135 PHE A CD2 1 
ATOM   915  C CE1 . PHE A 1 118 ? -8.329  12.433  -4.239  1.00 12.75 ? 135 PHE A CE1 1 
ATOM   916  C CE2 . PHE A 1 118 ? -6.384  11.028  -4.180  1.00 8.85  ? 135 PHE A CE2 1 
ATOM   917  C CZ  . PHE A 1 118 ? -7.130  12.030  -4.792  1.00 11.94 ? 135 PHE A CZ  1 
ATOM   918  N N   . PRO A 1 119 ? -8.890  11.055  2.368   1.00 9.68  ? 136 PRO A N   1 
ATOM   919  C CA  . PRO A 1 119 ? -9.220  10.527  3.697   1.00 11.02 ? 136 PRO A CA  1 
ATOM   920  C C   . PRO A 1 119 ? -10.331 9.487   3.668   1.00 9.45  ? 136 PRO A C   1 
ATOM   921  O O   . PRO A 1 119 ? -11.318 9.645   2.946   1.00 8.61  ? 136 PRO A O   1 
ATOM   922  C CB  . PRO A 1 119 ? -9.644  11.782  4.472   1.00 13.65 ? 136 PRO A CB  1 
ATOM   923  C CG  . PRO A 1 119 ? -8.788  12.875  3.857   1.00 12.73 ? 136 PRO A CG  1 
ATOM   924  C CD  . PRO A 1 119 ? -8.789  12.530  2.370   1.00 8.05  ? 136 PRO A CD  1 
ATOM   925  N N   . ASP A 1 120 ? -10.134 8.423   4.440   1.00 7.83  ? 137 ASP A N   1 
ATOM   926  C CA  . ASP A 1 120 ? -11.091 7.319   4.570   1.00 11.94 ? 137 ASP A CA  1 
ATOM   927  C C   . ASP A 1 120 ? -11.319 6.478   3.294   1.00 10.02 ? 137 ASP A C   1 
ATOM   928  O O   . ASP A 1 120 ? -12.323 5.777   3.159   1.00 9.75  ? 137 ASP A O   1 
ATOM   929  C CB  . ASP A 1 120 ? -12.405 7.784   5.214   1.00 14.64 ? 137 ASP A CB  1 
ATOM   930  C CG  . ASP A 1 120 ? -12.291 7.922   6.742   1.00 18.18 ? 137 ASP A CG  1 
ATOM   931  O OD1 . ASP A 1 120 ? -11.265 7.502   7.323   1.00 14.10 ? 137 ASP A OD1 1 
ATOM   932  O OD2 . ASP A 1 120 ? -13.237 8.434   7.364   1.00 20.93 ? 137 ASP A OD2 1 
ATOM   933  N N   . TRP A 1 121 ? -10.369 6.567   2.372   1.00 7.04  ? 138 TRP A N   1 
ATOM   934  C CA  . TRP A 1 121 ? -10.242 5.610   1.285   1.00 7.50  ? 138 TRP A CA  1 
ATOM   935  C C   . TRP A 1 121 ? -9.066  4.695   1.629   1.00 7.19  ? 138 TRP A C   1 
ATOM   936  O O   . TRP A 1 121 ? -7.969  5.174   1.943   1.00 6.24  ? 138 TRP A O   1 
ATOM   937  C CB  . TRP A 1 121 ? -10.017 6.336   -0.047  1.00 7.41  ? 138 TRP A CB  1 
ATOM   938  C CG  . TRP A 1 121 ? -11.257 7.015   -0.557  1.00 9.43  ? 138 TRP A CG  1 
ATOM   939  C CD1 . TRP A 1 121 ? -11.750 8.231   -0.166  1.00 14.20 ? 138 TRP A CD1 1 
ATOM   940  C CD2 . TRP A 1 121 ? -12.163 6.517   -1.551  1.00 12.13 ? 138 TRP A CD2 1 
ATOM   941  N NE1 . TRP A 1 121 ? -12.912 8.517   -0.853  1.00 14.85 ? 138 TRP A NE1 1 
ATOM   942  C CE2 . TRP A 1 121 ? -13.188 7.483   -1.709  1.00 15.73 ? 138 TRP A CE2 1 
ATOM   943  C CE3 . TRP A 1 121 ? -12.214 5.348   -2.320  1.00 15.36 ? 138 TRP A CE3 1 
ATOM   944  C CZ2 . TRP A 1 121 ? -14.244 7.314   -2.604  1.00 15.80 ? 138 TRP A CZ2 1 
ATOM   945  C CZ3 . TRP A 1 121 ? -13.272 5.183   -3.213  1.00 18.23 ? 138 TRP A CZ3 1 
ATOM   946  C CH2 . TRP A 1 121 ? -14.268 6.163   -3.347  1.00 18.14 ? 138 TRP A CH2 1 
ATOM   947  N N   . PHE A 1 122 ? -9.309  3.390   1.585   1.00 5.01  ? 139 PHE A N   1 
ATOM   948  C CA  . PHE A 1 122 ? -8.360  2.383   2.059   1.00 6.18  ? 139 PHE A CA  1 
ATOM   949  C C   . PHE A 1 122 ? -7.962  1.419   0.948   1.00 7.15  ? 139 PHE A C   1 
ATOM   950  O O   . PHE A 1 122 ? -8.774  1.077   0.088   1.00 6.09  ? 139 PHE A O   1 
ATOM   951  C CB  . PHE A 1 122 ? -8.981  1.569   3.185   1.00 5.94  ? 139 PHE A CB  1 
ATOM   952  C CG  . PHE A 1 122 ? -9.316  2.382   4.401   1.00 7.27  ? 139 PHE A CG  1 
ATOM   953  C CD1 . PHE A 1 122 ? -8.418  2.477   5.450   1.00 6.94  ? 139 PHE A CD1 1 
ATOM   954  C CD2 . PHE A 1 122 ? -10.511 3.074   4.476   1.00 11.13 ? 139 PHE A CD2 1 
ATOM   955  C CE1 . PHE A 1 122 ? -8.714  3.235   6.567   1.00 11.86 ? 139 PHE A CE1 1 
ATOM   956  C CE2 . PHE A 1 122 ? -10.822 3.840   5.601   1.00 11.18 ? 139 PHE A CE2 1 
ATOM   957  C CZ  . PHE A 1 122 ? -9.919  3.927   6.639   1.00 9.38  ? 139 PHE A CZ  1 
ATOM   958  N N   . ILE A 1 123 ? -6.714  0.977   0.978   1.00 4.40  ? 140 ILE A N   1 
ATOM   959  C CA  . ILE A 1 123 ? -6.286  -0.085  0.080   1.00 5.35  ? 140 ILE A CA  1 
ATOM   960  C C   . ILE A 1 123 ? -7.059  -1.322  0.490   1.00 8.67  ? 140 ILE A C   1 
ATOM   961  O O   . ILE A 1 123 ? -7.171  -1.609  1.681   1.00 5.90  ? 140 ILE A O   1 
ATOM   962  C CB  . ILE A 1 123 ? -4.779  -0.337  0.217   1.00 6.74  ? 140 ILE A CB  1 
ATOM   963  C CG1 . ILE A 1 123 ? -4.003  0.906   -0.223  1.00 6.95  ? 140 ILE A CG1 1 
ATOM   964  C CG2 . ILE A 1 123 ? -4.353  -1.548  -0.605  1.00 7.92  ? 140 ILE A CG2 1 
ATOM   965  C CD1 . ILE A 1 123 ? -2.511  0.661   -0.363  1.00 6.10  ? 140 ILE A CD1 1 
ATOM   966  N N   . ALA A 1 124 ? -7.624  -2.039  -0.478  1.00 7.83  ? 141 ALA A N   1 
ATOM   967  C CA  . ALA A 1 124 ? -8.368  -3.256  -0.161  1.00 9.05  ? 141 ALA A CA  1 
ATOM   968  C C   . ALA A 1 124 ? -8.225  -4.368  -1.209  1.00 11.33 ? 141 ALA A C   1 
ATOM   969  O O   . ALA A 1 124 ? -7.933  -4.109  -2.373  1.00 9.57  ? 141 ALA A O   1 
ATOM   970  C CB  . ALA A 1 124 ? -9.832  -2.935  0.038   1.00 9.52  ? 141 ALA A CB  1 
ATOM   971  N N   . SER A 1 125 ? -8.441  -5.600  -0.763  1.00 10.63 ? 142 SER A N   1 
ATOM   972  C CA  . SER A 1 125 ? -8.546  -6.753  -1.641  1.00 17.03 ? 142 SER A CA  1 
ATOM   973  C C   . SER A 1 125 ? -9.957  -7.265  -1.496  1.00 15.64 ? 142 SER A C   1 
ATOM   974  O O   . SER A 1 125 ? -10.672 -6.882  -0.569  1.00 16.69 ? 142 SER A O   1 
ATOM   975  C CB  . SER A 1 125 ? -7.597  -7.850  -1.190  1.00 13.48 ? 142 SER A CB  1 
ATOM   976  O OG  . SER A 1 125 ? -7.955  -8.296  0.101   1.00 16.51 ? 142 SER A OG  1 
ATOM   977  N N   . SER A 1 126 ? -10.367 -8.132  -2.403  1.00 16.68 ? 143 SER A N   1 
ATOM   978  C CA  . SER A 1 126 ? -11.653 -8.789  -2.244  1.00 20.15 ? 143 SER A CA  1 
ATOM   979  C C   . SER A 1 126 ? -11.551 -10.255 -2.664  1.00 28.49 ? 143 SER A C   1 
ATOM   980  O O   . SER A 1 126 ? -10.807 -11.026 -2.059  1.00 30.76 ? 143 SER A O   1 
ATOM   981  C CB  . SER A 1 126 ? -12.736 -8.048  -3.031  1.00 25.56 ? 143 SER A CB  1 
ATOM   982  O OG  . SER A 1 126 ? -12.436 -8.022  -4.414  1.00 26.41 ? 143 SER A OG  1 
ATOM   983  N N   . LYS A 1 127 ? -12.282 -10.629 -3.706  1.00 29.97 ? 144 LYS A N   1 
ATOM   984  C CA  . LYS A 1 127 ? -12.301 -12.012 -4.177  1.00 31.30 ? 144 LYS A CA  1 
ATOM   985  C C   . LYS A 1 127 ? -10.972 -12.439 -4.784  1.00 34.48 ? 144 LYS A C   1 
ATOM   986  O O   . LYS A 1 127 ? -10.114 -11.605 -5.100  1.00 33.46 ? 144 LYS A O   1 
ATOM   987  C CB  . LYS A 1 127 ? -13.398 -12.206 -5.219  1.00 27.76 ? 144 LYS A CB  1 
ATOM   988  C CG  . LYS A 1 127 ? -14.796 -11.864 -4.736  1.00 36.29 ? 144 LYS A CG  1 
ATOM   989  C CD  . LYS A 1 127 ? -15.823 -12.128 -5.835  1.00 42.80 ? 144 LYS A CD  1 
ATOM   990  C CE  . LYS A 1 127 ? -17.233 -11.882 -5.333  1.00 42.35 ? 144 LYS A CE  1 
ATOM   991  N NZ  . LYS A 1 127 ? -17.429 -12.542 -4.020  1.00 39.33 ? 144 LYS A NZ  1 
ATOM   992  N N   . ARG A 1 128 ? -10.820 -13.751 -4.948  1.00 32.23 ? 145 ARG A N   1 
ATOM   993  C CA  . ARG A 1 128 ? -9.627  -14.319 -5.557  1.00 31.49 ? 145 ARG A CA  1 
ATOM   994  C C   . ARG A 1 128 ? -9.404  -13.720 -6.930  1.00 29.74 ? 145 ARG A C   1 
ATOM   995  O O   . ARG A 1 128 ? -10.344 -13.556 -7.712  1.00 31.93 ? 145 ARG A O   1 
ATOM   996  C CB  . ARG A 1 128 ? -9.752  -15.842 -5.666  1.00 36.33 ? 145 ARG A CB  1 
ATOM   997  N N   . ASP A 1 129 ? -8.151  -13.361 -7.190  1.00 29.58 ? 146 ASP A N   1 
ATOM   998  C CA  . ASP A 1 129 ? -7.706  -12.900 -8.498  1.00 33.74 ? 146 ASP A CA  1 
ATOM   999  C C   . ASP A 1 129 ? -8.247  -11.533 -8.914  1.00 33.32 ? 146 ASP A C   1 
ATOM   1000 O O   . ASP A 1 129 ? -8.070  -11.123 -10.057 1.00 34.90 ? 146 ASP A O   1 
ATOM   1001 C CB  . ASP A 1 129 ? -7.982  -13.961 -9.570  1.00 41.68 ? 146 ASP A CB  1 
ATOM   1002 C CG  . ASP A 1 129 ? -7.249  -15.262 -9.298  1.00 42.51 ? 146 ASP A CG  1 
ATOM   1003 O OD1 . ASP A 1 129 ? -6.169  -15.468 -9.899  1.00 48.95 ? 146 ASP A OD1 1 
ATOM   1004 O OD2 . ASP A 1 129 ? -7.739  -16.068 -8.473  1.00 41.59 ? 146 ASP A OD2 1 
ATOM   1005 N N   . GLN A 1 130 ? -8.880  -10.824 -7.982  1.00 30.05 ? 147 GLN A N   1 
ATOM   1006 C CA  . GLN A 1 130 ? -9.304  -9.451  -8.239  1.00 24.83 ? 147 GLN A CA  1 
ATOM   1007 C C   . GLN A 1 130 ? -8.197  -8.439  -7.913  1.00 20.64 ? 147 GLN A C   1 
ATOM   1008 O O   . GLN A 1 130 ? -7.353  -8.691  -7.061  1.00 17.30 ? 147 GLN A O   1 
ATOM   1009 C CB  . GLN A 1 130 ? -10.580 -9.130  -7.465  1.00 24.01 ? 147 GLN A CB  1 
ATOM   1010 C CG  . GLN A 1 130 ? -11.724 -10.050 -7.814  1.00 30.19 ? 147 GLN A CG  1 
ATOM   1011 C CD  . GLN A 1 130 ? -11.864 -10.232 -9.313  1.00 37.79 ? 147 GLN A CD  1 
ATOM   1012 O OE1 . GLN A 1 130 ? -11.550 -11.297 -9.855  1.00 43.76 ? 147 GLN A OE1 1 
ATOM   1013 N NE2 . GLN A 1 130 ? -12.323 -9.187  -9.996  1.00 33.74 ? 147 GLN A NE2 1 
ATOM   1014 N N   . PRO A 1 131 ? -8.181  -7.307  -8.628  1.00 20.54 ? 148 PRO A N   1 
ATOM   1015 C CA  . PRO A 1 131 ? -7.187  -6.261  -8.377  1.00 16.51 ? 148 PRO A CA  1 
ATOM   1016 C C   . PRO A 1 131 ? -7.272  -5.725  -6.961  1.00 16.96 ? 148 PRO A C   1 
ATOM   1017 O O   . PRO A 1 131 ? -8.336  -5.723  -6.340  1.00 16.19 ? 148 PRO A O   1 
ATOM   1018 C CB  . PRO A 1 131 ? -7.580  -5.158  -9.360  1.00 20.72 ? 148 PRO A CB  1 
ATOM   1019 C CG  . PRO A 1 131 ? -8.266  -5.878  -10.472 1.00 24.69 ? 148 PRO A CG  1 
ATOM   1020 C CD  . PRO A 1 131 ? -8.997  -7.021  -9.821  1.00 22.66 ? 148 PRO A CD  1 
ATOM   1021 N N   . ILE A 1 132 ? -6.138  -5.280  -6.448  1.00 15.16 ? 149 ILE A N   1 
ATOM   1022 C CA  . ILE A 1 132 ? -6.123  -4.505  -5.223  1.00 13.25 ? 149 ILE A CA  1 
ATOM   1023 C C   . ILE A 1 132 ? -6.629  -3.126  -5.607  1.00 11.34 ? 149 ILE A C   1 
ATOM   1024 O O   . ILE A 1 132 ? -6.217  -2.588  -6.633  1.00 13.35 ? 149 ILE A O   1 
ATOM   1025 C CB  . ILE A 1 132 ? -4.696  -4.415  -4.649  1.00 14.53 ? 149 ILE A CB  1 
ATOM   1026 C CG1 . ILE A 1 132 ? -4.180  -5.815  -4.307  1.00 11.53 ? 149 ILE A CG1 1 
ATOM   1027 C CG2 . ILE A 1 132 ? -4.671  -3.561  -3.403  1.00 10.88 ? 149 ILE A CG2 1 
ATOM   1028 C CD1 . ILE A 1 132 ? -5.058  -6.534  -3.321  1.00 15.27 ? 149 ILE A CD1 1 
ATOM   1029 N N   . ILE A 1 133 ? -7.520  -2.558  -4.797  1.00 10.75 ? 150 ILE A N   1 
ATOM   1030 C CA  . ILE A 1 133 ? -8.177  -1.291  -5.129  1.00 10.71 ? 150 ILE A CA  1 
ATOM   1031 C C   . ILE A 1 133 ? -8.234  -0.333  -3.937  1.00 11.34 ? 150 ILE A C   1 
ATOM   1032 O O   . ILE A 1 133 ? -7.836  -0.697  -2.829  1.00 9.78  ? 150 ILE A O   1 
ATOM   1033 C CB  . ILE A 1 133 ? -9.635  -1.543  -5.536  1.00 11.13 ? 150 ILE A CB  1 
ATOM   1034 C CG1 . ILE A 1 133 ? -10.373 -2.187  -4.369  1.00 13.79 ? 150 ILE A CG1 1 
ATOM   1035 C CG2 . ILE A 1 133 ? -9.711  -2.443  -6.778  1.00 14.16 ? 150 ILE A CG2 1 
ATOM   1036 C CD1 . ILE A 1 133 ? -11.861 -2.183  -4.532  1.00 25.45 ? 150 ILE A CD1 1 
ATOM   1037 N N   . LEU A 1 134 ? -8.742  0.882   -4.168  1.00 11.40 ? 151 LEU A N   1 
ATOM   1038 C CA  . LEU A 1 134 ? -9.117  1.785   -3.072  1.00 9.71  ? 151 LEU A CA  1 
ATOM   1039 C C   . LEU A 1 134 ? -10.622 1.741   -2.851  1.00 14.02 ? 151 LEU A C   1 
ATOM   1040 O O   . LEU A 1 134 ? -11.403 1.774   -3.808  1.00 13.02 ? 151 LEU A O   1 
ATOM   1041 C CB  . LEU A 1 134 ? -8.753  3.226   -3.387  1.00 9.74  ? 151 LEU A CB  1 
ATOM   1042 C CG  . LEU A 1 134 ? -7.330  3.732   -3.267  1.00 11.34 ? 151 LEU A CG  1 
ATOM   1043 C CD1 . LEU A 1 134 ? -7.316  5.189   -3.659  1.00 15.58 ? 151 LEU A CD1 1 
ATOM   1044 C CD2 . LEU A 1 134 ? -6.826  3.552   -1.845  1.00 10.88 ? 151 LEU A CD2 1 
ATOM   1045 N N   . THR A 1 135 ? -11.030 1.702   -1.591  1.00 11.73 ? 152 THR A N   1 
ATOM   1046 C CA  . THR A 1 135 ? -12.438 1.674   -1.263  1.00 14.93 ? 152 THR A CA  1 
ATOM   1047 C C   . THR A 1 135 ? -12.720 2.561   -0.057  1.00 13.73 ? 152 THR A C   1 
ATOM   1048 O O   . THR A 1 135 ? -11.882 2.699   0.838   1.00 9.89  ? 152 THR A O   1 
ATOM   1049 C CB  . THR A 1 135 ? -12.908 0.249   -0.965  1.00 17.82 ? 152 THR A CB  1 
ATOM   1050 O OG1 . THR A 1 135 ? -14.308 0.268   -0.675  1.00 19.01 ? 152 THR A OG1 1 
ATOM   1051 C CG2 . THR A 1 135 ? -12.160 -0.324  0.236   1.00 15.06 ? 152 THR A CG2 1 
ATOM   1052 N N   . SER A 1 136 ? -13.900 3.169   -0.031  1.00 14.08 ? 153 SER A N   1 
ATOM   1053 C CA  . SER A 1 136 ? -14.298 3.958   1.134   1.00 17.78 ? 153 SER A CA  1 
ATOM   1054 C C   . SER A 1 136 ? -15.203 3.130   2.022   1.00 20.22 ? 153 SER A C   1 
ATOM   1055 O O   . SER A 1 136 ? -15.642 3.583   3.080   1.00 24.82 ? 153 SER A O   1 
ATOM   1056 C CB  . SER A 1 136 ? -14.977 5.267   0.719   1.00 19.90 ? 153 SER A CB  1 
ATOM   1057 O OG  . SER A 1 136 ? -16.049 5.022   -0.164  1.00 21.51 ? 153 SER A OG  1 
ATOM   1058 N N   . GLU A 1 137 ? -15.476 1.906   1.588   1.00 18.64 ? 154 GLU A N   1 
ATOM   1059 C CA  . GLU A 1 137 ? -16.347 1.012   2.344   1.00 26.52 ? 154 GLU A CA  1 
ATOM   1060 C C   . GLU A 1 137 ? -15.553 0.095   3.258   1.00 26.33 ? 154 GLU A C   1 
ATOM   1061 O O   . GLU A 1 137 ? -14.831 -0.776  2.786   1.00 31.34 ? 154 GLU A O   1 
ATOM   1062 C CB  . GLU A 1 137 ? -17.201 0.168   1.391   1.00 29.09 ? 154 GLU A CB  1 
ATOM   1063 C CG  . GLU A 1 137 ? -18.090 0.990   0.462   1.00 36.46 ? 154 GLU A CG  1 
ATOM   1064 C CD  . GLU A 1 137 ? -19.036 0.135   -0.376  1.00 39.12 ? 154 GLU A CD  1 
ATOM   1065 O OE1 . GLU A 1 137 ? -19.666 0.687   -1.308  1.00 34.87 ? 154 GLU A OE1 1 
ATOM   1066 O OE2 . GLU A 1 137 ? -19.149 -1.083  -0.099  1.00 39.78 ? 154 GLU A OE2 1 
ATOM   1067 N N   . LEU A 1 138 ? -15.694 0.290   4.565   1.00 27.94 ? 155 LEU A N   1 
ATOM   1068 C CA  . LEU A 1 138 ? -15.043 -0.569  5.551   1.00 31.96 ? 155 LEU A CA  1 
ATOM   1069 C C   . LEU A 1 138 ? -15.977 -1.672  6.033   1.00 35.58 ? 155 LEU A C   1 
ATOM   1070 O O   . LEU A 1 138 ? -17.160 -1.428  6.272   1.00 35.57 ? 155 LEU A O   1 
ATOM   1071 C CB  . LEU A 1 138 ? -14.588 0.251   6.759   1.00 32.74 ? 155 LEU A CB  1 
ATOM   1072 C CG  . LEU A 1 138 ? -13.236 0.960   6.736   1.00 26.96 ? 155 LEU A CG  1 
ATOM   1073 C CD1 . LEU A 1 138 ? -13.015 1.729   8.040   1.00 25.92 ? 155 LEU A CD1 1 
ATOM   1074 C CD2 . LEU A 1 138 ? -12.119 -0.043  6.515   1.00 27.40 ? 155 LEU A CD2 1 
ATOM   1075 N N   . GLY A 1 139 ? -15.442 -2.885  6.172   1.00 34.85 ? 156 GLY A N   1 
ATOM   1076 C CA  . GLY A 1 139 ? -16.173 -3.985  6.781   1.00 37.11 ? 156 GLY A CA  1 
ATOM   1077 C C   . GLY A 1 139 ? -17.090 -4.773  5.862   1.00 43.51 ? 156 GLY A C   1 
ATOM   1078 O O   . GLY A 1 139 ? -17.578 -5.847  6.222   1.00 45.76 ? 156 GLY A O   1 
ATOM   1079 N N   . LYS A 1 140 ? -17.325 -4.248  4.668   1.00 41.79 ? 157 LYS A N   1 
ATOM   1080 C CA  . LYS A 1 140 ? -18.283 -4.856  3.756   1.00 39.42 ? 157 LYS A CA  1 
ATOM   1081 C C   . LYS A 1 140 ? -17.714 -6.056  3.000   1.00 33.90 ? 157 LYS A C   1 
ATOM   1082 O O   . LYS A 1 140 ? -17.323 -7.070  3.587   1.00 33.03 ? 157 LYS A O   1 
ATOM   1083 C CB  . LYS A 1 140 ? -18.785 -3.809  2.755   1.00 38.28 ? 157 LYS A CB  1 
ATOM   1084 N N   . SER A 1 141 ? -17.685 -5.912  1.682   1.00 35.37 ? 158 SER A N   1 
ATOM   1085 C CA  . SER A 1 141 ? -17.206 -6.936  0.775   1.00 34.63 ? 158 SER A CA  1 
ATOM   1086 C C   . SER A 1 141 ? -15.700 -6.845  0.563   1.00 34.59 ? 158 SER A C   1 
ATOM   1087 O O   . SER A 1 141 ? -15.165 -7.432  -0.380  1.00 37.16 ? 158 SER A O   1 
ATOM   1088 C CB  . SER A 1 141 ? -17.914 -6.764  -0.572  1.00 38.22 ? 158 SER A CB  1 
ATOM   1089 O OG  . SER A 1 141 ? -17.213 -7.414  -1.617  1.00 52.23 ? 158 SER A OG  1 
ATOM   1090 N N   . TYR A 1 142 ? -15.010 -6.110  1.430   1.00 26.55 ? 159 TYR A N   1 
ATOM   1091 C CA  . TYR A 1 142 ? -13.600 -5.823  1.194   1.00 25.07 ? 159 TYR A CA  1 
ATOM   1092 C C   . TYR A 1 142 ? -12.709 -6.094  2.394   1.00 20.68 ? 159 TYR A C   1 
ATOM   1093 O O   . TYR A 1 142 ? -13.057 -5.780  3.532   1.00 21.86 ? 159 TYR A O   1 
ATOM   1094 C CB  . TYR A 1 142 ? -13.427 -4.373  0.773   1.00 25.31 ? 159 TYR A CB  1 
ATOM   1095 C CG  . TYR A 1 142 ? -13.997 -4.048  -0.586  1.00 28.59 ? 159 TYR A CG  1 
ATOM   1096 C CD1 . TYR A 1 142 ? -13.416 -4.562  -1.735  1.00 26.78 ? 159 TYR A CD1 1 
ATOM   1097 C CD2 . TYR A 1 142 ? -15.092 -3.202  -0.721  1.00 28.82 ? 159 TYR A CD2 1 
ATOM   1098 C CE1 . TYR A 1 142 ? -13.914 -4.262  -2.974  1.00 29.80 ? 159 TYR A CE1 1 
ATOM   1099 C CE2 . TYR A 1 142 ? -15.599 -2.891  -1.963  1.00 28.65 ? 159 TYR A CE2 1 
ATOM   1100 C CZ  . TYR A 1 142 ? -15.003 -3.425  -3.089  1.00 36.46 ? 159 TYR A CZ  1 
ATOM   1101 O OH  . TYR A 1 142 ? -15.488 -3.132  -4.345  1.00 44.65 ? 159 TYR A OH  1 
ATOM   1102 N N   . ASN A 1 143 ? -11.551 -6.681  2.123   1.00 16.07 ? 160 ASN A N   1 
ATOM   1103 C CA  . ASN A 1 143 ? -10.554 -6.916  3.147   1.00 14.73 ? 160 ASN A CA  1 
ATOM   1104 C C   . ASN A 1 143 ? -9.622  -5.706  3.211   1.00 11.56 ? 160 ASN A C   1 
ATOM   1105 O O   . ASN A 1 143 ? -9.016  -5.344  2.214   1.00 12.10 ? 160 ASN A O   1 
ATOM   1106 C CB  . ASN A 1 143 ? -9.764  -8.180  2.823   1.00 14.30 ? 160 ASN A CB  1 
ATOM   1107 C CG  . ASN A 1 143 ? -10.663 -9.399  2.660   1.00 18.97 ? 160 ASN A CG  1 
ATOM   1108 O OD1 . ASN A 1 143 ? -11.439 -9.738  3.554   1.00 23.91 ? 160 ASN A OD1 1 
ATOM   1109 N ND2 . ASN A 1 143 ? -10.573 -10.046 1.515   1.00 15.56 ? 160 ASN A ND2 1 
ATOM   1110 N N   . THR A 1 144 ? -9.518  -5.087  4.380   1.00 10.50 ? 161 THR A N   1 
ATOM   1111 C CA  . THR A 1 144 ? -8.659  -3.925  4.540   1.00 10.38 ? 161 THR A CA  1 
ATOM   1112 C C   . THR A 1 144 ? -7.573  -4.150  5.597   1.00 9.97  ? 161 THR A C   1 
ATOM   1113 O O   . THR A 1 144 ? -6.671  -3.336  5.737   1.00 9.94  ? 161 THR A O   1 
ATOM   1114 C CB  . THR A 1 144 ? -9.472  -2.660  4.905   1.00 11.58 ? 161 THR A CB  1 
ATOM   1115 O OG1 . THR A 1 144 ? -10.333 -2.948  6.013   1.00 14.23 ? 161 THR A OG1 1 
ATOM   1116 C CG2 . THR A 1 144 ? -10.312 -2.209  3.733   1.00 14.00 ? 161 THR A CG2 1 
ATOM   1117 N N   . ALA A 1 145 ? -7.670  -5.236  6.353   1.00 10.16 ? 162 ALA A N   1 
ATOM   1118 C CA  . ALA A 1 145 ? -6.650  -5.549  7.347   1.00 8.69  ? 162 ALA A CA  1 
ATOM   1119 C C   . ALA A 1 145 ? -5.592  -6.458  6.741   1.00 10.27 ? 162 ALA A C   1 
ATOM   1120 O O   . ALA A 1 145 ? -5.887  -7.592  6.374   1.00 14.66 ? 162 ALA A O   1 
ATOM   1121 C CB  . ALA A 1 145 ? -7.272  -6.198  8.555   1.00 10.01 ? 162 ALA A CB  1 
ATOM   1122 N N   . PHE A 1 146 ? -4.365  -5.956  6.631   1.00 9.40  ? 163 PHE A N   1 
ATOM   1123 C CA  . PHE A 1 146 ? -3.287  -6.694  5.973   1.00 8.22  ? 163 PHE A CA  1 
ATOM   1124 C C   . PHE A 1 146 ? -2.199  -7.093  6.960   1.00 9.03  ? 163 PHE A C   1 
ATOM   1125 O O   . PHE A 1 146 ? -1.915  -6.366  7.905   1.00 5.86  ? 163 PHE A O   1 
ATOM   1126 C CB  . PHE A 1 146 ? -2.660  -5.856  4.844   1.00 6.69  ? 163 PHE A CB  1 
ATOM   1127 C CG  . PHE A 1 146 ? -3.615  -5.537  3.732   1.00 8.41  ? 163 PHE A CG  1 
ATOM   1128 C CD1 . PHE A 1 146 ? -4.002  -6.522  2.838   1.00 9.09  ? 163 PHE A CD1 1 
ATOM   1129 C CD2 . PHE A 1 146 ? -4.138  -4.259  3.584   1.00 9.04  ? 163 PHE A CD2 1 
ATOM   1130 C CE1 . PHE A 1 146 ? -4.904  -6.238  1.813   1.00 12.41 ? 163 PHE A CE1 1 
ATOM   1131 C CE2 . PHE A 1 146 ? -5.031  -3.969  2.552   1.00 7.87  ? 163 PHE A CE2 1 
ATOM   1132 C CZ  . PHE A 1 146 ? -5.420  -4.958  1.681   1.00 9.79  ? 163 PHE A CZ  1 
ATOM   1133 N N   . GLU A 1 147 ? -1.605  -8.258  6.727   1.00 7.63  ? 164 GLU A N   1 
ATOM   1134 C CA  . GLU A 1 147 ? -0.382  -8.655  7.406   1.00 9.60  ? 164 GLU A CA  1 
ATOM   1135 C C   . GLU A 1 147 ? 0.773   -8.158  6.536   1.00 8.94  ? 164 GLU A C   1 
ATOM   1136 O O   . GLU A 1 147 ? 0.927   -8.575  5.387   1.00 6.99  ? 164 GLU A O   1 
ATOM   1137 C CB  . GLU A 1 147 ? -0.352  -10.186 7.601   1.00 9.54  ? 164 GLU A CB  1 
ATOM   1138 C CG  . GLU A 1 147 ? -1.658  -10.701 8.214   1.00 11.93 ? 164 GLU A CG  1 
ATOM   1139 C CD  . GLU A 1 147 ? -1.725  -12.213 8.459   1.00 18.66 ? 164 GLU A CD  1 
ATOM   1140 O OE1 . GLU A 1 147 ? -1.023  -13.004 7.787   1.00 16.07 ? 164 GLU A OE1 1 
ATOM   1141 O OE2 . GLU A 1 147 ? -2.517  -12.607 9.339   1.00 20.46 ? 164 GLU A OE2 1 
ATOM   1142 N N   . LEU A 1 148 ? 1.555   -7.227  7.073   1.00 8.60  ? 165 LEU A N   1 
ATOM   1143 C CA  . LEU A 1 148 ? 2.699   -6.681  6.357   1.00 9.22  ? 165 LEU A CA  1 
ATOM   1144 C C   . LEU A 1 148 ? 3.924   -7.458  6.790   1.00 10.51 ? 165 LEU A C   1 
ATOM   1145 O O   . LEU A 1 148 ? 4.470   -7.233  7.876   1.00 9.98  ? 165 LEU A O   1 
ATOM   1146 C CB  . LEU A 1 148 ? 2.884   -5.188  6.662   1.00 11.89 ? 165 LEU A CB  1 
ATOM   1147 C CG  . LEU A 1 148 ? 2.140   -4.188  5.770   1.00 11.61 ? 165 LEU A CG  1 
ATOM   1148 C CD1 . LEU A 1 148 ? 0.657   -4.527  5.738   1.00 9.70  ? 165 LEU A CD1 1 
ATOM   1149 C CD2 . LEU A 1 148 ? 2.358   -2.762  6.266   1.00 13.12 ? 165 LEU A CD2 1 
ATOM   1150 N N   . ASN A 1 149 ? 4.347   -8.390  5.951   1.00 8.41  ? 166 ASN A N   1 
ATOM   1151 C CA  . ASN A 1 149 ? 5.448   -9.266  6.310   1.00 7.52  ? 166 ASN A CA  1 
ATOM   1152 C C   . ASN A 1 149 ? 6.793   -8.608  6.012   1.00 8.82  ? 166 ASN A C   1 
ATOM   1153 O O   . ASN A 1 149 ? 7.518   -9.016  5.106   1.00 9.83  ? 166 ASN A O   1 
ATOM   1154 C CB  . ASN A 1 149 ? 5.293   -10.609 5.600   1.00 10.51 ? 166 ASN A CB  1 
ATOM   1155 C CG  . ASN A 1 149 ? 3.931   -11.242 5.864   1.00 13.25 ? 166 ASN A CG  1 
ATOM   1156 O OD1 . ASN A 1 149 ? 3.482   -11.320 7.018   1.00 10.60 ? 166 ASN A OD1 1 
ATOM   1157 N ND2 . ASN A 1 149 ? 3.247   -11.654 4.798   1.00 12.97 ? 166 ASN A ND2 1 
ATOM   1158 N N   . ILE A 1 150 ? 7.099   -7.559  6.769   1.00 10.06 ? 167 ILE A N   1 
ATOM   1159 C CA  . ILE A 1 150 ? 8.330   -6.803  6.583   1.00 11.11 ? 167 ILE A CA  1 
ATOM   1160 C C   . ILE A 1 150 ? 8.962   -6.608  7.952   1.00 17.59 ? 167 ILE A C   1 
ATOM   1161 O O   . ILE A 1 150 ? 8.272   -6.633  8.961   1.00 19.25 ? 167 ILE A O   1 
ATOM   1162 C CB  . ILE A 1 150 ? 8.049   -5.417  5.947   1.00 14.13 ? 167 ILE A CB  1 
ATOM   1163 C CG1 . ILE A 1 150 ? 7.127   -4.593  6.856   1.00 17.88 ? 167 ILE A CG1 1 
ATOM   1164 C CG2 . ILE A 1 150 ? 7.446   -5.563  4.533   1.00 11.28 ? 167 ILE A CG2 1 
ATOM   1165 C CD1 . ILE A 1 150 ? 6.566   -3.333  6.219   1.00 21.60 ? 167 ILE A CD1 1 
ATOM   1166 N N   . ASN A 1 151 ? 10.268  -6.391  7.989   1.00 20.91 ? 168 ASN A N   1 
ATOM   1167 C CA  . ASN A 1 151 ? 10.968  -6.283  9.263   1.00 25.58 ? 168 ASN A CA  1 
ATOM   1168 C C   . ASN A 1 151 ? 11.021  -4.863  9.815   1.00 33.07 ? 168 ASN A C   1 
ATOM   1169 O O   . ASN A 1 151 ? 12.041  -4.192  9.691   1.00 40.20 ? 168 ASN A O   1 
ATOM   1170 C CB  . ASN A 1 151 ? 12.388  -6.824  9.115   1.00 30.71 ? 168 ASN A CB  1 
ATOM   1171 C CG  . ASN A 1 151 ? 12.792  -7.704  10.270  1.00 36.25 ? 168 ASN A CG  1 
ATOM   1172 O OD1 . ASN A 1 151 ? 12.547  -7.375  11.433  1.00 43.46 ? 168 ASN A OD1 1 
ATOM   1173 N ND2 . ASN A 1 151 ? 13.405  -8.837  9.959   1.00 35.97 ? 168 ASN A ND2 1 
ATOM   1174 N N   . ASP A 1 152 ? 9.931   -4.413  10.432  1.00 35.32 ? 169 ASP A N   1 
ATOM   1175 C CA  . ASP A 1 152 ? 9.863   -3.064  11.000  1.00 36.71 ? 169 ASP A CA  1 
ATOM   1176 C C   . ASP A 1 152 ? 10.941  -2.818  12.052  1.00 52.91 ? 169 ASP A C   1 
ATOM   1177 O O   . ASP A 1 152 ? 10.660  -2.291  13.133  1.00 56.03 ? 169 ASP A O   1 
ATOM   1178 C CB  . ASP A 1 152 ? 8.495   -2.810  11.632  1.00 42.98 ? 169 ASP A CB  1 
ATOM   1179 C CG  . ASP A 1 152 ? 7.372   -2.862  10.625  1.00 34.04 ? 169 ASP A CG  1 
ATOM   1180 O OD1 . ASP A 1 152 ? 7.559   -2.366  9.494   1.00 39.44 ? 169 ASP A OD1 1 
ATOM   1181 O OD2 . ASP A 1 152 ? 6.301   -3.401  10.969  1.00 39.24 ? 169 ASP A OD2 1 
HETATM 1182 O O   . HOH B 2 .   ? -6.269  -0.987  4.338   1.00 5.89  ? 201 HOH A O   1 
HETATM 1183 O O   . HOH B 2 .   ? -1.283  9.981   11.761  1.00 11.33 ? 202 HOH A O   1 
HETATM 1184 O O   . HOH B 2 .   ? -5.626  5.455   9.072   1.00 7.41  ? 203 HOH A O   1 
HETATM 1185 O O   . HOH B 2 .   ? 8.532   -11.225 4.269   1.00 11.27 ? 204 HOH A O   1 
HETATM 1186 O O   . HOH B 2 .   ? -4.849  3.102   7.902   1.00 5.82  ? 205 HOH A O   1 
HETATM 1187 O O   . HOH B 2 .   ? 3.392   -9.700  -1.646  1.00 8.82  ? 206 HOH A O   1 
HETATM 1188 O O   . HOH B 2 .   ? -2.553  8.970   -0.910  1.00 10.28 ? 207 HOH A O   1 
HETATM 1189 O O   . HOH B 2 .   ? -9.638  8.951   -10.659 1.00 19.96 ? 208 HOH A O   1 
HETATM 1190 O O   . HOH B 2 .   ? -7.859  -9.063  5.401   1.00 12.10 ? 209 HOH A O   1 
HETATM 1191 O O   . HOH B 2 .   ? -5.830  -3.844  10.767  1.00 14.22 ? 210 HOH A O   1 
HETATM 1192 O O   . HOH B 2 .   ? 1.744   11.992  10.396  1.00 11.76 ? 211 HOH A O   1 
HETATM 1193 O O   . HOH B 2 .   ? 3.827   5.076   -2.448  1.00 10.13 ? 212 HOH A O   1 
HETATM 1194 O O   . HOH B 2 .   ? -10.352 -6.563  6.651   1.00 12.75 ? 213 HOH A O   1 
HETATM 1195 O O   . HOH B 2 .   ? 10.146  11.589  3.294   1.00 14.82 ? 214 HOH A O   1 
HETATM 1196 O O   . HOH B 2 .   ? -0.885  7.896   14.547  1.00 15.95 ? 215 HOH A O   1 
HETATM 1197 O O   . HOH B 2 .   ? -0.343  2.594   14.090  1.00 18.43 ? 216 HOH A O   1 
HETATM 1198 O O   . HOH B 2 .   ? -6.237  10.552  5.311   1.00 11.66 ? 217 HOH A O   1 
HETATM 1199 O O   . HOH B 2 .   ? -8.836  1.603   -7.041  1.00 14.34 ? 218 HOH A O   1 
HETATM 1200 O O   . HOH B 2 .   ? 1.468   -7.168  10.028  1.00 12.92 ? 219 HOH A O   1 
HETATM 1201 O O   . HOH B 2 .   ? -4.352  13.462  5.351   1.00 13.90 ? 220 HOH A O   1 
HETATM 1202 O O   . HOH B 2 .   ? 1.104   -4.512  10.878  1.00 13.06 ? 221 HOH A O   1 
HETATM 1203 O O   . HOH B 2 .   ? 8.215   18.136  -2.761  1.00 19.22 ? 222 HOH A O   1 
HETATM 1204 O O   . HOH B 2 .   ? 1.474   16.524  -2.058  1.00 18.27 ? 223 HOH A O   1 
HETATM 1205 O O   . HOH B 2 .   ? 4.347   -11.222 -8.440  1.00 21.63 ? 224 HOH A O   1 
HETATM 1206 O O   . HOH B 2 .   ? -5.471  -1.517  12.156  1.00 14.31 ? 225 HOH A O   1 
HETATM 1207 O O   . HOH B 2 .   ? 3.168   -9.607  9.521   1.00 16.59 ? 226 HOH A O   1 
HETATM 1208 O O   . HOH B 2 .   ? -15.340 8.953   -12.362 1.00 25.23 ? 227 HOH A O   1 
HETATM 1209 O O   . HOH B 2 .   ? -7.276  8.504   16.202  1.00 22.33 ? 228 HOH A O   1 
HETATM 1210 O O   . HOH B 2 .   ? -3.648  -12.698 12.279  1.00 19.66 ? 229 HOH A O   1 
HETATM 1211 O O   . HOH B 2 .   ? 14.305  3.970   -5.252  1.00 19.64 ? 230 HOH A O   1 
HETATM 1212 O O   . HOH B 2 .   ? -8.461  -9.043  -4.236  1.00 21.78 ? 231 HOH A O   1 
HETATM 1213 O O   . HOH B 2 .   ? 2.233   10.449  12.382  1.00 20.19 ? 232 HOH A O   1 
HETATM 1214 O O   . HOH B 2 .   ? -10.407 -9.498  6.593   1.00 23.18 ? 233 HOH A O   1 
HETATM 1215 O O   . HOH B 2 .   ? -14.239 4.818   4.723   1.00 19.66 ? 234 HOH A O   1 
HETATM 1216 O O   . HOH B 2 .   ? -12.281 11.844  1.693   1.00 21.38 ? 235 HOH A O   1 
HETATM 1217 O O   . HOH B 2 .   ? 16.681  15.169  -0.955  1.00 28.47 ? 236 HOH A O   1 
HETATM 1218 O O   . HOH B 2 .   ? 8.448   -8.534  -7.049  1.00 19.81 ? 237 HOH A O   1 
HETATM 1219 O O   . HOH B 2 .   ? -4.399  -9.492  15.519  1.00 23.07 ? 238 HOH A O   1 
HETATM 1220 O O   . HOH B 2 .   ? 8.889   13.179  1.137   1.00 20.84 ? 239 HOH A O   1 
HETATM 1221 O O   . HOH B 2 .   ? -7.800  1.683   10.794  1.00 15.27 ? 240 HOH A O   1 
HETATM 1222 O O   . HOH B 2 .   ? 16.611  9.914   -1.330  1.00 24.26 ? 241 HOH A O   1 
HETATM 1223 O O   . HOH B 2 .   ? -4.481  -9.288  -0.065  1.00 15.75 ? 242 HOH A O   1 
HETATM 1224 O O   . HOH B 2 .   ? -9.457  14.429  -0.633  1.00 21.55 ? 243 HOH A O   1 
HETATM 1225 O O   . HOH B 2 .   ? 11.742  -6.715  6.099   1.00 21.80 ? 244 HOH A O   1 
HETATM 1226 O O   . HOH B 2 .   ? 4.141   5.257   -14.685 1.00 24.97 ? 245 HOH A O   1 
HETATM 1227 O O   . HOH B 2 .   ? -5.316  -10.708 13.327  1.00 19.82 ? 246 HOH A O   1 
HETATM 1228 O O   . HOH B 2 .   ? 1.043   -15.400 5.679   1.00 23.50 ? 247 HOH A O   1 
HETATM 1229 O O   . HOH B 2 .   ? 9.437   0.551   -4.859  1.00 24.58 ? 248 HOH A O   1 
HETATM 1230 O O   . HOH B 2 .   ? -10.461 -2.642  8.810   1.00 26.08 ? 249 HOH A O   1 
HETATM 1231 O O   . HOH B 2 .   ? 0.507   10.239  14.729  1.00 20.36 ? 250 HOH A O   1 
HETATM 1232 O O   . HOH B 2 .   ? 0.986   -5.199  13.397  1.00 20.99 ? 251 HOH A O   1 
HETATM 1233 O O   . HOH B 2 .   ? 14.355  -5.165  4.039   1.00 23.76 ? 252 HOH A O   1 
HETATM 1234 O O   . HOH B 2 .   ? 13.572  14.958  2.314   1.00 30.06 ? 253 HOH A O   1 
HETATM 1235 O O   . HOH B 2 .   ? 9.870   9.847   9.893   1.00 26.27 ? 254 HOH A O   1 
HETATM 1236 O O   . HOH B 2 .   ? -12.901 -3.954  5.411   1.00 25.48 ? 255 HOH A O   1 
HETATM 1237 O O   . HOH B 2 .   ? -11.682 -15.538 -3.122  1.00 36.24 ? 256 HOH A O   1 
HETATM 1238 O O   . HOH B 2 .   ? -6.873  12.575  7.031   1.00 27.68 ? 257 HOH A O   1 
HETATM 1239 O O   . HOH B 2 .   ? 10.569  2.532   -6.328  1.00 27.36 ? 258 HOH A O   1 
HETATM 1240 O O   . HOH B 2 .   ? 5.092   -5.478  10.358  1.00 23.39 ? 259 HOH A O   1 
HETATM 1241 O O   . HOH B 2 .   ? -13.333 3.988   -7.745  1.00 30.30 ? 260 HOH A O   1 
HETATM 1242 O O   . HOH B 2 .   ? 1.755   6.615   15.101  1.00 30.97 ? 261 HOH A O   1 
HETATM 1243 O O   . HOH B 2 .   ? -1.762  1.311   -12.515 1.00 26.33 ? 262 HOH A O   1 
HETATM 1244 O O   . HOH B 2 .   ? -11.353 2.825   -6.342  1.00 29.00 ? 263 HOH A O   1 
HETATM 1245 O O   . HOH B 2 .   ? -4.723  15.707  -0.909  1.00 25.32 ? 264 HOH A O   1 
HETATM 1246 O O   . HOH B 2 .   ? -8.157  7.241   -12.162 1.00 29.50 ? 265 HOH A O   1 
HETATM 1247 O O   . HOH B 2 .   ? -2.619  15.692  5.498   1.00 27.19 ? 266 HOH A O   1 
HETATM 1248 O O   . HOH B 2 .   ? 13.112  1.838   -7.066  1.00 32.03 ? 267 HOH A O   1 
HETATM 1249 O O   . HOH B 2 .   ? 12.646  19.650  3.742   1.00 30.93 ? 268 HOH A O   1 
HETATM 1250 O O   . HOH B 2 .   ? 12.409  -0.045  -3.888  1.00 30.96 ? 269 HOH A O   1 
HETATM 1251 O O   . HOH B 2 .   ? -1.927  18.329  12.898  1.00 32.62 ? 270 HOH A O   1 
HETATM 1252 O O   . HOH B 2 .   ? 17.070  11.339  1.352   1.00 33.84 ? 271 HOH A O   1 
HETATM 1253 O O   . HOH B 2 .   ? -8.786  -3.375  10.675  1.00 25.97 ? 272 HOH A O   1 
HETATM 1254 O O   . HOH B 2 .   ? -10.603 14.710  -11.342 1.00 32.48 ? 273 HOH A O   1 
HETATM 1255 O O   . HOH B 2 .   ? 5.913   17.145  -2.139  1.00 26.33 ? 274 HOH A O   1 
HETATM 1256 O O   . HOH B 2 .   ? 17.575  1.510   -2.177  1.00 37.09 ? 275 HOH A O   1 
HETATM 1257 O O   . HOH B 2 .   ? 6.211   -10.713 -10.655 1.00 33.63 ? 276 HOH A O   1 
HETATM 1258 O O   . HOH B 2 .   ? 12.282  -1.723  -12.764 1.00 32.47 ? 277 HOH A O   1 
HETATM 1259 O O   . HOH B 2 .   ? 18.642  3.110   -0.415  1.00 32.23 ? 278 HOH A O   1 
HETATM 1260 O O   . HOH B 2 .   ? 13.512  -3.039  -8.494  1.00 29.32 ? 279 HOH A O   1 
HETATM 1261 O O   . HOH B 2 .   ? 14.633  1.536   -3.331  1.00 30.79 ? 280 HOH A O   1 
HETATM 1262 O O   . HOH B 2 .   ? -11.477 12.260  -1.039  1.00 27.24 ? 281 HOH A O   1 
HETATM 1263 O O   . HOH B 2 .   ? -0.443  18.678  10.889  1.00 32.92 ? 282 HOH A O   1 
HETATM 1264 O O   . HOH B 2 .   ? -21.193 -1.086  -1.895  1.00 30.99 ? 283 HOH A O   1 
HETATM 1265 O O   . HOH B 2 .   ? -15.687 8.186   5.970   1.00 33.56 ? 284 HOH A O   1 
HETATM 1266 O O   . HOH B 2 .   ? -6.796  16.130  0.748   1.00 36.76 ? 285 HOH A O   1 
HETATM 1267 O O   . HOH B 2 .   ? -11.031 -6.034  -5.477  1.00 26.94 ? 286 HOH A O   1 
HETATM 1268 O O   . HOH B 2 .   ? -14.502 -9.635  -0.815  1.00 33.00 ? 287 HOH A O   1 
HETATM 1269 O O   . HOH B 2 .   ? 12.743  -9.268  0.368   1.00 29.49 ? 288 HOH A O   1 
HETATM 1270 O O   . HOH B 2 .   ? 4.191   8.683   12.743  1.00 28.13 ? 289 HOH A O   1 
HETATM 1271 O O   . HOH B 2 .   ? 6.251   8.646   11.533  1.00 27.23 ? 290 HOH A O   1 
HETATM 1272 O O   . HOH B 2 .   ? 11.447  3.192   -11.283 1.00 35.50 ? 291 HOH A O   1 
HETATM 1273 O O   . HOH B 2 .   ? -10.254 -0.042  10.188  1.00 32.82 ? 292 HOH A O   1 
HETATM 1274 O O   . HOH B 2 .   ? 16.004  -3.641  3.682   1.00 34.00 ? 293 HOH A O   1 
HETATM 1275 O O   . HOH B 2 .   ? -13.930 11.483  -1.125  1.00 32.90 ? 294 HOH A O   1 
HETATM 1276 O O   . HOH B 2 .   ? -15.501 10.055  -0.071  1.00 36.76 ? 295 HOH A O   1 
HETATM 1277 O O   . HOH B 2 .   ? -12.093 14.474  2.665   1.00 28.37 ? 296 HOH A O   1 
HETATM 1278 O O   . HOH B 2 .   ? -16.157 7.649   3.528   1.00 33.63 ? 297 HOH A O   1 
HETATM 1279 O O   . HOH B 2 .   ? -12.176 -0.192  12.137  1.00 31.22 ? 298 HOH A O   1 
HETATM 1280 O O   . HOH B 2 .   ? -5.552  15.677  3.089   1.00 33.43 ? 299 HOH A O   1 
HETATM 1281 O O   . HOH B 2 .   ? 2.864   -17.835 -2.518  1.00 34.41 ? 300 HOH A O   1 
HETATM 1282 O O   . HOH B 2 .   ? 14.736  20.169  2.584   1.00 37.57 ? 301 HOH A O   1 
HETATM 1283 O O   . HOH B 2 .   ? 1.200   -10.905 11.562  1.00 24.09 ? 302 HOH A O   1 
HETATM 1284 O O   . HOH B 2 .   ? -4.039  -19.804 0.521   1.00 30.39 ? 303 HOH A O   1 
HETATM 1285 O O   . HOH B 2 .   ? -2.887  4.082   14.759  1.00 27.24 ? 304 HOH A O   1 
HETATM 1286 O O   . HOH B 2 .   ? 2.959   -6.924  14.068  1.00 33.08 ? 305 HOH A O   1 
HETATM 1287 O O   . HOH B 2 .   ? -17.663 8.269   -0.240  1.00 39.34 ? 306 HOH A O   1 
HETATM 1288 O O   . HOH B 2 .   ? 6.011   1.061   8.749   1.00 22.03 ? 307 HOH A O   1 
HETATM 1289 O O   . HOH B 2 .   ? -14.635 5.510   7.380   1.00 23.87 ? 308 HOH A O   1 
HETATM 1290 O O   . HOH B 2 .   ? -2.980  -3.125  18.860  1.00 25.17 ? 309 HOH A O   1 
HETATM 1291 O O   . HOH B 2 .   ? -6.787  15.047  6.275   1.00 32.06 ? 310 HOH A O   1 
# 
